data_7YFO
#
_entry.id   7YFO
#
_cell.length_a   1.00
_cell.length_b   1.00
_cell.length_c   1.00
_cell.angle_alpha   90.00
_cell.angle_beta   90.00
_cell.angle_gamma   90.00
#
_symmetry.space_group_name_H-M   'P 1'
#
loop_
_entity.id
_entity.type
_entity.pdbx_description
1 polymer 'Glutamate receptor ionotropic, NMDA 1'
2 polymer 'Glutamate receptor ionotropic, NMDA 2D'
#
loop_
_entity_poly.entity_id
_entity_poly.type
_entity_poly.pdbx_seq_one_letter_code
_entity_poly.pdbx_strand_id
1 'polypeptide(L)'
;MSTMRLLTLALLFSCSVARAACDPKIVNIGAVLSTRKHEQMFREAVNQANKRHGSWKIQLNATSVTHKPNAIQMALSVCE
DLISSQVYAILVSHPPTPNDHFTPTPVSYTAGFYRIPVLGLTTRMSIYSDKSIHLSFLRTVPPYSHQSSVWFEMMRVYSW
NHIILLVSDDHEGRAAQKRLETLLEERESKAEKVLQFDPGTKNVTALLMEAKELEARVIILSASEDDAATVYRAAAMLNM
TGSGYVWLVGEREISGNALRYAPDGILGLQLINGKNESAHISDAVGVVAQAVHELLEKENITDPPRGCVGNTNIWKTGPL
FKRVLMSSKYADGVTGRVEFNEDGDRKFANYSIMNLQNRKLVQVGIYNGTHVIPNDRKIIWPGGETEKPRGYQMSTRLKI
VTIHQEPFVYVKPTLSDGTCKEEFTVNGDPVKKVICTGPNDTSPGSPRHTVPQCCYGFCIDLLIKLARTMNFTYEVHLVA
DGKFGTQERVNNSNKKEWNGMMGELLSGQADMIVAPLTINNERAQYIEFSKPFKYQGLTILVKKEIPRSTLDSFMQPFQS
TLWLLVGLSVHVVAVMLYLLDRFSPFGRFKVNSEEEEEDALTLSSAMWFSWGVLLNSGIGEGAPRSFSARILGMVWAGFA
MIIVASYTANLAAFLVLDRPEERITGINDPRLRNPSDKFIYATVKQSSVDIYFRRQVCLSTMYRHMEKHNYESAAEAIQA
VRDNKLHAFIWDSAVLEFEASQKCDLVTTGELFFRSGFGIGMRKDSPWKQNVSLSILKSHENGFMEDLDKTWVRYQECDS
RSNAPATLTFENMAGVFMLVAGGIVAGIFLIFIEIAYKRHKDARRKQ
;
A,C
2 'polypeptide(L)'
;MRGAGGPRGPRGPAKMLLLLALACASPFPEEAPGPGGAGGPGGGLGGARPLNVALVFSGPAYAAEAARLGPAVAAAVRSP
GLDVRPVALVLNGSDPRSLVLQLCDLLSGLRVHGVVFEDDSRAPAVAPILDFLSAQTSLPIVAVHGGAALVLTPKEKGST
FLQLGSSTEQQLQVIFEVLEEYDWTSFVAVTTRAPGHRAFLSYIEVLTDGSLVGWEHRGALTLDPGAGEAVLSAQLRSVS
AQIRLLFCAREEAEPVFRAAEEAGLTGSGYVWFMVGPQLAGGGGSGAPGEPPLLPGGAPLPAGLFAVRSAGWRDDLARRV
AAGVAVVARGAQALLRDYGFLPELGHDCRAQNRTHRGESLHRYFMNITWDNRDYSFNEDGFLVNPSLVVISLTRDRTWEV
VGSWEQQTLRLKYPLWSRYGRFLQPVDDTQHLTVATLEERPFVIVEPADPISGTCIRDSVPCRSQLNRTHSPPPDAPRPE
KRCCKGFCIDILKRLAHTIGFSYDLYLVTNGKHGKKIDGVWNGMIGEVFYQRADMAIGSLTINEERSEIVDFSVPFVETG
ISVMVARSNGTVSPSAFLEPYSPAVWVMMFVMCLTVVAVTVFIFEYLSPVGYNRSLATGKRPGGSTFTIGKSIWLLWALV
FNNSVPVENPRGTTSKIMVLVWAFFAVIFLASYTANLAAFMIQEEYVDTVSGLSDRKFQRPQEQYPPLKFGTVPNGSTEK
NIRSNYPDMHSYMVRYNQPRVEEALTQLKAGKLDAFIYDAAVLNYMARKDEGCKLVTIGSGKVFATTGYGIALHKGSRWK
RPIDLALLQFLGDDEIEMLERLWLSGICHNDKIEVMSSKLDIDNMAGVFYMLLVAMGLSLLVFAWEHLVYWRLRHCLGPA
ASAWSHPQFEK
;
B,D
#
# COMPACT_ATOMS: atom_id res chain seq x y z
N ILE A 26 57.07 14.48 -1.11
CA ILE A 26 57.55 13.52 -0.13
C ILE A 26 56.45 13.20 0.88
N VAL A 27 56.27 11.92 1.18
CA VAL A 27 55.26 11.46 2.12
C VAL A 27 55.98 10.75 3.26
N ASN A 28 55.69 11.15 4.49
CA ASN A 28 56.31 10.57 5.68
C ASN A 28 55.42 9.45 6.19
N ILE A 29 55.91 8.22 6.12
CA ILE A 29 55.17 7.05 6.58
C ILE A 29 56.04 6.27 7.56
N GLY A 30 55.39 5.45 8.37
CA GLY A 30 56.09 4.68 9.38
C GLY A 30 55.45 3.33 9.61
N ALA A 31 56.20 2.46 10.29
CA ALA A 31 55.73 1.13 10.62
C ALA A 31 56.27 0.75 12.00
N VAL A 32 55.61 -0.22 12.63
CA VAL A 32 55.99 -0.69 13.95
C VAL A 32 56.33 -2.17 13.86
N LEU A 33 57.58 -2.50 14.19
CA LEU A 33 58.04 -3.89 14.21
C LEU A 33 59.38 -3.93 14.93
N SER A 34 59.55 -4.92 15.81
CA SER A 34 60.74 -5.03 16.64
C SER A 34 61.72 -6.08 16.15
N THR A 35 61.52 -6.62 14.94
CA THR A 35 62.44 -7.64 14.43
C THR A 35 63.83 -7.07 14.15
N ARG A 36 63.91 -5.76 13.91
CA ARG A 36 65.13 -5.02 13.60
C ARG A 36 65.75 -5.43 12.27
N LYS A 37 65.15 -6.38 11.56
CA LYS A 37 65.62 -6.80 10.24
C LYS A 37 64.57 -6.62 9.15
N HIS A 38 63.29 -6.72 9.49
CA HIS A 38 62.23 -6.50 8.50
C HIS A 38 62.10 -5.04 8.11
N GLU A 39 62.73 -4.12 8.84
CA GLU A 39 62.66 -2.71 8.47
C GLU A 39 63.31 -2.46 7.12
N GLN A 40 64.47 -3.07 6.87
CA GLN A 40 65.17 -2.85 5.62
C GLN A 40 64.39 -3.42 4.44
N MET A 41 63.87 -4.64 4.57
CA MET A 41 63.08 -5.23 3.49
C MET A 41 61.79 -4.47 3.27
N PHE A 42 61.17 -3.96 4.35
CA PHE A 42 59.97 -3.14 4.20
C PHE A 42 60.28 -1.86 3.44
N ARG A 43 61.41 -1.21 3.77
CA ARG A 43 61.81 -0.01 3.05
C ARG A 43 62.07 -0.30 1.59
N GLU A 44 62.75 -1.41 1.30
CA GLU A 44 63.01 -1.78 -0.09
C GLU A 44 61.70 -2.04 -0.83
N ALA A 45 60.75 -2.73 -0.18
CA ALA A 45 59.48 -3.03 -0.81
C ALA A 45 58.69 -1.75 -1.10
N VAL A 46 58.65 -0.81 -0.15
CA VAL A 46 57.89 0.42 -0.38
C VAL A 46 58.57 1.27 -1.44
N ASN A 47 59.91 1.27 -1.48
CA ASN A 47 60.61 2.00 -2.54
C ASN A 47 60.32 1.39 -3.91
N GLN A 48 60.32 0.07 -4.00
CA GLN A 48 59.99 -0.59 -5.27
C GLN A 48 58.55 -0.29 -5.68
N ALA A 49 57.62 -0.30 -4.72
CA ALA A 49 56.23 0.02 -5.03
C ALA A 49 56.09 1.45 -5.52
N ASN A 50 56.80 2.39 -4.87
CA ASN A 50 56.76 3.78 -5.33
C ASN A 50 57.32 3.91 -6.73
N LYS A 51 58.41 3.20 -7.02
CA LYS A 51 59.01 3.25 -8.35
C LYS A 51 58.07 2.67 -9.39
N ARG A 52 57.39 1.56 -9.08
CA ARG A 52 56.56 0.85 -10.04
C ARG A 52 55.10 1.30 -9.99
N HIS A 53 54.45 1.13 -8.84
CA HIS A 53 53.05 1.50 -8.72
C HIS A 53 52.89 3.02 -8.72
N GLY A 54 51.83 3.50 -9.34
CA GLY A 54 51.56 4.92 -9.41
C GLY A 54 52.35 5.62 -10.51
N LEU A 60 59.06 10.54 -0.93
CA LEU A 60 58.37 9.59 -0.06
C LEU A 60 59.37 8.80 0.78
N ASN A 61 59.43 9.11 2.06
CA ASN A 61 60.36 8.46 2.99
C ASN A 61 59.59 7.61 3.99
N ALA A 62 60.21 6.51 4.40
CA ALA A 62 59.61 5.57 5.34
C ALA A 62 60.51 5.39 6.55
N THR A 63 59.89 5.01 7.67
CA THR A 63 60.60 4.76 8.91
C THR A 63 59.98 3.56 9.61
N SER A 64 60.71 3.02 10.59
CA SER A 64 60.27 1.86 11.34
C SER A 64 60.41 2.13 12.83
N VAL A 65 59.52 1.53 13.61
CA VAL A 65 59.51 1.68 15.06
C VAL A 65 59.56 0.30 15.69
N THR A 66 60.46 0.13 16.66
CA THR A 66 60.52 -1.12 17.40
C THR A 66 59.37 -1.20 18.40
N HIS A 67 58.91 -2.43 18.63
CA HIS A 67 57.83 -2.68 19.59
C HIS A 67 58.39 -2.49 21.00
N LYS A 68 58.04 -1.38 21.63
CA LYS A 68 58.49 -1.13 22.99
C LYS A 68 57.86 -2.14 23.95
N PRO A 69 58.60 -2.62 24.95
CA PRO A 69 58.00 -3.58 25.88
C PRO A 69 56.82 -3.02 26.66
N ASN A 70 56.99 -1.88 27.33
CA ASN A 70 55.92 -1.29 28.10
C ASN A 70 54.92 -0.59 27.18
N ALA A 71 53.63 -0.81 27.46
CA ALA A 71 52.58 -0.18 26.65
C ALA A 71 52.63 1.34 26.77
N ILE A 72 52.84 1.85 27.99
CA ILE A 72 52.98 3.29 28.17
C ILE A 72 54.22 3.81 27.46
N GLN A 73 55.32 3.05 27.52
CA GLN A 73 56.52 3.42 26.78
C GLN A 73 56.26 3.41 25.29
N MET A 74 55.50 2.43 24.80
CA MET A 74 55.16 2.39 23.38
C MET A 74 54.32 3.59 22.98
N ALA A 75 53.37 3.98 23.82
CA ALA A 75 52.56 5.15 23.53
C ALA A 75 53.40 6.42 23.51
N LEU A 76 54.32 6.55 24.47
CA LEU A 76 55.21 7.70 24.48
C LEU A 76 56.07 7.73 23.22
N SER A 77 56.59 6.59 22.81
CA SER A 77 57.43 6.53 21.61
C SER A 77 56.64 6.89 20.37
N VAL A 78 55.40 6.39 20.26
CA VAL A 78 54.60 6.69 19.07
C VAL A 78 54.20 8.15 19.05
N CYS A 79 53.92 8.74 20.22
CA CYS A 79 53.62 10.16 20.26
C CYS A 79 54.85 10.99 19.85
N GLU A 80 56.03 10.60 20.33
CA GLU A 80 57.25 11.30 19.94
C GLU A 80 57.50 11.19 18.44
N ASP A 81 57.28 10.01 17.88
CA ASP A 81 57.47 9.82 16.44
C ASP A 81 56.48 10.64 15.63
N LEU A 82 55.22 10.68 16.06
CA LEU A 82 54.23 11.50 15.36
C LEU A 82 54.56 12.98 15.46
N ILE A 83 55.07 13.41 16.61
CA ILE A 83 55.49 14.81 16.76
C ILE A 83 56.65 15.12 15.83
N SER A 84 57.64 14.22 15.77
CA SER A 84 58.80 14.45 14.92
C SER A 84 58.45 14.27 13.44
N SER A 85 57.71 13.20 13.12
CA SER A 85 57.38 12.88 11.74
C SER A 85 55.86 12.81 11.59
N GLN A 86 55.35 13.53 10.58
CA GLN A 86 53.92 13.52 10.29
C GLN A 86 53.58 12.23 9.57
N VAL A 87 53.37 11.17 10.35
CA VAL A 87 53.07 9.85 9.78
C VAL A 87 51.65 9.85 9.22
N TYR A 88 51.52 9.38 7.98
CA TYR A 88 50.22 9.29 7.34
C TYR A 88 49.49 7.99 7.69
N ALA A 89 50.22 6.89 7.81
CA ALA A 89 49.62 5.61 8.16
C ALA A 89 50.70 4.72 8.76
N ILE A 90 50.35 4.00 9.83
CA ILE A 90 51.29 3.14 10.54
C ILE A 90 50.99 1.69 10.19
N LEU A 91 52.00 0.85 10.32
CA LEU A 91 51.88 -0.58 10.10
C LEU A 91 52.30 -1.30 11.38
N VAL A 92 51.43 -2.18 11.88
CA VAL A 92 51.65 -2.86 13.15
C VAL A 92 51.39 -4.35 12.98
N SER A 93 52.24 -5.16 13.60
CA SER A 93 52.08 -6.61 13.63
C SER A 93 52.47 -7.10 15.01
N HIS A 94 51.91 -8.25 15.38
CA HIS A 94 52.25 -8.84 16.68
C HIS A 94 53.71 -9.28 16.68
N PRO A 95 54.48 -8.88 17.69
CA PRO A 95 55.88 -9.33 17.77
C PRO A 95 55.95 -10.83 18.00
N PRO A 96 57.07 -11.45 17.64
CA PRO A 96 57.19 -12.91 17.86
C PRO A 96 57.01 -13.31 19.31
N THR A 97 57.43 -12.47 20.25
CA THR A 97 57.17 -12.73 21.66
C THR A 97 55.67 -12.61 21.93
N PRO A 98 55.05 -13.62 22.54
CA PRO A 98 53.60 -13.55 22.77
C PRO A 98 53.22 -12.54 23.83
N ASN A 99 52.63 -11.43 23.41
CA ASN A 99 52.16 -10.39 24.34
C ASN A 99 50.65 -10.25 24.32
N ASP A 100 49.93 -11.21 23.75
CA ASP A 100 48.47 -11.23 23.71
C ASP A 100 47.99 -9.97 22.99
N HIS A 101 47.06 -9.19 23.55
CA HIS A 101 46.52 -8.01 22.90
C HIS A 101 47.13 -6.72 23.44
N PHE A 102 48.22 -6.80 24.20
CA PHE A 102 48.79 -5.61 24.82
C PHE A 102 49.51 -4.73 23.79
N THR A 103 50.18 -5.34 22.83
CA THR A 103 51.02 -4.57 21.90
C THR A 103 50.26 -3.55 21.06
N PRO A 104 49.15 -3.87 20.40
CA PRO A 104 48.59 -2.92 19.42
C PRO A 104 47.68 -1.85 20.02
N THR A 105 47.29 -1.96 21.28
CA THR A 105 46.35 -1.00 21.85
C THR A 105 46.89 0.44 21.90
N PRO A 106 48.13 0.70 22.34
CA PRO A 106 48.53 2.12 22.45
C PRO A 106 48.64 2.80 21.10
N VAL A 107 49.24 2.13 20.11
CA VAL A 107 49.38 2.74 18.79
C VAL A 107 48.01 2.90 18.13
N SER A 108 47.11 1.93 18.32
CA SER A 108 45.76 2.06 17.78
C SER A 108 45.04 3.25 18.39
N TYR A 109 45.15 3.42 19.71
CA TYR A 109 44.54 4.56 20.37
C TYR A 109 45.14 5.87 19.87
N THR A 110 46.46 5.91 19.69
CA THR A 110 47.10 7.12 19.19
C THR A 110 46.61 7.46 17.79
N ALA A 111 46.49 6.45 16.93
CA ALA A 111 46.00 6.68 15.58
C ALA A 111 44.55 7.14 15.58
N GLY A 112 43.72 6.54 16.44
CA GLY A 112 42.32 6.94 16.51
C GLY A 112 42.10 8.28 17.17
N PHE A 113 43.07 8.78 17.95
CA PHE A 113 42.92 10.09 18.58
C PHE A 113 42.79 11.18 17.53
N TYR A 114 43.60 11.13 16.47
CA TYR A 114 43.55 12.09 15.40
C TYR A 114 42.83 11.57 14.16
N ARG A 115 42.09 10.46 14.30
CA ARG A 115 41.35 9.86 13.18
C ARG A 115 42.26 9.54 12.01
N ILE A 116 43.42 8.96 12.32
CA ILE A 116 44.41 8.59 11.32
C ILE A 116 44.12 7.17 10.86
N PRO A 117 43.74 6.96 9.60
CA PRO A 117 43.49 5.59 9.12
C PRO A 117 44.77 4.78 8.99
N VAL A 118 44.93 3.79 9.86
CA VAL A 118 46.11 2.94 9.87
C VAL A 118 45.68 1.49 9.67
N LEU A 119 46.67 0.62 9.50
CA LEU A 119 46.42 -0.78 9.20
C LEU A 119 47.27 -1.68 10.09
N GLY A 120 46.77 -2.90 10.31
CA GLY A 120 47.49 -3.92 11.04
C GLY A 120 47.70 -5.14 10.15
N LEU A 121 48.53 -6.06 10.65
CA LEU A 121 48.87 -7.26 9.91
C LEU A 121 48.37 -8.54 10.58
N THR A 122 48.65 -8.71 11.86
CA THR A 122 48.29 -9.94 12.59
C THR A 122 47.07 -9.74 13.48
N THR A 123 46.25 -8.73 13.21
CA THR A 123 45.07 -8.45 14.03
C THR A 123 43.98 -9.45 13.68
N ARG A 124 43.96 -10.56 14.42
CA ARG A 124 42.94 -11.59 14.25
C ARG A 124 41.74 -11.40 15.14
N MET A 125 41.73 -10.36 15.97
CA MET A 125 40.63 -10.09 16.88
C MET A 125 39.61 -9.17 16.22
N SER A 126 38.34 -9.36 16.57
CA SER A 126 37.25 -8.63 15.95
C SER A 126 36.93 -7.32 16.64
N ILE A 127 37.51 -7.06 17.82
CA ILE A 127 37.26 -5.79 18.49
C ILE A 127 37.87 -4.64 17.69
N TYR A 128 39.03 -4.86 17.08
CA TYR A 128 39.61 -3.85 16.21
C TYR A 128 38.76 -3.64 14.97
N SER A 129 38.14 -4.71 14.46
CA SER A 129 37.25 -4.58 13.31
C SER A 129 36.04 -3.72 13.64
N ASP A 130 35.67 -3.64 14.92
CA ASP A 130 34.56 -2.78 15.33
C ASP A 130 34.92 -1.32 15.13
N LYS A 131 33.94 -0.53 14.70
CA LYS A 131 34.13 0.88 14.43
C LYS A 131 33.82 1.77 15.63
N SER A 132 33.63 1.18 16.81
CA SER A 132 33.29 1.97 17.99
C SER A 132 34.45 2.88 18.40
N ILE A 133 35.59 2.27 18.75
CA ILE A 133 36.76 3.01 19.18
C ILE A 133 37.92 2.85 18.22
N HIS A 134 38.09 1.65 17.65
CA HIS A 134 39.19 1.35 16.75
C HIS A 134 38.77 1.40 15.30
N LEU A 135 37.90 2.36 14.96
CA LEU A 135 37.44 2.51 13.58
C LEU A 135 38.58 2.83 12.63
N SER A 136 39.66 3.42 13.13
CA SER A 136 40.80 3.81 12.32
C SER A 136 41.77 2.65 12.05
N PHE A 137 41.36 1.41 12.30
CA PHE A 137 42.20 0.24 12.11
C PHE A 137 41.66 -0.60 10.97
N LEU A 138 42.54 -0.93 10.02
CA LEU A 138 42.20 -1.80 8.89
C LEU A 138 42.93 -3.12 9.04
N ARG A 139 42.16 -4.21 9.10
CA ARG A 139 42.73 -5.54 9.29
C ARG A 139 42.96 -6.16 7.92
N THR A 140 44.24 -6.41 7.58
CA THR A 140 44.55 -7.07 6.33
C THR A 140 44.14 -8.53 6.30
N VAL A 141 43.76 -9.09 7.45
CA VAL A 141 43.36 -10.49 7.56
C VAL A 141 42.00 -10.55 8.26
N PRO A 142 41.09 -11.41 7.82
CA PRO A 142 39.80 -11.54 8.50
C PRO A 142 39.97 -11.95 9.95
N PRO A 143 39.12 -11.45 10.85
CA PRO A 143 39.24 -11.82 12.26
C PRO A 143 38.74 -13.22 12.54
N TYR A 144 38.86 -13.66 13.79
CA TYR A 144 38.41 -15.00 14.16
C TYR A 144 36.90 -15.14 13.97
N SER A 145 36.14 -14.06 14.19
CA SER A 145 34.70 -14.14 14.05
C SER A 145 34.30 -14.52 12.62
N HIS A 146 34.97 -13.93 11.63
CA HIS A 146 34.71 -14.30 10.24
C HIS A 146 34.99 -15.77 9.99
N GLN A 147 35.90 -16.37 10.77
CA GLN A 147 36.15 -17.79 10.65
C GLN A 147 34.92 -18.62 10.93
N SER A 148 33.98 -18.10 11.72
CA SER A 148 32.73 -18.82 11.96
C SER A 148 31.89 -18.91 10.68
N SER A 149 31.99 -17.90 9.81
CA SER A 149 31.15 -17.88 8.61
C SER A 149 31.39 -19.11 7.75
N VAL A 150 32.65 -19.38 7.41
CA VAL A 150 32.97 -20.57 6.61
C VAL A 150 32.53 -21.83 7.33
N TRP A 151 32.45 -21.78 8.66
CA TRP A 151 31.97 -22.94 9.41
C TRP A 151 30.55 -23.30 8.99
N PHE A 152 29.69 -22.31 8.79
CA PHE A 152 28.36 -22.59 8.24
C PHE A 152 28.50 -23.21 6.86
N GLU A 153 29.40 -22.67 6.03
CA GLU A 153 29.72 -23.31 4.76
C GLU A 153 30.27 -24.71 5.02
N MET A 154 31.09 -24.85 6.05
CA MET A 154 31.53 -26.17 6.49
C MET A 154 30.33 -27.05 6.78
N MET A 155 29.32 -26.50 7.45
CA MET A 155 28.06 -27.21 7.64
C MET A 155 27.45 -27.58 6.29
N ARG A 156 27.41 -26.62 5.36
CA ARG A 156 26.89 -26.91 4.02
C ARG A 156 27.73 -27.97 3.32
N VAL A 157 28.97 -28.18 3.75
CA VAL A 157 29.78 -29.26 3.20
C VAL A 157 29.14 -30.61 3.52
N TYR A 158 28.67 -30.78 4.75
CA TYR A 158 28.14 -32.05 5.21
C TYR A 158 26.66 -32.03 5.55
N SER A 159 26.02 -30.86 5.54
CA SER A 159 24.58 -30.73 5.76
C SER A 159 24.16 -31.33 7.11
N TRP A 160 24.91 -30.97 8.15
CA TRP A 160 24.60 -31.38 9.52
C TRP A 160 24.03 -30.16 10.24
N ASN A 161 22.71 -29.98 10.15
CA ASN A 161 22.06 -28.85 10.79
C ASN A 161 22.07 -28.94 12.31
N HIS A 162 22.29 -30.13 12.86
CA HIS A 162 22.33 -30.33 14.31
C HIS A 162 23.67 -29.83 14.83
N ILE A 163 23.78 -28.52 14.95
CA ILE A 163 25.01 -27.86 15.38
C ILE A 163 24.78 -27.19 16.73
N ILE A 164 25.78 -27.29 17.60
CA ILE A 164 25.76 -26.64 18.90
C ILE A 164 27.00 -25.76 19.00
N LEU A 165 26.91 -24.74 19.85
CA LEU A 165 27.98 -23.76 20.02
C LEU A 165 28.54 -23.85 21.42
N LEU A 166 29.86 -23.95 21.52
CA LEU A 166 30.58 -23.93 22.80
C LEU A 166 31.67 -22.88 22.67
N VAL A 167 31.32 -21.63 22.95
CA VAL A 167 32.22 -20.49 22.79
C VAL A 167 32.36 -19.81 24.14
N SER A 168 33.58 -19.39 24.45
CA SER A 168 33.84 -18.68 25.71
C SER A 168 33.12 -17.33 25.72
N ASP A 169 32.69 -16.93 26.92
CA ASP A 169 31.98 -15.67 27.10
C ASP A 169 32.98 -14.51 27.02
N ASP A 170 33.41 -14.23 25.79
CA ASP A 170 34.37 -13.17 25.51
C ASP A 170 33.79 -12.23 24.46
N HIS A 171 34.29 -11.00 24.45
CA HIS A 171 33.81 -10.01 23.48
C HIS A 171 34.02 -10.49 22.05
N GLU A 172 35.22 -10.99 21.75
CA GLU A 172 35.45 -11.60 20.45
C GLU A 172 34.61 -12.85 20.29
N GLY A 173 34.50 -13.66 21.35
CA GLY A 173 33.65 -14.83 21.29
C GLY A 173 32.19 -14.47 21.08
N ARG A 174 31.71 -13.43 21.76
CA ARG A 174 30.34 -12.99 21.55
C ARG A 174 30.12 -12.47 20.14
N ALA A 175 31.11 -11.74 19.60
CA ALA A 175 30.99 -11.27 18.23
C ALA A 175 30.93 -12.43 17.23
N ALA A 176 31.77 -13.44 17.44
CA ALA A 176 31.72 -14.62 16.58
C ALA A 176 30.38 -15.33 16.70
N GLN A 177 29.87 -15.44 17.94
CA GLN A 177 28.59 -16.10 18.16
C GLN A 177 27.46 -15.36 17.46
N LYS A 178 27.45 -14.03 17.56
CA LYS A 178 26.39 -13.26 16.92
C LYS A 178 26.51 -13.29 15.40
N ARG A 179 27.74 -13.29 14.88
CA ARG A 179 27.91 -13.43 13.43
C ARG A 179 27.39 -14.78 12.94
N LEU A 180 27.71 -15.85 13.67
CA LEU A 180 27.20 -17.17 13.31
C LEU A 180 25.67 -17.21 13.42
N GLU A 181 25.12 -16.57 14.45
CA GLU A 181 23.66 -16.54 14.62
C GLU A 181 23.00 -15.82 13.46
N THR A 182 23.55 -14.67 13.05
CA THR A 182 23.00 -13.95 11.91
C THR A 182 23.09 -14.77 10.64
N LEU A 183 24.22 -15.46 10.43
CA LEU A 183 24.39 -16.24 9.22
C LEU A 183 23.43 -17.42 9.18
N LEU A 184 23.23 -18.09 10.32
CA LEU A 184 22.28 -19.21 10.34
C LEU A 184 20.84 -18.73 10.22
N GLU A 185 20.52 -17.56 10.78
CA GLU A 185 19.19 -16.98 10.59
C GLU A 185 18.96 -16.66 9.13
N GLU A 186 19.97 -16.16 8.43
CA GLU A 186 19.88 -16.01 6.99
C GLU A 186 19.68 -17.35 6.31
N ARG A 187 20.38 -18.39 6.77
CA ARG A 187 20.21 -19.73 6.25
C ARG A 187 18.99 -20.44 6.84
N GLU A 188 18.33 -19.83 7.83
CA GLU A 188 17.13 -20.40 8.46
C GLU A 188 17.40 -21.80 9.02
N SER A 189 18.55 -21.96 9.68
CA SER A 189 18.95 -23.23 10.29
C SER A 189 19.36 -22.94 11.74
N LYS A 190 18.38 -23.05 12.65
CA LYS A 190 18.65 -22.77 14.05
C LYS A 190 19.57 -23.84 14.65
N ALA A 191 20.55 -23.38 15.42
CA ALA A 191 21.48 -24.29 16.07
C ALA A 191 20.79 -25.00 17.24
N GLU A 192 21.42 -26.08 17.71
CA GLU A 192 20.87 -26.83 18.83
C GLU A 192 20.83 -25.97 20.10
N LYS A 193 21.96 -25.38 20.45
CA LYS A 193 22.07 -24.54 21.65
C LYS A 193 23.41 -23.81 21.58
N VAL A 194 23.68 -23.04 22.63
CA VAL A 194 24.94 -22.33 22.79
C VAL A 194 25.48 -22.57 24.18
N LEU A 195 26.79 -22.80 24.30
CA LEU A 195 27.45 -23.02 25.57
C LEU A 195 28.44 -21.89 25.81
N GLN A 196 28.31 -21.21 26.95
CA GLN A 196 29.17 -20.12 27.33
C GLN A 196 29.99 -20.51 28.55
N PHE A 197 31.31 -20.37 28.45
CA PHE A 197 32.22 -20.70 29.55
C PHE A 197 33.14 -19.52 29.78
N ASP A 198 33.20 -19.06 31.03
CA ASP A 198 34.09 -17.95 31.37
C ASP A 198 35.53 -18.41 31.29
N PRO A 199 36.42 -17.61 30.69
CA PRO A 199 37.83 -18.03 30.59
C PRO A 199 38.45 -18.21 31.96
N GLY A 200 39.33 -19.21 32.06
CA GLY A 200 40.03 -19.49 33.30
C GLY A 200 39.23 -20.27 34.32
N THR A 201 38.00 -20.65 34.01
CA THR A 201 37.16 -21.40 34.94
C THR A 201 37.32 -22.90 34.75
N LYS A 202 37.15 -23.64 35.84
CA LYS A 202 37.25 -25.08 35.83
C LYS A 202 35.88 -25.71 35.92
N ASN A 203 35.84 -27.05 35.97
CA ASN A 203 34.61 -27.82 36.02
C ASN A 203 33.67 -27.45 34.87
N VAL A 204 34.25 -27.37 33.66
CA VAL A 204 33.50 -27.03 32.47
C VAL A 204 32.68 -28.24 32.01
N THR A 205 32.84 -29.36 32.72
CA THR A 205 32.10 -30.57 32.38
C THR A 205 30.60 -30.42 32.58
N ALA A 206 30.16 -29.42 33.35
CA ALA A 206 28.73 -29.22 33.57
C ALA A 206 28.01 -28.92 32.27
N LEU A 207 28.50 -27.93 31.51
CA LEU A 207 27.90 -27.60 30.23
C LEU A 207 28.08 -28.74 29.24
N LEU A 208 29.23 -29.42 29.29
CA LEU A 208 29.46 -30.55 28.39
C LEU A 208 28.43 -31.64 28.59
N MET A 209 28.10 -31.95 29.85
CA MET A 209 27.08 -32.96 30.12
C MET A 209 25.69 -32.44 29.80
N GLU A 210 25.44 -31.15 30.07
CA GLU A 210 24.13 -30.57 29.76
C GLU A 210 23.88 -30.49 28.27
N ALA A 211 24.92 -30.53 27.45
CA ALA A 211 24.76 -30.53 25.99
C ALA A 211 24.98 -31.88 25.36
N LYS A 212 25.55 -32.85 26.10
CA LYS A 212 25.86 -34.15 25.51
C LYS A 212 24.61 -34.91 25.12
N GLU A 213 23.57 -34.84 25.94
CA GLU A 213 22.34 -35.60 25.69
C GLU A 213 21.57 -35.10 24.49
N LEU A 214 21.92 -33.94 23.93
CA LEU A 214 21.19 -33.40 22.80
C LEU A 214 21.46 -34.22 21.54
N GLU A 215 20.58 -34.05 20.56
CA GLU A 215 20.66 -34.80 19.31
C GLU A 215 21.78 -34.33 18.39
N ALA A 216 22.45 -33.24 18.72
CA ALA A 216 23.55 -32.76 17.90
C ALA A 216 24.75 -33.70 18.01
N ARG A 217 25.40 -33.95 16.86
CA ARG A 217 26.60 -34.76 16.82
C ARG A 217 27.85 -33.96 16.49
N VAL A 218 27.71 -32.76 15.96
CA VAL A 218 28.82 -31.88 15.64
C VAL A 218 28.77 -30.66 16.55
N ILE A 219 29.93 -30.29 17.10
CA ILE A 219 30.04 -29.20 18.07
C ILE A 219 30.97 -28.15 17.49
N ILE A 220 30.55 -26.89 17.57
CA ILE A 220 31.35 -25.75 17.11
C ILE A 220 31.90 -25.06 18.35
N LEU A 221 33.21 -24.91 18.42
CA LEU A 221 33.87 -24.32 19.57
C LEU A 221 34.90 -23.29 19.11
N SER A 222 35.13 -22.29 19.96
CA SER A 222 36.12 -21.26 19.68
C SER A 222 36.49 -20.60 21.02
N ALA A 223 37.73 -20.77 21.46
CA ALA A 223 38.16 -20.25 22.74
C ALA A 223 39.68 -20.08 22.71
N SER A 224 40.20 -19.50 23.79
CA SER A 224 41.64 -19.29 23.91
C SER A 224 42.37 -20.64 24.05
N GLU A 225 43.69 -20.58 23.92
CA GLU A 225 44.49 -21.80 23.93
C GLU A 225 44.33 -22.56 25.25
N ASP A 226 44.44 -21.84 26.37
CA ASP A 226 44.24 -22.49 27.67
C ASP A 226 42.81 -23.00 27.82
N ASP A 227 41.84 -22.17 27.42
CA ASP A 227 40.45 -22.60 27.47
C ASP A 227 40.21 -23.79 26.55
N ALA A 228 40.80 -23.76 25.36
CA ALA A 228 40.64 -24.89 24.44
C ALA A 228 41.22 -26.16 25.03
N ALA A 229 42.42 -26.09 25.62
CA ALA A 229 43.02 -27.28 26.21
C ALA A 229 42.16 -27.79 27.36
N THR A 230 41.65 -26.88 28.19
CA THR A 230 40.80 -27.29 29.30
C THR A 230 39.54 -27.99 28.81
N VAL A 231 38.90 -27.44 27.77
CA VAL A 231 37.65 -28.05 27.30
C VAL A 231 37.92 -29.38 26.60
N TYR A 232 39.03 -29.50 25.87
CA TYR A 232 39.36 -30.80 25.29
C TYR A 232 39.62 -31.84 26.37
N ARG A 233 40.35 -31.46 27.42
CA ARG A 233 40.59 -32.41 28.51
C ARG A 233 39.30 -32.81 29.19
N ALA A 234 38.40 -31.83 29.41
CA ALA A 234 37.12 -32.14 30.02
C ALA A 234 36.29 -33.07 29.15
N ALA A 235 36.28 -32.82 27.84
CA ALA A 235 35.53 -33.67 26.93
C ALA A 235 36.10 -35.09 26.90
N ALA A 236 37.42 -35.21 26.82
CA ALA A 236 38.04 -36.53 26.84
C ALA A 236 37.84 -37.23 28.18
N MET A 237 37.58 -36.46 29.24
CA MET A 237 37.37 -37.06 30.55
C MET A 237 36.11 -37.93 30.57
N LEU A 238 35.03 -37.46 29.95
CA LEU A 238 33.75 -38.17 29.99
C LEU A 238 33.22 -38.35 28.56
N ASN A 239 33.71 -39.39 27.89
CA ASN A 239 33.13 -39.97 26.69
C ASN A 239 32.57 -38.95 25.70
N MET A 240 33.26 -37.84 25.48
CA MET A 240 32.83 -36.82 24.53
C MET A 240 33.67 -36.82 23.26
N THR A 241 34.51 -37.83 23.05
CA THR A 241 35.31 -37.95 21.84
C THR A 241 34.99 -39.22 21.06
N GLY A 242 33.92 -39.92 21.41
CA GLY A 242 33.56 -41.16 20.75
C GLY A 242 32.85 -40.94 19.44
N SER A 243 32.25 -42.01 18.94
CA SER A 243 31.51 -41.94 17.68
C SER A 243 30.35 -40.96 17.83
N GLY A 244 30.12 -40.19 16.77
CA GLY A 244 29.14 -39.13 16.83
C GLY A 244 29.59 -37.87 17.53
N TYR A 245 30.89 -37.76 17.82
CA TYR A 245 31.46 -36.57 18.46
C TYR A 245 32.53 -35.99 17.54
N VAL A 246 32.41 -34.71 17.24
CA VAL A 246 33.39 -34.01 16.41
C VAL A 246 33.30 -32.52 16.74
N TRP A 247 34.45 -31.87 16.74
CA TRP A 247 34.54 -30.45 17.08
C TRP A 247 35.41 -29.74 16.05
N LEU A 248 34.93 -28.60 15.56
CA LEU A 248 35.71 -27.73 14.68
C LEU A 248 35.98 -26.43 15.41
N VAL A 249 37.22 -25.95 15.34
CA VAL A 249 37.65 -24.79 16.10
C VAL A 249 38.48 -23.88 15.20
N GLY A 250 38.70 -22.65 15.68
CA GLY A 250 39.45 -21.67 14.95
C GLY A 250 40.95 -21.86 15.09
N GLU A 251 41.69 -20.94 14.47
CA GLU A 251 43.14 -21.01 14.49
C GLU A 251 43.69 -20.86 15.90
N ARG A 252 43.12 -19.94 16.69
CA ARG A 252 43.64 -19.69 18.02
C ARG A 252 43.49 -20.91 18.94
N GLU A 253 42.50 -21.76 18.68
CA GLU A 253 42.32 -22.95 19.50
C GLU A 253 43.35 -24.02 19.16
N ILE A 254 43.70 -24.15 17.88
CA ILE A 254 44.67 -25.18 17.45
C ILE A 254 46.05 -24.56 17.58
N SER A 255 46.59 -24.63 18.79
CA SER A 255 47.93 -24.13 19.08
C SER A 255 48.34 -24.64 20.45
N GLY A 256 49.64 -24.56 20.73
CA GLY A 256 50.18 -24.91 22.02
C GLY A 256 49.98 -26.39 22.35
N ASN A 257 49.96 -26.68 23.66
CA ASN A 257 49.72 -28.04 24.12
C ASN A 257 48.30 -28.51 23.88
N ALA A 258 47.38 -27.60 23.54
CA ALA A 258 46.03 -28.01 23.17
C ALA A 258 46.05 -28.96 21.99
N LEU A 259 47.02 -28.80 21.08
CA LEU A 259 47.17 -29.75 19.99
C LEU A 259 47.49 -31.14 20.52
N ARG A 260 48.36 -31.23 21.52
CA ARG A 260 48.64 -32.51 22.16
C ARG A 260 47.39 -33.07 22.83
N TYR A 261 46.61 -32.21 23.47
CA TYR A 261 45.38 -32.61 24.13
C TYR A 261 44.19 -32.68 23.18
N ALA A 262 44.36 -32.27 21.92
CA ALA A 262 43.26 -32.33 20.97
C ALA A 262 43.04 -33.77 20.50
N PRO A 263 41.81 -34.27 20.53
CA PRO A 263 41.56 -35.60 19.95
C PRO A 263 41.83 -35.60 18.45
N ASP A 264 42.32 -36.74 17.96
CA ASP A 264 42.66 -36.86 16.55
C ASP A 264 41.42 -36.70 15.69
N GLY A 265 41.61 -36.11 14.52
CA GLY A 265 40.52 -35.88 13.59
C GLY A 265 39.72 -34.62 13.83
N ILE A 266 40.10 -33.79 14.81
CA ILE A 266 39.37 -32.56 15.07
C ILE A 266 39.69 -31.55 13.98
N LEU A 267 38.64 -31.03 13.33
CA LEU A 267 38.82 -30.08 12.24
C LEU A 267 39.29 -28.73 12.78
N GLY A 268 40.12 -28.07 11.98
CA GLY A 268 40.61 -26.75 12.33
C GLY A 268 40.76 -25.89 11.09
N LEU A 269 40.75 -24.58 11.31
CA LEU A 269 40.88 -23.60 10.23
C LEU A 269 42.10 -22.74 10.49
N GLN A 270 42.88 -22.49 9.43
CA GLN A 270 44.08 -21.67 9.52
C GLN A 270 44.08 -20.66 8.38
N LEU A 271 44.76 -19.54 8.60
CA LEU A 271 44.91 -18.54 7.55
C LEU A 271 45.71 -19.12 6.39
N ILE A 272 45.35 -18.71 5.17
CA ILE A 272 46.03 -19.23 3.99
C ILE A 272 47.50 -18.80 3.97
N ASN A 273 47.79 -17.59 4.44
CA ASN A 273 49.14 -17.08 4.48
C ASN A 273 49.89 -17.47 5.74
N GLY A 274 49.19 -17.94 6.78
CA GLY A 274 49.85 -18.30 8.01
C GLY A 274 50.45 -17.09 8.70
N LYS A 275 51.44 -17.36 9.54
CA LYS A 275 52.18 -16.32 10.25
C LYS A 275 53.42 -15.92 9.46
N ASN A 276 53.21 -15.57 8.19
CA ASN A 276 54.28 -15.16 7.30
C ASN A 276 54.31 -13.64 7.27
N GLU A 277 55.27 -13.04 7.98
CA GLU A 277 55.34 -11.60 8.09
C GLU A 277 55.77 -10.94 6.77
N SER A 278 56.63 -11.60 5.99
CA SER A 278 57.14 -10.99 4.78
C SER A 278 56.04 -10.79 3.73
N ALA A 279 55.20 -11.80 3.52
CA ALA A 279 54.12 -11.68 2.55
C ALA A 279 53.14 -10.61 2.96
N HIS A 280 52.78 -10.57 4.25
CA HIS A 280 51.89 -9.53 4.74
C HIS A 280 52.50 -8.14 4.58
N ILE A 281 53.81 -8.03 4.83
CA ILE A 281 54.50 -6.75 4.66
C ILE A 281 54.44 -6.31 3.20
N SER A 282 54.69 -7.23 2.27
CA SER A 282 54.66 -6.88 0.86
C SER A 282 53.25 -6.47 0.43
N ASP A 283 52.23 -7.21 0.87
CA ASP A 283 50.86 -6.86 0.52
C ASP A 283 50.48 -5.50 1.09
N ALA A 284 50.87 -5.23 2.34
CA ALA A 284 50.58 -3.94 2.95
C ALA A 284 51.32 -2.81 2.23
N VAL A 285 52.55 -3.07 1.78
CA VAL A 285 53.29 -2.07 1.03
C VAL A 285 52.58 -1.75 -0.28
N GLY A 286 52.11 -2.79 -0.98
CA GLY A 286 51.35 -2.55 -2.21
C GLY A 286 50.06 -1.78 -1.96
N VAL A 287 49.34 -2.14 -0.90
CA VAL A 287 48.10 -1.45 -0.58
C VAL A 287 48.36 0.01 -0.22
N VAL A 288 49.43 0.27 0.53
CA VAL A 288 49.78 1.63 0.89
C VAL A 288 50.20 2.43 -0.34
N ALA A 289 50.91 1.79 -1.27
CA ALA A 289 51.27 2.46 -2.51
C ALA A 289 50.04 2.84 -3.31
N GLN A 290 49.06 1.93 -3.41
CA GLN A 290 47.82 2.25 -4.10
C GLN A 290 47.08 3.39 -3.39
N ALA A 291 47.03 3.33 -2.06
CA ALA A 291 46.32 4.36 -1.31
C ALA A 291 46.96 5.73 -1.49
N VAL A 292 48.30 5.79 -1.44
CA VAL A 292 48.98 7.08 -1.59
C VAL A 292 48.88 7.57 -3.03
N HIS A 293 48.87 6.65 -4.01
CA HIS A 293 48.65 7.06 -5.39
C HIS A 293 47.28 7.69 -5.57
N GLU A 294 46.26 7.10 -4.94
CA GLU A 294 44.93 7.70 -5.00
C GLU A 294 44.87 9.01 -4.22
N LEU A 295 45.63 9.11 -3.12
CA LEU A 295 45.59 10.31 -2.30
C LEU A 295 46.27 11.49 -2.99
N LEU A 296 47.33 11.22 -3.77
CA LEU A 296 48.02 12.29 -4.46
C LEU A 296 47.12 13.01 -5.46
N GLU A 297 46.06 12.36 -5.94
CA GLU A 297 45.12 13.01 -6.83
C GLU A 297 44.19 13.99 -6.12
N LYS A 298 44.09 13.90 -4.79
CA LYS A 298 43.24 14.80 -4.04
C LYS A 298 43.83 16.21 -4.03
N GLU A 299 42.99 17.21 -4.30
CA GLU A 299 43.43 18.59 -4.36
C GLU A 299 43.48 19.26 -2.99
N ASN A 300 42.96 18.61 -1.95
CA ASN A 300 42.97 19.19 -0.61
C ASN A 300 43.22 18.12 0.44
N ASP A 303 46.68 17.07 4.86
CA ASP A 303 47.95 17.09 5.54
C ASP A 303 47.82 16.72 7.02
N PRO A 304 48.79 15.99 7.54
CA PRO A 304 48.76 15.61 8.96
C PRO A 304 48.92 16.83 9.85
N PRO A 305 48.46 16.76 11.10
CA PRO A 305 48.57 17.93 11.99
C PRO A 305 50.00 18.16 12.45
N ARG A 306 50.19 19.13 13.35
CA ARG A 306 51.52 19.47 13.83
C ARG A 306 51.97 18.50 14.92
N GLY A 307 51.90 17.20 14.63
CA GLY A 307 52.41 16.20 15.54
C GLY A 307 51.50 15.92 16.72
N CYS A 308 51.96 15.01 17.57
CA CYS A 308 51.24 14.64 18.78
C CYS A 308 51.22 15.76 19.81
N VAL A 309 52.19 16.66 19.77
CA VAL A 309 52.32 17.75 20.73
C VAL A 309 51.94 19.05 20.04
N GLY A 310 51.14 19.87 20.73
CA GLY A 310 50.74 21.16 20.21
C GLY A 310 49.42 21.15 19.47
N ASN A 311 49.34 20.43 18.35
CA ASN A 311 48.13 20.39 17.54
C ASN A 311 47.19 19.34 18.15
N THR A 312 46.44 19.78 19.17
CA THR A 312 45.50 18.91 19.85
C THR A 312 44.35 18.51 18.92
N ASN A 313 43.86 19.45 18.11
CA ASN A 313 42.76 19.17 17.21
C ASN A 313 43.18 18.18 16.13
N ILE A 314 42.24 17.32 15.74
CA ILE A 314 42.52 16.33 14.71
C ILE A 314 42.66 17.01 13.35
N TRP A 315 43.29 16.30 12.42
CA TRP A 315 43.45 16.80 11.06
C TRP A 315 42.15 16.62 10.29
N LYS A 316 41.71 17.69 9.61
CA LYS A 316 40.50 17.60 8.81
C LYS A 316 40.67 16.63 7.64
N THR A 317 41.90 16.46 7.17
CA THR A 317 42.17 15.55 6.07
C THR A 317 42.22 14.09 6.51
N GLY A 318 42.20 13.82 7.81
CA GLY A 318 42.18 12.45 8.30
C GLY A 318 40.96 11.67 7.89
N PRO A 319 39.76 12.22 8.14
CA PRO A 319 38.55 11.56 7.66
C PRO A 319 38.52 11.41 6.14
N LEU A 320 39.04 12.39 5.39
CA LEU A 320 39.09 12.26 3.95
C LEU A 320 40.00 11.13 3.51
N PHE A 321 41.17 11.00 4.17
CA PHE A 321 42.08 9.90 3.87
C PHE A 321 41.44 8.56 4.21
N LYS A 322 40.71 8.50 5.32
CA LYS A 322 40.01 7.28 5.66
C LYS A 322 38.95 6.93 4.62
N ARG A 323 38.21 7.93 4.15
CA ARG A 323 37.18 7.68 3.15
C ARG A 323 37.78 7.20 1.83
N VAL A 324 38.87 7.82 1.39
CA VAL A 324 39.49 7.39 0.14
C VAL A 324 40.15 6.03 0.30
N LEU A 325 40.65 5.71 1.50
CA LEU A 325 41.15 4.36 1.76
C LEU A 325 40.03 3.34 1.68
N MET A 326 38.86 3.67 2.21
CA MET A 326 37.70 2.80 2.06
C MET A 326 37.33 2.63 0.59
N SER A 327 37.36 3.72 -0.18
CA SER A 327 37.07 3.62 -1.60
C SER A 327 38.15 2.83 -2.33
N SER A 328 39.41 3.04 -2.00
CA SER A 328 40.51 2.36 -2.67
C SER A 328 40.60 0.90 -2.21
N LYS A 329 41.35 0.12 -2.97
CA LYS A 329 41.54 -1.29 -2.67
C LYS A 329 42.87 -1.74 -3.26
N TYR A 330 43.27 -2.96 -2.92
CA TYR A 330 44.51 -3.57 -3.41
C TYR A 330 44.17 -4.79 -4.24
N ALA A 331 44.79 -4.88 -5.42
CA ALA A 331 44.53 -5.97 -6.34
C ALA A 331 45.83 -6.64 -6.76
N ASP A 332 45.81 -7.97 -6.82
CA ASP A 332 46.94 -8.77 -7.29
C ASP A 332 48.19 -8.50 -6.44
N GLY A 333 48.08 -8.80 -5.15
CA GLY A 333 49.18 -8.66 -4.22
C GLY A 333 50.05 -9.90 -4.19
N VAL A 334 50.97 -9.91 -3.22
CA VAL A 334 51.83 -11.08 -3.03
C VAL A 334 50.99 -12.31 -2.68
N THR A 335 50.02 -12.13 -1.79
CA THR A 335 49.09 -13.19 -1.42
C THR A 335 47.79 -13.14 -2.22
N GLY A 336 47.86 -12.65 -3.46
CA GLY A 336 46.67 -12.49 -4.27
C GLY A 336 45.98 -11.16 -4.00
N ARG A 337 44.82 -11.01 -4.64
CA ARG A 337 44.04 -9.79 -4.47
C ARG A 337 43.55 -9.67 -3.03
N VAL A 338 43.67 -8.48 -2.47
CA VAL A 338 43.26 -8.20 -1.10
C VAL A 338 42.23 -7.09 -1.16
N GLU A 339 40.95 -7.48 -1.20
CA GLU A 339 39.84 -6.53 -1.30
C GLU A 339 39.27 -6.32 0.10
N PHE A 340 39.49 -5.12 0.65
CA PHE A 340 38.97 -4.80 1.96
C PHE A 340 37.45 -4.61 1.92
N ASN A 341 36.81 -4.90 3.05
CA ASN A 341 35.37 -4.74 3.19
C ASN A 341 35.06 -3.29 3.57
N GLU A 342 33.81 -3.04 3.97
CA GLU A 342 33.43 -1.71 4.44
C GLU A 342 34.20 -1.32 5.69
N ASP A 343 34.64 -2.28 6.48
CA ASP A 343 35.44 -2.03 7.68
C ASP A 343 36.93 -2.08 7.40
N GLY A 344 37.35 -2.23 6.15
CA GLY A 344 38.76 -2.30 5.83
C GLY A 344 39.38 -3.66 6.04
N ASP A 345 38.60 -4.74 5.98
CA ASP A 345 39.09 -6.09 6.18
C ASP A 345 38.97 -6.88 4.88
N ARG A 346 40.00 -7.66 4.58
CA ARG A 346 40.04 -8.42 3.34
C ARG A 346 38.85 -9.36 3.23
N LYS A 347 38.21 -9.36 2.07
CA LYS A 347 37.07 -10.21 1.80
C LYS A 347 37.48 -11.43 0.99
N PHE A 348 36.62 -12.45 1.03
CA PHE A 348 36.83 -13.75 0.36
C PHE A 348 38.29 -14.20 0.45
N ALA A 349 38.81 -14.19 1.67
CA ALA A 349 40.18 -14.64 1.90
C ALA A 349 40.22 -16.16 2.00
N ASN A 350 41.24 -16.75 1.41
CA ASN A 350 41.38 -18.20 1.43
C ASN A 350 41.78 -18.68 2.82
N TYR A 351 41.59 -19.97 3.05
CA TYR A 351 41.95 -20.59 4.32
C TYR A 351 42.28 -22.05 4.09
N SER A 352 42.99 -22.63 5.05
CA SER A 352 43.37 -24.04 5.01
C SER A 352 42.60 -24.78 6.09
N ILE A 353 41.85 -25.80 5.70
CA ILE A 353 41.10 -26.63 6.62
C ILE A 353 41.92 -27.89 6.88
N MET A 354 42.35 -28.05 8.12
CA MET A 354 43.24 -29.14 8.52
C MET A 354 42.48 -30.14 9.38
N ASN A 355 42.91 -31.40 9.32
CA ASN A 355 42.37 -32.45 10.15
C ASN A 355 43.50 -33.09 10.96
N LEU A 356 43.23 -33.35 12.24
CA LEU A 356 44.22 -33.93 13.14
C LEU A 356 44.33 -35.43 12.87
N GLN A 357 44.98 -35.76 11.76
CA GLN A 357 45.28 -37.13 11.42
C GLN A 357 46.65 -37.50 11.96
N ASN A 358 46.74 -38.72 12.53
CA ASN A 358 47.94 -39.23 13.19
C ASN A 358 48.63 -38.17 14.04
N ARG A 359 47.84 -37.42 14.80
CA ARG A 359 48.33 -36.34 15.67
C ARG A 359 49.05 -35.25 14.86
N LYS A 360 48.63 -35.05 13.61
CA LYS A 360 49.19 -34.00 12.77
C LYS A 360 48.07 -33.31 12.02
N LEU A 361 48.24 -32.01 11.79
CA LEU A 361 47.23 -31.21 11.08
C LEU A 361 47.43 -31.40 9.57
N VAL A 362 47.00 -32.57 9.10
CA VAL A 362 47.18 -32.90 7.69
C VAL A 362 46.28 -32.03 6.82
N GLN A 363 46.71 -31.80 5.58
CA GLN A 363 45.95 -30.99 4.64
C GLN A 363 44.76 -31.78 4.12
N VAL A 364 43.55 -31.36 4.47
CA VAL A 364 42.35 -32.03 4.02
C VAL A 364 41.41 -31.14 3.24
N GLY A 365 41.54 -29.81 3.31
CA GLY A 365 40.68 -28.97 2.51
C GLY A 365 41.21 -27.56 2.37
N ILE A 366 40.70 -26.87 1.36
CA ILE A 366 41.04 -25.47 1.11
C ILE A 366 39.75 -24.69 0.96
N TYR A 367 39.56 -23.68 1.81
CA TYR A 367 38.43 -22.75 1.69
C TYR A 367 38.89 -21.59 0.83
N ASN A 368 38.81 -21.78 -0.49
CA ASN A 368 39.24 -20.76 -1.44
C ASN A 368 38.23 -19.63 -1.45
N GLY A 369 38.45 -18.63 -0.60
CA GLY A 369 37.61 -17.45 -0.57
C GLY A 369 36.24 -17.76 0.00
N THR A 370 35.44 -18.48 -0.78
CA THR A 370 34.15 -18.97 -0.34
C THR A 370 33.86 -20.41 -0.74
N HIS A 371 34.71 -21.05 -1.55
CA HIS A 371 34.41 -22.37 -2.09
C HIS A 371 35.27 -23.41 -1.40
N VAL A 372 34.62 -24.49 -0.95
CA VAL A 372 35.34 -25.59 -0.31
C VAL A 372 35.95 -26.49 -1.38
N ILE A 373 37.18 -26.92 -1.14
CA ILE A 373 37.86 -27.84 -2.04
C ILE A 373 38.47 -28.96 -1.23
N PRO A 374 37.94 -30.19 -1.31
CA PRO A 374 38.52 -31.34 -0.59
C PRO A 374 39.75 -31.91 -1.30
N ASN A 375 40.90 -31.29 -1.02
CA ASN A 375 42.14 -31.67 -1.70
C ASN A 375 42.51 -33.12 -1.39
N ASP A 376 42.38 -33.54 -0.14
CA ASP A 376 42.70 -34.90 0.27
C ASP A 376 41.49 -35.49 1.00
N ARG A 377 40.87 -36.50 0.38
CA ARG A 377 39.70 -37.16 0.97
C ARG A 377 40.15 -38.31 1.87
N LYS A 378 40.79 -37.94 2.97
CA LYS A 378 41.29 -38.89 3.96
C LYS A 378 40.91 -38.42 5.36
N ILE A 379 39.65 -38.02 5.53
CA ILE A 379 39.16 -37.48 6.79
C ILE A 379 38.72 -38.65 7.68
N ILE A 380 39.31 -38.72 8.87
CA ILE A 380 38.92 -39.71 9.88
C ILE A 380 38.36 -38.94 11.06
N TRP A 381 37.11 -39.22 11.41
CA TRP A 381 36.43 -38.49 12.46
C TRP A 381 36.98 -38.88 13.83
N PRO A 382 36.84 -38.01 14.83
CA PRO A 382 37.40 -38.31 16.15
C PRO A 382 36.88 -39.61 16.76
N GLY A 383 35.65 -40.00 16.45
CA GLY A 383 35.11 -41.24 16.97
C GLY A 383 35.58 -42.47 16.20
N GLY A 384 36.65 -42.31 15.43
CA GLY A 384 37.15 -43.40 14.62
C GLY A 384 36.26 -43.77 13.46
N GLU A 385 35.38 -42.88 13.05
CA GLU A 385 34.44 -43.14 11.96
C GLU A 385 35.09 -42.73 10.66
N THR A 386 35.37 -43.72 9.80
CA THR A 386 35.90 -43.42 8.47
C THR A 386 34.86 -42.66 7.64
N GLU A 387 33.61 -43.07 7.72
CA GLU A 387 32.53 -42.38 7.02
C GLU A 387 32.15 -41.10 7.77
N LYS A 388 31.27 -40.32 7.14
CA LYS A 388 30.79 -39.10 7.78
C LYS A 388 29.58 -39.41 8.65
N PRO A 389 29.71 -39.28 9.97
CA PRO A 389 28.56 -39.56 10.84
C PRO A 389 27.47 -38.52 10.68
N ARG A 390 26.22 -38.96 10.82
CA ARG A 390 25.09 -38.06 10.72
C ARG A 390 25.10 -37.08 11.88
N GLY A 391 24.77 -35.82 11.59
CA GLY A 391 24.71 -34.81 12.63
C GLY A 391 23.62 -35.06 13.64
N TYR A 392 22.60 -35.82 13.28
CA TYR A 392 21.52 -36.15 14.20
C TYR A 392 21.94 -37.33 15.08
N GLN A 393 21.72 -37.19 16.39
CA GLN A 393 21.94 -38.28 17.33
C GLN A 393 20.59 -38.87 17.71
N MET A 394 20.46 -40.19 17.58
CA MET A 394 19.19 -40.85 17.81
C MET A 394 18.72 -40.64 19.25
N SER A 395 17.44 -40.27 19.39
CA SER A 395 16.84 -40.03 20.69
C SER A 395 15.57 -40.86 20.81
N THR A 396 15.45 -41.58 21.93
CA THR A 396 14.27 -42.41 22.18
C THR A 396 13.49 -42.01 23.42
N ARG A 397 14.06 -41.19 24.31
CA ARG A 397 13.36 -40.74 25.51
C ARG A 397 12.38 -39.64 25.14
N LEU A 398 11.29 -40.07 24.48
CA LEU A 398 10.28 -39.14 24.00
C LEU A 398 9.45 -38.63 25.17
N LYS A 399 9.51 -37.32 25.43
CA LYS A 399 8.75 -36.71 26.51
C LYS A 399 7.43 -36.20 25.95
N ILE A 400 6.32 -36.63 26.54
CA ILE A 400 4.99 -36.27 26.08
C ILE A 400 4.27 -35.55 27.20
N VAL A 401 3.95 -34.27 26.99
CA VAL A 401 3.08 -33.52 27.87
C VAL A 401 1.64 -33.72 27.40
N THR A 402 0.72 -33.66 28.36
CA THR A 402 -0.69 -33.92 28.08
C THR A 402 -1.55 -32.95 28.88
N ILE A 403 -2.83 -32.90 28.50
CA ILE A 403 -3.83 -32.11 29.22
C ILE A 403 -4.96 -33.05 29.62
N HIS A 404 -5.46 -32.88 30.84
CA HIS A 404 -6.49 -33.77 31.37
C HIS A 404 -7.80 -33.48 30.67
N GLN A 405 -8.15 -34.31 29.69
CA GLN A 405 -9.45 -34.28 29.04
C GLN A 405 -10.08 -35.64 29.23
N GLU A 406 -11.13 -35.69 30.06
CA GLU A 406 -11.69 -36.97 30.50
C GLU A 406 -11.99 -37.94 29.36
N PRO A 407 -12.67 -37.55 28.28
CA PRO A 407 -12.88 -38.50 27.18
C PRO A 407 -11.60 -39.03 26.58
N PHE A 408 -10.54 -38.22 26.54
CA PHE A 408 -9.28 -38.60 25.94
C PHE A 408 -8.22 -38.97 26.96
N VAL A 409 -8.17 -38.27 28.09
CA VAL A 409 -7.17 -38.50 29.13
C VAL A 409 -7.91 -38.66 30.45
N TYR A 410 -8.18 -39.91 30.82
CA TYR A 410 -8.72 -40.22 32.14
C TYR A 410 -7.57 -40.24 33.14
N VAL A 411 -7.63 -39.36 34.15
CA VAL A 411 -6.58 -39.25 35.15
C VAL A 411 -7.19 -39.55 36.51
N LYS A 412 -6.57 -40.46 37.26
CA LYS A 412 -7.04 -40.84 38.58
C LYS A 412 -5.89 -40.76 39.57
N PRO A 413 -6.10 -40.13 40.73
CA PRO A 413 -5.03 -40.10 41.75
C PRO A 413 -4.68 -41.49 42.23
N THR A 414 -3.40 -41.72 42.51
CA THR A 414 -2.92 -43.02 42.97
C THR A 414 -2.37 -42.92 44.38
N GLU A 423 -7.81 -52.54 37.98
CA GLU A 423 -8.97 -52.22 37.16
C GLU A 423 -8.86 -52.86 35.78
N PHE A 424 -10.00 -53.14 35.16
CA PHE A 424 -10.05 -53.76 33.85
C PHE A 424 -11.18 -53.16 33.04
N THR A 425 -11.18 -53.45 31.74
CA THR A 425 -12.19 -52.95 30.83
C THR A 425 -13.50 -53.71 31.05
N VAL A 426 -14.51 -53.41 30.22
CA VAL A 426 -15.77 -54.15 30.29
C VAL A 426 -15.55 -55.61 29.95
N ASN A 427 -14.72 -55.89 28.94
CA ASN A 427 -14.41 -57.25 28.57
C ASN A 427 -13.36 -57.89 29.47
N GLY A 428 -12.91 -57.19 30.50
CA GLY A 428 -11.92 -57.72 31.41
C GLY A 428 -10.48 -57.46 31.02
N ASP A 429 -10.25 -56.86 29.86
CA ASP A 429 -8.89 -56.56 29.45
C ASP A 429 -8.27 -55.51 30.37
N PRO A 430 -6.97 -55.60 30.65
CA PRO A 430 -6.35 -54.61 31.53
C PRO A 430 -6.37 -53.22 30.92
N VAL A 431 -6.43 -52.22 31.79
CA VAL A 431 -6.47 -50.82 31.38
C VAL A 431 -5.06 -50.26 31.53
N LYS A 432 -4.52 -49.72 30.42
CA LYS A 432 -3.15 -49.21 30.40
C LYS A 432 -3.11 -47.81 31.03
N LYS A 433 -3.31 -47.78 32.34
CA LYS A 433 -3.23 -46.53 33.11
C LYS A 433 -1.79 -46.34 33.55
N VAL A 434 -0.99 -45.73 32.68
CA VAL A 434 0.43 -45.53 32.94
C VAL A 434 0.61 -44.47 34.02
N ILE A 435 1.82 -44.37 34.55
CA ILE A 435 2.13 -43.38 35.57
C ILE A 435 2.38 -42.04 34.90
N CYS A 436 1.70 -41.00 35.37
CA CYS A 436 1.80 -39.66 34.79
C CYS A 436 1.84 -38.65 35.93
N THR A 437 3.02 -38.05 36.14
CA THR A 437 3.18 -37.00 37.12
C THR A 437 3.20 -35.64 36.42
N GLY A 438 3.13 -34.57 37.21
CA GLY A 438 3.09 -33.24 36.66
C GLY A 438 2.00 -32.34 37.22
N PRO A 439 0.79 -32.87 37.44
CA PRO A 439 -0.25 -32.05 38.08
C PRO A 439 0.15 -31.68 39.50
N ASN A 440 0.26 -30.38 39.75
CA ASN A 440 0.66 -29.85 41.05
C ASN A 440 -0.53 -29.84 42.02
N ASP A 441 -1.11 -31.02 42.20
CA ASP A 441 -2.28 -31.21 43.05
C ASP A 441 -3.38 -30.23 42.65
N THR A 442 -3.63 -29.22 43.50
CA THR A 442 -4.57 -28.16 43.19
C THR A 442 -3.81 -26.98 42.60
N SER A 443 -4.11 -26.63 41.37
CA SER A 443 -3.43 -25.53 40.69
C SER A 443 -3.84 -24.18 41.27
N PRO A 447 -0.71 -27.63 48.29
CA PRO A 447 -0.13 -26.41 47.71
C PRO A 447 0.93 -26.71 46.65
N ARG A 448 0.50 -26.87 45.40
CA ARG A 448 1.39 -27.16 44.27
C ARG A 448 2.20 -28.44 44.54
N HIS A 449 1.48 -29.54 44.70
CA HIS A 449 2.09 -30.84 45.00
C HIS A 449 2.02 -31.70 43.73
N THR A 450 3.16 -31.80 43.04
CA THR A 450 3.24 -32.63 41.86
C THR A 450 3.20 -34.10 42.27
N VAL A 451 2.16 -34.81 41.83
CA VAL A 451 1.95 -36.19 42.25
C VAL A 451 1.75 -37.09 41.04
N PRO A 452 2.33 -38.29 41.03
CA PRO A 452 2.06 -39.24 39.94
C PRO A 452 0.66 -39.81 40.07
N GLN A 453 -0.02 -39.94 38.93
CA GLN A 453 -1.37 -40.47 38.87
C GLN A 453 -1.44 -41.53 37.77
N CYS A 454 -2.62 -42.12 37.61
CA CYS A 454 -2.86 -43.13 36.59
C CYS A 454 -3.57 -42.49 35.40
N CYS A 455 -3.00 -42.64 34.21
CA CYS A 455 -3.53 -42.06 32.99
C CYS A 455 -3.97 -43.17 32.05
N TYR A 456 -5.18 -43.03 31.51
CA TYR A 456 -5.73 -44.01 30.59
C TYR A 456 -6.86 -43.37 29.81
N GLY A 457 -6.85 -43.53 28.49
CA GLY A 457 -7.87 -42.93 27.67
C GLY A 457 -7.52 -43.03 26.20
N PHE A 458 -8.20 -42.19 25.40
CA PHE A 458 -8.05 -42.24 23.96
C PHE A 458 -6.62 -41.89 23.54
N CYS A 459 -6.12 -40.75 24.01
CA CYS A 459 -4.75 -40.36 23.68
C CYS A 459 -3.74 -41.34 24.25
N ILE A 460 -4.02 -41.87 25.45
CA ILE A 460 -3.15 -42.87 26.05
C ILE A 460 -3.11 -44.13 25.18
N ASP A 461 -4.27 -44.57 24.70
CA ASP A 461 -4.32 -45.74 23.82
C ASP A 461 -3.54 -45.47 22.54
N LEU A 462 -3.72 -44.29 21.95
CA LEU A 462 -3.00 -43.98 20.72
C LEU A 462 -1.49 -43.98 20.95
N LEU A 463 -1.04 -43.39 22.06
CA LEU A 463 0.40 -43.27 22.28
C LEU A 463 1.01 -44.62 22.62
N ILE A 464 0.30 -45.48 23.36
CA ILE A 464 0.83 -46.80 23.63
C ILE A 464 0.86 -47.64 22.34
N LYS A 465 -0.15 -47.47 21.49
CA LYS A 465 -0.13 -48.15 20.20
C LYS A 465 1.06 -47.70 19.37
N LEU A 466 1.35 -46.40 19.36
CA LEU A 466 2.53 -45.90 18.65
C LEU A 466 3.80 -46.51 19.23
N ALA A 467 3.97 -46.40 20.56
CA ALA A 467 5.17 -46.92 21.20
C ALA A 467 5.37 -48.40 20.90
N ARG A 468 4.27 -49.16 20.76
CA ARG A 468 4.39 -50.54 20.30
C ARG A 468 4.72 -50.59 18.81
N THR A 469 4.33 -49.56 18.05
CA THR A 469 4.51 -49.60 16.60
C THR A 469 5.96 -49.33 16.20
N MET A 470 6.47 -48.13 16.50
CA MET A 470 7.83 -47.78 16.08
C MET A 470 8.85 -47.92 17.19
N ASN A 471 8.47 -48.51 18.33
CA ASN A 471 9.40 -48.83 19.41
C ASN A 471 10.12 -47.58 19.92
N PHE A 472 9.34 -46.66 20.45
CA PHE A 472 9.86 -45.42 21.04
C PHE A 472 9.47 -45.36 22.50
N THR A 473 10.47 -45.20 23.37
CA THR A 473 10.20 -45.04 24.79
C THR A 473 9.51 -43.71 25.06
N TYR A 474 8.81 -43.64 26.18
CA TYR A 474 7.97 -42.48 26.46
C TYR A 474 8.03 -42.14 27.94
N GLU A 475 8.02 -40.83 28.21
CA GLU A 475 7.85 -40.28 29.55
C GLU A 475 6.63 -39.38 29.51
N VAL A 476 5.56 -39.82 30.18
CA VAL A 476 4.27 -39.15 30.13
C VAL A 476 4.16 -38.20 31.32
N HIS A 477 3.75 -36.96 31.04
CA HIS A 477 3.56 -35.97 32.09
C HIS A 477 2.42 -35.05 31.68
N LEU A 478 1.87 -34.34 32.66
CA LEU A 478 0.80 -33.38 32.41
C LEU A 478 1.37 -31.96 32.44
N VAL A 479 0.48 -30.98 32.30
CA VAL A 479 0.84 -29.58 32.31
C VAL A 479 0.20 -28.91 33.52
N ALA A 480 0.95 -28.04 34.19
CA ALA A 480 0.47 -27.43 35.42
C ALA A 480 -0.59 -26.37 35.15
N ASP A 481 -0.43 -25.59 34.08
CA ASP A 481 -1.35 -24.49 33.81
C ASP A 481 -2.76 -24.97 33.49
N GLY A 482 -2.90 -26.19 32.98
CA GLY A 482 -4.22 -26.70 32.65
C GLY A 482 -4.92 -25.96 31.54
N LYS A 483 -4.16 -25.44 30.57
CA LYS A 483 -4.72 -24.71 29.44
C LYS A 483 -4.03 -25.15 28.17
N PHE A 484 -4.75 -25.08 27.05
CA PHE A 484 -4.13 -25.31 25.75
C PHE A 484 -3.05 -24.27 25.47
N GLY A 485 -3.40 -23.00 25.58
CA GLY A 485 -2.48 -21.91 25.31
C GLY A 485 -2.90 -21.11 24.11
N THR A 486 -2.36 -19.90 24.00
CA THR A 486 -2.66 -19.00 22.90
C THR A 486 -1.61 -17.90 22.85
N GLN A 487 -1.61 -17.16 21.76
CA GLN A 487 -0.76 -15.97 21.64
C GLN A 487 -1.36 -14.86 22.48
N GLU A 488 -0.81 -14.69 23.69
CA GLU A 488 -1.28 -13.67 24.62
C GLU A 488 -0.10 -12.79 25.03
N ARG A 489 -0.27 -11.48 24.86
CA ARG A 489 0.74 -10.52 25.30
C ARG A 489 0.60 -10.37 26.81
N VAL A 490 1.26 -11.29 27.52
CA VAL A 490 1.15 -11.36 28.98
C VAL A 490 1.85 -10.16 29.61
N ASN A 491 1.63 -9.96 30.91
CA ASN A 491 2.24 -8.85 31.61
C ASN A 491 3.77 -8.98 31.59
N ASN A 492 4.43 -7.83 31.56
CA ASN A 492 5.89 -7.76 31.50
C ASN A 492 6.43 -8.49 30.27
N SER A 493 5.71 -8.38 29.16
CA SER A 493 6.12 -8.97 27.89
C SER A 493 5.87 -7.96 26.77
N ASN A 494 6.64 -8.12 25.70
CA ASN A 494 6.55 -7.20 24.56
C ASN A 494 5.49 -7.63 23.56
N LYS A 495 5.48 -8.89 23.17
CA LYS A 495 4.56 -9.41 22.17
C LYS A 495 3.74 -10.56 22.76
N LYS A 496 2.93 -11.19 21.91
CA LYS A 496 2.12 -12.32 22.33
C LYS A 496 2.94 -13.60 22.28
N GLU A 497 2.86 -14.39 23.34
CA GLU A 497 3.63 -15.62 23.47
C GLU A 497 2.69 -16.80 23.65
N TRP A 498 2.98 -17.88 22.93
CA TRP A 498 2.21 -19.11 23.07
C TRP A 498 2.31 -19.65 24.48
N ASN A 499 1.17 -20.09 25.01
CA ASN A 499 1.09 -20.60 26.37
C ASN A 499 0.71 -22.08 26.34
N GLY A 500 0.52 -22.64 27.53
CA GLY A 500 -0.03 -23.98 27.69
C GLY A 500 0.84 -25.05 27.06
N MET A 501 0.17 -26.10 26.60
CA MET A 501 0.87 -27.25 26.04
C MET A 501 1.65 -26.87 24.78
N MET A 502 1.04 -26.06 23.91
CA MET A 502 1.75 -25.62 22.71
C MET A 502 2.93 -24.74 23.06
N GLY A 503 2.79 -23.90 24.09
CA GLY A 503 3.93 -23.12 24.55
C GLY A 503 5.07 -23.98 25.05
N GLU A 504 4.74 -25.02 25.82
CA GLU A 504 5.78 -25.93 26.30
C GLU A 504 6.44 -26.67 25.14
N LEU A 505 5.65 -27.12 24.17
CA LEU A 505 6.21 -27.82 23.02
C LEU A 505 7.13 -26.91 22.21
N LEU A 506 6.73 -25.66 22.02
CA LEU A 506 7.59 -24.69 21.35
C LEU A 506 8.87 -24.47 22.14
N SER A 507 8.76 -24.37 23.46
CA SER A 507 9.93 -24.24 24.31
C SER A 507 10.76 -25.51 24.38
N GLY A 508 10.26 -26.61 23.84
CA GLY A 508 10.99 -27.87 23.88
C GLY A 508 10.86 -28.64 25.18
N GLN A 509 9.89 -28.28 26.03
CA GLN A 509 9.71 -29.01 27.28
C GLN A 509 9.32 -30.47 27.01
N ALA A 510 8.44 -30.70 26.03
CA ALA A 510 8.04 -32.03 25.63
C ALA A 510 8.38 -32.23 24.16
N ASP A 511 8.68 -33.48 23.80
CA ASP A 511 9.01 -33.79 22.41
C ASP A 511 7.83 -33.55 21.49
N MET A 512 6.63 -33.93 21.91
CA MET A 512 5.43 -33.68 21.12
C MET A 512 4.23 -33.71 22.05
N ILE A 513 3.13 -33.10 21.58
CA ILE A 513 1.89 -33.02 22.34
C ILE A 513 0.93 -34.09 21.83
N VAL A 514 0.38 -34.87 22.77
CA VAL A 514 -0.63 -35.87 22.48
C VAL A 514 -1.86 -35.48 23.27
N ALA A 515 -2.80 -34.79 22.62
CA ALA A 515 -3.97 -34.25 23.30
C ALA A 515 -5.05 -34.02 22.25
N PRO A 516 -6.32 -33.92 22.66
CA PRO A 516 -7.37 -33.57 21.69
C PRO A 516 -7.22 -32.13 21.21
N LEU A 517 -6.24 -31.90 20.34
CA LEU A 517 -5.89 -30.58 19.87
C LEU A 517 -6.56 -30.30 18.53
N THR A 518 -7.15 -29.11 18.41
CA THR A 518 -7.79 -28.71 17.16
C THR A 518 -6.73 -28.21 16.19
N ILE A 519 -6.83 -28.66 14.94
CA ILE A 519 -5.86 -28.25 13.92
C ILE A 519 -6.13 -26.80 13.54
N ASN A 520 -5.16 -25.92 13.81
CA ASN A 520 -5.27 -24.53 13.41
C ASN A 520 -3.92 -24.07 12.89
N ASN A 521 -3.95 -23.21 11.86
CA ASN A 521 -2.72 -22.78 11.21
C ASN A 521 -1.87 -21.89 12.09
N GLU A 522 -2.45 -21.33 13.16
CA GLU A 522 -1.66 -20.50 14.07
C GLU A 522 -0.54 -21.31 14.71
N ARG A 523 -0.84 -22.54 15.14
CA ARG A 523 0.21 -23.42 15.63
C ARG A 523 1.00 -24.04 14.50
N ALA A 524 0.36 -24.29 13.36
CA ALA A 524 1.03 -24.94 12.22
C ALA A 524 2.15 -24.09 11.65
N GLN A 525 2.20 -22.80 11.97
CA GLN A 525 3.34 -21.98 11.54
C GLN A 525 4.64 -22.48 12.15
N TYR A 526 4.57 -23.12 13.31
CA TYR A 526 5.76 -23.63 13.99
C TYR A 526 5.61 -25.04 14.52
N ILE A 527 4.43 -25.65 14.45
CA ILE A 527 4.20 -27.01 14.95
C ILE A 527 3.77 -27.88 13.79
N GLU A 528 4.44 -29.02 13.63
CA GLU A 528 4.08 -29.97 12.59
C GLU A 528 2.86 -30.77 13.04
N PHE A 529 1.86 -30.86 12.15
CA PHE A 529 0.63 -31.58 12.42
C PHE A 529 0.45 -32.67 11.38
N SER A 530 0.24 -33.90 11.85
CA SER A 530 -0.02 -35.03 10.96
C SER A 530 -1.51 -35.07 10.63
N LYS A 531 -1.94 -36.15 9.99
CA LYS A 531 -3.35 -36.32 9.70
C LYS A 531 -4.13 -36.47 11.02
N PRO A 532 -5.33 -35.91 11.11
CA PRO A 532 -6.08 -35.97 12.37
C PRO A 532 -6.36 -37.39 12.80
N PHE A 533 -6.18 -37.65 14.10
CA PHE A 533 -6.50 -38.97 14.63
C PHE A 533 -7.99 -39.25 14.54
N LYS A 534 -8.83 -38.26 14.83
CA LYS A 534 -10.26 -38.40 14.74
C LYS A 534 -10.84 -37.14 14.11
N TYR A 535 -12.11 -37.21 13.71
CA TYR A 535 -12.80 -36.06 13.15
C TYR A 535 -13.95 -35.66 14.07
N GLN A 536 -14.26 -34.36 14.08
CA GLN A 536 -15.28 -33.82 14.95
C GLN A 536 -15.75 -32.49 14.37
N GLY A 537 -16.66 -31.84 15.08
CA GLY A 537 -17.15 -30.53 14.68
C GLY A 537 -17.26 -29.57 15.83
N LEU A 538 -18.40 -28.88 15.91
CA LEU A 538 -18.64 -27.93 16.99
C LEU A 538 -20.14 -27.86 17.25
N THR A 539 -20.50 -27.84 18.52
CA THR A 539 -21.91 -27.76 18.92
C THR A 539 -21.98 -27.01 20.25
N ILE A 540 -23.16 -26.98 20.85
CA ILE A 540 -23.36 -26.31 22.13
C ILE A 540 -24.06 -27.28 23.07
N LEU A 541 -23.42 -27.58 24.20
CA LEU A 541 -24.09 -28.31 25.27
C LEU A 541 -25.04 -27.37 25.99
N VAL A 542 -26.27 -27.84 26.22
CA VAL A 542 -27.32 -27.02 26.80
C VAL A 542 -28.28 -27.95 27.54
N LYS A 543 -28.90 -27.42 28.59
CA LYS A 543 -29.85 -28.18 29.41
C LYS A 543 -31.29 -27.92 28.94
N LYS A 544 -31.53 -28.26 27.67
CA LYS A 544 -32.88 -28.18 27.10
C LYS A 544 -33.57 -29.53 27.32
N GLU A 545 -34.41 -29.58 28.35
CA GLU A 545 -35.23 -30.74 28.65
C GLU A 545 -36.64 -30.28 28.99
N ILE A 546 -37.59 -31.21 28.89
CA ILE A 546 -39.00 -30.89 29.10
C ILE A 546 -39.28 -30.48 30.54
N PRO A 547 -38.54 -30.97 31.57
CA PRO A 547 -38.90 -30.35 32.85
C PRO A 547 -38.22 -29.00 33.05
N GLU A 662 -37.39 -21.84 23.00
CA GLU A 662 -36.19 -22.40 22.39
C GLU A 662 -34.98 -21.53 22.69
N ARG A 663 -33.97 -22.13 23.32
CA ARG A 663 -32.75 -21.39 23.64
C ARG A 663 -31.98 -21.06 22.37
N ILE A 664 -31.58 -22.09 21.63
CA ILE A 664 -30.83 -21.94 20.39
C ILE A 664 -31.35 -22.98 19.41
N THR A 665 -31.99 -22.53 18.33
CA THR A 665 -32.47 -23.43 17.30
C THR A 665 -31.39 -23.81 16.29
N GLY A 666 -30.27 -23.11 16.29
CA GLY A 666 -29.21 -23.39 15.34
C GLY A 666 -28.19 -22.27 15.31
N ILE A 667 -27.31 -22.34 14.31
CA ILE A 667 -26.27 -21.33 14.17
C ILE A 667 -26.88 -19.97 13.85
N ASN A 668 -28.06 -19.94 13.22
CA ASN A 668 -28.72 -18.71 12.84
C ASN A 668 -29.66 -18.19 13.91
N ASP A 669 -29.71 -18.81 15.08
CA ASP A 669 -30.60 -18.37 16.13
C ASP A 669 -30.28 -16.94 16.54
N PRO A 670 -31.27 -16.06 16.68
CA PRO A 670 -30.98 -14.68 17.08
C PRO A 670 -30.26 -14.58 18.41
N ARG A 671 -30.53 -15.49 19.34
CA ARG A 671 -29.81 -15.48 20.61
C ARG A 671 -28.32 -15.71 20.41
N LEU A 672 -27.97 -16.61 19.49
CA LEU A 672 -26.57 -16.77 19.12
C LEU A 672 -26.02 -15.51 18.46
N ARG A 673 -26.83 -14.87 17.61
CA ARG A 673 -26.39 -13.65 16.95
C ARG A 673 -26.35 -12.47 17.92
N ASN A 674 -27.38 -12.33 18.76
CA ASN A 674 -27.50 -11.19 19.65
C ASN A 674 -27.16 -11.59 21.08
N PRO A 675 -26.07 -11.10 21.65
CA PRO A 675 -25.75 -11.45 23.04
C PRO A 675 -26.73 -10.84 24.03
N SER A 676 -26.89 -11.50 25.17
CA SER A 676 -27.76 -11.02 26.23
C SER A 676 -27.36 -11.71 27.52
N ASP A 677 -27.84 -11.14 28.64
CA ASP A 677 -27.55 -11.71 29.95
C ASP A 677 -28.47 -12.86 30.32
N LYS A 678 -29.49 -13.14 29.53
CA LYS A 678 -30.36 -14.29 29.80
C LYS A 678 -29.58 -15.59 29.71
N PHE A 679 -28.72 -15.73 28.71
CA PHE A 679 -27.85 -16.88 28.56
C PHE A 679 -26.42 -16.49 28.94
N ILE A 680 -25.64 -17.50 29.31
CA ILE A 680 -24.23 -17.33 29.64
C ILE A 680 -23.44 -18.24 28.70
N TYR A 681 -23.04 -17.70 27.56
CA TYR A 681 -22.20 -18.44 26.64
C TYR A 681 -20.78 -18.51 27.19
N ALA A 682 -20.18 -19.69 27.19
CA ALA A 682 -18.87 -19.89 27.76
C ALA A 682 -18.07 -20.90 26.95
N THR A 683 -16.75 -20.75 26.99
CA THR A 683 -15.81 -21.72 26.45
C THR A 683 -14.63 -21.82 27.40
N VAL A 684 -13.83 -22.86 27.22
CA VAL A 684 -12.64 -23.04 28.04
C VAL A 684 -11.64 -21.95 27.73
N LYS A 685 -11.07 -21.35 28.77
CA LYS A 685 -10.08 -20.29 28.58
C LYS A 685 -8.83 -20.85 27.90
N GLN A 686 -8.24 -20.03 27.02
CA GLN A 686 -7.05 -20.42 26.25
C GLN A 686 -7.31 -21.69 25.46
N SER A 687 -8.30 -21.61 24.56
CA SER A 687 -8.70 -22.73 23.74
C SER A 687 -8.74 -22.32 22.28
N SER A 688 -8.60 -23.32 21.40
CA SER A 688 -8.63 -23.05 19.97
C SER A 688 -9.96 -22.48 19.52
N VAL A 689 -11.06 -22.95 20.13
CA VAL A 689 -12.38 -22.40 19.81
C VAL A 689 -12.46 -20.93 20.21
N ASP A 690 -11.85 -20.58 21.34
CA ASP A 690 -11.85 -19.19 21.77
C ASP A 690 -11.11 -18.30 20.78
N ILE A 691 -9.97 -18.76 20.28
CA ILE A 691 -9.20 -17.98 19.31
C ILE A 691 -9.95 -17.90 17.98
N TYR A 692 -10.62 -18.98 17.60
CA TYR A 692 -11.42 -18.96 16.38
C TYR A 692 -12.56 -17.96 16.48
N PHE A 693 -13.21 -17.89 17.65
CA PHE A 693 -14.25 -16.89 17.85
C PHE A 693 -13.67 -15.49 17.87
N ARG A 694 -12.46 -15.33 18.42
CA ARG A 694 -11.80 -14.03 18.39
C ARG A 694 -11.55 -13.58 16.96
N ARG A 695 -11.08 -14.48 16.10
CA ARG A 695 -10.86 -14.17 14.71
C ARG A 695 -12.13 -14.27 13.87
N GLN A 696 -13.24 -14.72 14.46
CA GLN A 696 -14.49 -14.82 13.71
C GLN A 696 -15.09 -13.43 13.51
N VAL A 697 -15.29 -13.05 12.25
CA VAL A 697 -15.84 -11.74 11.96
C VAL A 697 -17.34 -11.72 12.25
N CYS A 698 -17.88 -10.51 12.37
CA CYS A 698 -19.30 -10.25 12.61
C CYS A 698 -19.79 -10.83 13.94
N LEU A 699 -18.89 -11.32 14.78
CA LEU A 699 -19.28 -11.89 16.07
C LEU A 699 -18.34 -11.44 17.18
N SER A 700 -17.85 -10.20 17.12
CA SER A 700 -17.04 -9.67 18.20
C SER A 700 -17.85 -9.57 19.49
N THR A 701 -19.18 -9.46 19.38
CA THR A 701 -20.03 -9.54 20.56
C THR A 701 -19.90 -10.89 21.25
N MET A 702 -19.82 -11.97 20.45
CA MET A 702 -19.58 -13.28 21.03
C MET A 702 -18.22 -13.34 21.71
N TYR A 703 -17.20 -12.67 21.14
CA TYR A 703 -15.90 -12.63 21.78
C TYR A 703 -15.96 -11.90 23.12
N ARG A 704 -16.71 -10.79 23.16
CA ARG A 704 -16.89 -10.09 24.43
C ARG A 704 -17.63 -10.95 25.44
N HIS A 705 -18.63 -11.70 24.98
CA HIS A 705 -19.35 -12.62 25.86
C HIS A 705 -18.41 -13.68 26.40
N MET A 706 -17.52 -14.20 25.57
CA MET A 706 -16.49 -15.13 26.03
C MET A 706 -15.62 -14.48 27.09
N GLU A 707 -15.12 -13.27 26.81
CA GLU A 707 -14.20 -12.61 27.73
C GLU A 707 -14.85 -12.36 29.08
N LYS A 708 -16.14 -12.02 29.09
CA LYS A 708 -16.84 -11.75 30.34
C LYS A 708 -17.46 -12.99 30.98
N HIS A 709 -17.48 -14.13 30.27
CA HIS A 709 -18.15 -15.31 30.82
C HIS A 709 -17.44 -16.62 30.54
N ASN A 710 -16.16 -16.61 30.18
CA ASN A 710 -15.46 -17.85 29.87
C ASN A 710 -15.34 -18.73 31.11
N TYR A 711 -15.45 -20.05 30.89
CA TYR A 711 -15.25 -21.02 31.95
C TYR A 711 -13.79 -21.46 31.96
N GLU A 712 -13.23 -21.59 33.18
CA GLU A 712 -11.82 -21.94 33.31
C GLU A 712 -11.52 -23.35 32.84
N SER A 713 -12.53 -24.22 32.72
CA SER A 713 -12.30 -25.59 32.30
C SER A 713 -13.58 -26.13 31.67
N ALA A 714 -13.42 -27.23 30.93
CA ALA A 714 -14.59 -27.89 30.34
C ALA A 714 -15.42 -28.61 31.38
N ALA A 715 -14.78 -29.18 32.41
CA ALA A 715 -15.52 -29.90 33.44
C ALA A 715 -16.43 -28.98 34.22
N GLU A 716 -15.93 -27.79 34.59
CA GLU A 716 -16.76 -26.85 35.34
C GLU A 716 -17.92 -26.35 34.48
N ALA A 717 -17.68 -26.11 33.19
CA ALA A 717 -18.76 -25.70 32.30
C ALA A 717 -19.81 -26.80 32.17
N ILE A 718 -19.37 -28.06 32.05
CA ILE A 718 -20.31 -29.17 31.96
C ILE A 718 -21.14 -29.28 33.23
N GLN A 719 -20.48 -29.13 34.38
CA GLN A 719 -21.21 -29.19 35.65
C GLN A 719 -22.23 -28.05 35.75
N ALA A 720 -21.84 -26.85 35.33
CA ALA A 720 -22.74 -25.71 35.40
C ALA A 720 -23.94 -25.89 34.47
N VAL A 721 -23.71 -26.40 33.26
CA VAL A 721 -24.81 -26.65 32.34
C VAL A 721 -25.72 -27.76 32.87
N ARG A 722 -25.13 -28.78 33.49
CA ARG A 722 -25.92 -29.90 33.99
C ARG A 722 -26.88 -29.44 35.08
N ASP A 723 -26.43 -28.55 35.97
CA ASP A 723 -27.25 -28.03 37.04
C ASP A 723 -27.71 -26.60 36.79
N ASN A 724 -27.67 -26.14 35.55
CA ASN A 724 -28.33 -24.94 35.05
C ASN A 724 -27.66 -23.63 35.45
N LYS A 725 -26.45 -23.66 36.01
CA LYS A 725 -25.73 -22.39 36.15
C LYS A 725 -25.38 -21.79 34.80
N LEU A 726 -24.90 -22.61 33.87
CA LEU A 726 -24.50 -22.13 32.55
C LEU A 726 -25.59 -22.50 31.55
N HIS A 727 -26.09 -21.49 30.83
CA HIS A 727 -27.18 -21.74 29.89
C HIS A 727 -26.69 -22.42 28.63
N ALA A 728 -25.44 -22.20 28.23
CA ALA A 728 -24.92 -22.79 27.01
C ALA A 728 -23.41 -22.88 27.11
N PHE A 729 -22.85 -23.95 26.52
CA PHE A 729 -21.41 -24.16 26.50
C PHE A 729 -21.01 -24.60 25.11
N ILE A 730 -20.37 -23.70 24.36
CA ILE A 730 -19.89 -24.05 23.02
C ILE A 730 -18.66 -24.94 23.14
N TRP A 731 -18.70 -26.08 22.48
CA TRP A 731 -17.64 -27.08 22.66
C TRP A 731 -17.63 -28.01 21.46
N ASP A 732 -16.53 -28.75 21.32
CA ASP A 732 -16.35 -29.62 20.16
C ASP A 732 -17.43 -30.70 20.14
N SER A 733 -17.80 -31.11 18.92
CA SER A 733 -18.96 -31.96 18.74
C SER A 733 -18.77 -33.32 19.43
N ALA A 734 -17.64 -33.97 19.18
CA ALA A 734 -17.46 -35.35 19.65
C ALA A 734 -17.41 -35.41 21.17
N VAL A 735 -16.57 -34.59 21.79
CA VAL A 735 -16.40 -34.66 23.25
C VAL A 735 -17.68 -34.24 23.96
N LEU A 736 -18.29 -33.14 23.51
CA LEU A 736 -19.52 -32.69 24.14
C LEU A 736 -20.64 -33.71 23.99
N GLU A 737 -20.75 -34.32 22.80
CA GLU A 737 -21.77 -35.34 22.59
C GLU A 737 -21.53 -36.55 23.48
N PHE A 738 -20.28 -36.98 23.61
CA PHE A 738 -19.98 -38.12 24.47
C PHE A 738 -20.30 -37.80 25.93
N GLU A 739 -19.95 -36.60 26.38
CA GLU A 739 -20.23 -36.22 27.76
C GLU A 739 -21.73 -36.15 28.01
N ALA A 740 -22.49 -35.58 27.07
CA ALA A 740 -23.93 -35.50 27.22
C ALA A 740 -24.56 -36.90 27.25
N SER A 741 -24.08 -37.80 26.40
CA SER A 741 -24.59 -39.17 26.42
C SER A 741 -24.24 -39.87 27.73
N GLN A 742 -23.01 -39.67 28.22
CA GLN A 742 -22.54 -40.39 29.39
C GLN A 742 -23.27 -39.93 30.65
N LYS A 743 -23.35 -38.61 30.86
CA LYS A 743 -23.95 -38.09 32.08
C LYS A 743 -25.43 -37.81 31.94
N CYS A 744 -25.99 -37.93 30.74
CA CYS A 744 -27.39 -37.64 30.42
C CYS A 744 -27.82 -36.29 31.00
N ASP A 745 -29.12 -36.12 31.24
CA ASP A 745 -29.69 -34.89 31.79
C ASP A 745 -29.30 -33.65 31.00
N LEU A 746 -28.82 -33.83 29.76
CA LEU A 746 -28.32 -32.72 28.96
C LEU A 746 -28.55 -33.04 27.49
N VAL A 747 -28.51 -31.99 26.66
CA VAL A 747 -28.70 -32.14 25.23
C VAL A 747 -27.66 -31.29 24.51
N THR A 748 -27.44 -31.59 23.24
CA THR A 748 -26.52 -30.85 22.39
C THR A 748 -27.29 -30.25 21.22
N THR A 749 -27.03 -28.98 20.94
CA THR A 749 -27.68 -28.27 19.84
C THR A 749 -26.64 -27.75 18.86
N GLY A 750 -27.10 -27.48 17.65
CA GLY A 750 -26.21 -26.99 16.60
C GLY A 750 -25.48 -28.13 15.91
N GLU A 751 -25.49 -28.13 14.59
CA GLU A 751 -24.81 -29.16 13.82
C GLU A 751 -23.32 -28.83 13.71
N LEU A 752 -22.60 -29.66 12.97
CA LEU A 752 -21.15 -29.51 12.81
C LEU A 752 -20.88 -28.31 11.89
N PHE A 753 -21.06 -27.11 12.44
CA PHE A 753 -20.85 -25.91 11.65
C PHE A 753 -19.38 -25.61 11.41
N PHE A 754 -18.47 -26.28 12.15
CA PHE A 754 -17.02 -26.13 11.92
C PHE A 754 -16.43 -27.53 11.98
N ARG A 755 -16.34 -28.18 10.82
CA ARG A 755 -15.73 -29.50 10.76
C ARG A 755 -14.23 -29.39 10.92
N SER A 756 -13.66 -30.23 11.77
CA SER A 756 -12.23 -30.21 12.04
C SER A 756 -11.80 -31.60 12.51
N GLY A 757 -10.54 -31.72 12.87
CA GLY A 757 -9.99 -32.99 13.30
C GLY A 757 -9.04 -32.83 14.45
N PHE A 758 -8.95 -33.89 15.25
CA PHE A 758 -7.98 -33.99 16.35
C PHE A 758 -6.83 -34.87 15.87
N GLY A 759 -5.64 -34.28 15.80
CA GLY A 759 -4.46 -35.00 15.36
C GLY A 759 -3.32 -34.92 16.35
N ILE A 760 -2.09 -34.95 15.84
CA ILE A 760 -0.91 -34.91 16.68
C ILE A 760 -0.12 -33.65 16.37
N GLY A 761 0.61 -33.16 17.37
CA GLY A 761 1.45 -32.00 17.20
C GLY A 761 2.87 -32.26 17.65
N MET A 762 3.84 -32.02 16.77
CA MET A 762 5.24 -32.26 17.07
C MET A 762 6.05 -31.02 16.70
N ARG A 763 7.33 -31.05 17.06
CA ARG A 763 8.22 -29.95 16.72
C ARG A 763 8.35 -29.82 15.22
N LYS A 764 8.70 -28.61 14.77
CA LYS A 764 8.80 -28.35 13.34
C LYS A 764 9.81 -29.27 12.69
N ASP A 765 9.42 -29.85 11.55
CA ASP A 765 10.27 -30.77 10.78
C ASP A 765 10.71 -31.97 11.62
N SER A 766 9.79 -32.51 12.40
CA SER A 766 10.07 -33.71 13.17
C SER A 766 10.04 -34.93 12.24
N PRO A 767 11.13 -35.69 12.14
CA PRO A 767 11.12 -36.84 11.21
C PRO A 767 10.09 -37.89 11.55
N TRP A 768 9.82 -38.12 12.84
CA TRP A 768 8.89 -39.18 13.23
C TRP A 768 7.45 -38.85 12.91
N LYS A 769 7.10 -37.56 12.82
CA LYS A 769 5.71 -37.16 12.62
C LYS A 769 5.13 -37.79 11.37
N GLN A 770 5.90 -37.80 10.28
CA GLN A 770 5.47 -38.45 9.06
C GLN A 770 5.05 -39.89 9.34
N ASN A 771 5.92 -40.65 10.01
CA ASN A 771 5.58 -42.01 10.40
C ASN A 771 4.28 -42.03 11.19
N VAL A 772 4.16 -41.11 12.15
CA VAL A 772 2.94 -41.00 12.95
C VAL A 772 1.75 -40.81 12.03
N SER A 773 1.88 -39.93 11.03
CA SER A 773 0.80 -39.73 10.07
C SER A 773 0.41 -41.06 9.44
N LEU A 774 1.39 -41.82 8.97
CA LEU A 774 1.09 -43.14 8.43
C LEU A 774 0.41 -44.01 9.47
N SER A 775 0.94 -43.98 10.70
CA SER A 775 0.30 -44.73 11.78
C SER A 775 -1.15 -44.32 11.95
N ILE A 776 -1.43 -43.02 11.82
CA ILE A 776 -2.82 -42.55 11.89
C ILE A 776 -3.66 -43.28 10.87
N LEU A 777 -3.20 -43.34 9.62
CA LEU A 777 -3.92 -44.09 8.61
C LEU A 777 -4.06 -45.55 9.02
N LYS A 778 -3.01 -46.13 9.60
CA LYS A 778 -3.09 -47.49 10.08
C LYS A 778 -4.24 -47.64 11.07
N SER A 779 -4.38 -46.69 11.98
CA SER A 779 -5.51 -46.73 12.91
C SER A 779 -6.83 -46.68 12.15
N HIS A 780 -6.92 -45.77 11.17
CA HIS A 780 -8.11 -45.73 10.33
C HIS A 780 -8.28 -47.03 9.55
N GLU A 781 -7.17 -47.70 9.22
CA GLU A 781 -7.27 -49.03 8.65
C GLU A 781 -7.62 -50.06 9.71
N ASN A 782 -7.06 -49.91 10.91
CA ASN A 782 -7.28 -50.89 11.96
C ASN A 782 -8.52 -50.60 12.79
N GLY A 783 -9.10 -49.41 12.65
CA GLY A 783 -10.25 -49.06 13.45
C GLY A 783 -9.97 -48.86 14.91
N PHE A 784 -8.69 -48.79 15.31
CA PHE A 784 -8.34 -48.76 16.72
C PHE A 784 -8.98 -47.59 17.44
N MET A 785 -9.09 -46.44 16.76
CA MET A 785 -9.75 -45.29 17.35
C MET A 785 -11.20 -45.62 17.72
N GLU A 786 -12.00 -45.97 16.72
CA GLU A 786 -13.37 -46.37 17.01
C GLU A 786 -13.45 -47.67 17.79
N ASP A 787 -12.41 -48.50 17.74
CA ASP A 787 -12.38 -49.67 18.62
C ASP A 787 -12.42 -49.25 20.08
N LEU A 788 -11.51 -48.35 20.48
CA LEU A 788 -11.53 -47.84 21.85
C LEU A 788 -12.81 -47.05 22.12
N ASP A 789 -13.33 -46.35 21.11
CA ASP A 789 -14.60 -45.64 21.27
C ASP A 789 -15.71 -46.60 21.68
N LYS A 790 -16.02 -47.57 20.81
CA LYS A 790 -17.02 -48.57 21.14
C LYS A 790 -16.69 -49.33 22.41
N THR A 791 -15.40 -49.41 22.77
CA THR A 791 -15.02 -50.07 24.02
C THR A 791 -15.52 -49.29 25.23
N TRP A 792 -15.25 -47.98 25.27
CA TRP A 792 -15.51 -47.24 26.51
C TRP A 792 -16.04 -45.83 26.28
N VAL A 793 -16.74 -45.58 25.17
CA VAL A 793 -17.22 -44.22 24.93
C VAL A 793 -18.73 -44.17 24.78
N ARG A 794 -19.28 -44.85 23.78
CA ARG A 794 -20.64 -44.61 23.32
C ARG A 794 -21.56 -45.79 23.57
N TYR A 795 -21.46 -46.40 24.75
CA TYR A 795 -22.42 -47.45 25.11
C TYR A 795 -22.93 -47.38 26.54
N GLN A 796 -22.20 -46.77 27.48
CA GLN A 796 -22.68 -46.64 28.85
C GLN A 796 -23.31 -45.26 29.04
N GLU A 797 -24.45 -45.07 28.38
CA GLU A 797 -25.17 -43.81 28.37
C GLU A 797 -26.17 -43.78 29.52
N CYS A 798 -26.33 -42.59 30.11
CA CYS A 798 -27.29 -42.38 31.19
C CYS A 798 -28.71 -42.26 30.67
N ASN B 52 45.53 11.94 48.78
CA ASN B 52 45.55 11.05 47.63
C ASN B 52 44.40 11.35 46.69
N VAL B 53 44.20 12.63 46.39
CA VAL B 53 43.15 13.08 45.48
C VAL B 53 43.79 13.96 44.42
N ALA B 54 43.49 13.69 43.15
CA ALA B 54 44.02 14.45 42.04
C ALA B 54 42.88 14.97 41.17
N LEU B 55 43.01 16.20 40.71
CA LEU B 55 42.02 16.84 39.85
C LEU B 55 42.66 17.22 38.54
N VAL B 56 42.03 16.83 37.43
CA VAL B 56 42.52 17.14 36.09
C VAL B 56 41.47 18.00 35.40
N PHE B 57 41.94 19.03 34.71
CA PHE B 57 41.03 20.00 34.10
C PHE B 57 41.67 20.59 32.86
N SER B 58 40.83 21.19 32.02
CA SER B 58 41.27 21.87 30.81
C SER B 58 40.99 23.36 30.82
N GLY B 59 40.29 23.87 31.83
CA GLY B 59 40.01 25.28 31.94
C GLY B 59 40.84 25.95 33.01
N PRO B 60 41.84 26.74 32.59
CA PRO B 60 42.72 27.40 33.57
C PRO B 60 41.99 28.34 34.50
N ALA B 61 40.96 29.04 34.02
CA ALA B 61 40.22 29.98 34.85
C ALA B 61 39.54 29.31 36.03
N TYR B 62 39.28 28.00 35.95
CA TYR B 62 38.70 27.23 37.04
C TYR B 62 39.76 26.72 38.01
N ALA B 63 40.97 27.27 37.96
CA ALA B 63 42.05 26.76 38.81
C ALA B 63 41.80 27.07 40.28
N ALA B 64 41.71 28.36 40.62
CA ALA B 64 41.60 28.74 42.02
C ALA B 64 40.36 28.15 42.67
N GLU B 65 39.22 28.19 41.97
CA GLU B 65 37.99 27.60 42.50
C GLU B 65 38.19 26.12 42.77
N ALA B 66 38.96 25.43 41.93
CA ALA B 66 39.23 24.02 42.16
C ALA B 66 39.96 23.79 43.48
N ALA B 67 40.77 24.77 43.90
CA ALA B 67 41.46 24.68 45.17
C ALA B 67 40.61 25.15 46.35
N ARG B 68 39.43 25.72 46.07
CA ARG B 68 38.56 26.23 47.13
C ARG B 68 37.24 25.49 47.21
N LEU B 69 36.52 25.37 46.09
CA LEU B 69 35.25 24.64 46.11
C LEU B 69 35.47 23.15 46.31
N GLY B 70 36.58 22.61 45.79
CA GLY B 70 36.89 21.21 45.92
C GLY B 70 36.96 20.70 47.35
N PRO B 71 37.81 21.32 48.18
CA PRO B 71 37.93 20.84 49.57
C PRO B 71 36.66 20.95 50.39
N ALA B 72 35.69 21.77 49.96
CA ALA B 72 34.45 21.93 50.71
C ALA B 72 33.62 20.64 50.74
N VAL B 73 33.85 19.72 49.80
CA VAL B 73 33.12 18.46 49.75
C VAL B 73 34.14 17.34 49.65
N ALA B 74 35.37 17.61 50.11
CA ALA B 74 36.47 16.68 50.01
C ALA B 74 36.96 16.28 51.40
N ALA B 75 38.10 15.58 51.44
CA ALA B 75 38.64 15.04 52.68
C ALA B 75 38.78 16.10 53.78
N ALA B 76 38.81 17.38 53.41
CA ALA B 76 38.75 18.43 54.43
C ALA B 76 37.46 18.36 55.23
N VAL B 77 36.39 17.82 54.62
CA VAL B 77 35.13 17.60 55.32
C VAL B 77 34.67 16.15 55.23
N ARG B 78 35.41 15.29 54.54
CA ARG B 78 35.00 13.91 54.30
C ARG B 78 35.84 12.96 55.15
N SER B 79 35.17 11.99 55.78
CA SER B 79 35.84 11.05 56.67
C SER B 79 36.92 10.20 55.98
N PRO B 80 36.69 9.61 54.79
CA PRO B 80 37.67 8.65 54.27
C PRO B 80 39.07 9.20 54.09
N GLY B 81 39.23 10.52 54.03
CA GLY B 81 40.58 11.08 54.03
C GLY B 81 41.36 10.71 55.26
N LEU B 82 40.71 10.72 56.42
CA LEU B 82 41.29 10.28 57.69
C LEU B 82 42.57 11.05 58.02
N ASP B 83 43.71 10.44 57.74
CA ASP B 83 44.99 11.08 58.01
C ASP B 83 45.34 12.11 56.94
N PRO B 86 45.53 14.67 50.70
CA PRO B 86 45.87 15.88 49.94
C PRO B 86 45.20 15.92 48.57
N VAL B 87 44.91 17.12 48.10
CA VAL B 87 44.27 17.33 46.80
C VAL B 87 45.32 17.81 45.81
N ALA B 88 45.31 17.23 44.62
CA ALA B 88 46.26 17.56 43.57
C ALA B 88 45.51 18.10 42.36
N LEU B 89 46.13 19.06 41.68
CA LEU B 89 45.55 19.70 40.50
C LEU B 89 46.48 19.50 39.31
N VAL B 90 45.94 18.98 38.21
CA VAL B 90 46.69 18.77 36.98
C VAL B 90 46.40 19.97 36.09
N LEU B 91 47.39 20.86 35.94
CA LEU B 91 47.20 22.06 35.14
C LEU B 91 47.17 21.77 33.65
N ASN B 92 47.71 20.64 33.22
CA ASN B 92 47.76 20.32 31.79
C ASN B 92 46.36 19.99 31.28
N GLY B 93 45.94 20.65 30.21
CA GLY B 93 44.66 20.38 29.60
C GLY B 93 44.72 20.45 28.09
N SER B 94 45.93 20.26 27.53
CA SER B 94 46.15 20.35 26.10
C SER B 94 46.51 19.00 25.48
N ASP B 95 47.54 18.34 25.99
CA ASP B 95 47.98 17.07 25.43
C ASP B 95 48.02 16.00 26.51
N PRO B 96 47.73 14.75 26.15
CA PRO B 96 47.73 13.68 27.16
C PRO B 96 49.10 13.15 27.51
N ARG B 97 50.10 13.37 26.66
CA ARG B 97 51.44 12.86 26.94
C ARG B 97 51.97 13.40 28.25
N SER B 98 52.13 14.73 28.34
CA SER B 98 52.57 15.33 29.60
C SER B 98 51.54 15.09 30.71
N LEU B 99 50.26 15.01 30.36
CA LEU B 99 49.25 14.72 31.37
C LEU B 99 49.45 13.33 31.96
N VAL B 100 49.68 12.33 31.11
CA VAL B 100 49.92 10.98 31.61
C VAL B 100 51.23 10.92 32.40
N LEU B 101 52.24 11.68 31.95
CA LEU B 101 53.50 11.73 32.68
C LEU B 101 53.28 12.28 34.09
N GLN B 102 52.51 13.37 34.20
CA GLN B 102 52.23 13.94 35.51
C GLN B 102 51.40 13.00 36.37
N LEU B 103 50.45 12.28 35.76
CA LEU B 103 49.66 11.33 36.51
C LEU B 103 50.53 10.20 37.07
N CYS B 104 51.46 9.68 36.26
CA CYS B 104 52.37 8.66 36.75
C CYS B 104 53.27 9.20 37.84
N ASP B 105 53.73 10.45 37.70
CA ASP B 105 54.55 11.06 38.75
C ASP B 105 53.78 11.16 40.05
N LEU B 106 52.52 11.59 39.99
CA LEU B 106 51.71 11.69 41.20
C LEU B 106 51.46 10.33 41.81
N LEU B 107 51.20 9.32 40.97
CA LEU B 107 50.99 7.96 41.47
C LEU B 107 52.23 7.44 42.18
N SER B 108 53.41 7.68 41.60
CA SER B 108 54.65 7.29 42.26
C SER B 108 54.86 8.06 43.55
N GLY B 109 54.49 9.33 43.57
CA GLY B 109 54.69 10.17 44.75
C GLY B 109 53.81 9.82 45.92
N LEU B 110 52.49 10.05 45.79
CA LEU B 110 51.59 9.87 46.91
C LEU B 110 50.51 8.82 46.67
N ARG B 111 50.51 8.15 45.51
CA ARG B 111 49.56 7.09 45.19
C ARG B 111 48.11 7.59 45.33
N VAL B 112 47.76 8.53 44.46
CA VAL B 112 46.41 9.08 44.45
C VAL B 112 45.41 7.96 44.22
N HIS B 113 44.36 7.93 45.03
CA HIS B 113 43.32 6.92 44.88
C HIS B 113 42.30 7.32 43.82
N GLY B 114 41.67 8.48 44.00
CA GLY B 114 40.66 8.97 43.09
C GLY B 114 41.15 10.18 42.32
N VAL B 115 41.06 10.09 40.99
CA VAL B 115 41.45 11.18 40.10
C VAL B 115 40.29 11.47 39.16
N VAL B 116 39.99 12.74 38.96
CA VAL B 116 38.87 13.20 38.15
C VAL B 116 39.39 14.14 37.08
N PHE B 117 38.95 13.93 35.84
CA PHE B 117 39.30 14.79 34.73
C PHE B 117 38.05 15.50 34.21
N GLU B 118 38.12 16.83 34.15
CA GLU B 118 37.04 17.65 33.62
C GLU B 118 37.45 18.16 32.25
N ASP B 119 36.58 17.96 31.26
CA ASP B 119 36.85 18.35 29.88
C ASP B 119 36.17 19.67 29.57
N ASP B 120 36.96 20.65 29.14
CA ASP B 120 36.39 21.95 28.79
C ASP B 120 35.56 21.85 27.52
N SER B 121 36.07 21.17 26.50
CA SER B 121 35.40 21.03 25.22
C SER B 121 34.63 19.74 25.08
N ARG B 122 34.61 18.90 26.12
CA ARG B 122 33.91 17.61 26.10
C ARG B 122 34.39 16.74 24.93
N ALA B 123 35.69 16.74 24.69
CA ALA B 123 36.25 15.97 23.58
C ALA B 123 36.21 14.49 23.91
N PRO B 124 35.63 13.65 23.04
CA PRO B 124 35.58 12.21 23.33
C PRO B 124 36.83 11.44 22.96
N ALA B 125 37.75 12.04 22.19
CA ALA B 125 38.95 11.34 21.77
C ALA B 125 39.91 11.06 22.93
N VAL B 126 39.76 11.77 24.05
CA VAL B 126 40.66 11.57 25.18
C VAL B 126 40.26 10.38 26.02
N ALA B 127 38.98 10.00 26.01
CA ALA B 127 38.52 8.88 26.82
C ALA B 127 39.29 7.57 26.57
N PRO B 128 39.63 7.19 25.33
CA PRO B 128 40.48 6.00 25.16
C PRO B 128 41.81 6.11 25.88
N ILE B 129 42.39 7.31 25.97
CA ILE B 129 43.62 7.49 26.74
C ILE B 129 43.37 7.18 28.21
N LEU B 130 42.24 7.64 28.75
CA LEU B 130 41.89 7.32 30.13
C LEU B 130 41.71 5.83 30.33
N ASP B 131 41.05 5.16 29.37
CA ASP B 131 40.87 3.71 29.47
C ASP B 131 42.21 3.00 29.45
N PHE B 132 43.12 3.43 28.56
CA PHE B 132 44.44 2.82 28.50
C PHE B 132 45.21 3.02 29.81
N LEU B 133 45.13 4.22 30.37
CA LEU B 133 45.82 4.49 31.64
C LEU B 133 45.24 3.65 32.76
N SER B 134 43.91 3.52 32.80
CA SER B 134 43.28 2.71 33.84
C SER B 134 43.67 1.24 33.71
N ALA B 135 43.73 0.74 32.47
CA ALA B 135 44.19 -0.63 32.26
C ALA B 135 45.65 -0.80 32.64
N GLN B 136 46.46 0.24 32.42
CA GLN B 136 47.88 0.14 32.73
C GLN B 136 48.15 0.18 34.24
N THR B 137 47.44 1.02 34.97
CA THR B 137 47.74 1.26 36.38
C THR B 137 46.68 0.74 37.34
N SER B 138 45.58 0.19 36.84
CA SER B 138 44.48 -0.31 37.67
C SER B 138 43.95 0.79 38.60
N LEU B 139 44.00 2.03 38.13
CA LEU B 139 43.62 3.18 38.96
C LEU B 139 42.19 3.58 38.64
N PRO B 140 41.29 3.60 39.63
CA PRO B 140 39.95 4.14 39.39
C PRO B 140 40.02 5.61 38.99
N ILE B 141 39.22 5.97 37.98
CA ILE B 141 39.26 7.32 37.41
C ILE B 141 37.82 7.79 37.21
N VAL B 142 37.68 9.11 37.07
CA VAL B 142 36.40 9.74 36.80
C VAL B 142 36.57 10.70 35.63
N ALA B 143 35.59 10.71 34.73
CA ALA B 143 35.58 11.61 33.58
C ALA B 143 34.28 12.41 33.61
N VAL B 144 34.40 13.72 33.84
CA VAL B 144 33.23 14.59 33.94
C VAL B 144 33.31 15.65 32.86
N HIS B 145 32.15 16.24 32.55
CA HIS B 145 32.03 17.31 31.55
C HIS B 145 32.55 16.88 30.19
N GLY B 146 32.39 15.60 29.86
CA GLY B 146 32.86 15.08 28.59
C GLY B 146 31.75 14.39 27.83
N GLY B 147 31.80 14.52 26.51
CA GLY B 147 30.80 13.85 25.67
C GLY B 147 30.90 12.34 25.75
N ALA B 148 32.12 11.82 25.87
CA ALA B 148 32.32 10.38 25.96
C ALA B 148 31.87 9.81 27.30
N ALA B 149 31.57 10.65 28.30
CA ALA B 149 31.05 10.15 29.56
C ALA B 149 29.71 9.46 29.36
N LEU B 150 28.85 10.02 28.51
CA LEU B 150 27.60 9.35 28.18
C LEU B 150 27.82 8.16 27.26
N VAL B 151 28.95 8.10 26.57
CA VAL B 151 29.24 7.00 25.65
C VAL B 151 29.80 5.84 26.47
N LEU B 152 29.10 4.72 26.46
CA LEU B 152 29.51 3.53 27.23
C LEU B 152 30.45 2.70 26.38
N THR B 153 31.69 3.17 26.28
CA THR B 153 32.71 2.45 25.54
C THR B 153 33.07 1.16 26.26
N PRO B 154 33.17 0.03 25.55
CA PRO B 154 33.58 -1.21 26.21
C PRO B 154 35.04 -1.19 26.61
N LYS B 155 35.30 -1.07 27.91
CA LYS B 155 36.66 -0.92 28.40
C LYS B 155 37.33 -2.28 28.54
N GLU B 156 38.63 -2.25 28.84
CA GLU B 156 39.39 -3.47 29.06
C GLU B 156 38.95 -4.11 30.38
N LYS B 157 39.22 -5.42 30.50
CA LYS B 157 38.75 -6.17 31.66
C LYS B 157 39.27 -5.59 32.97
N GLY B 158 40.55 -5.24 33.02
CA GLY B 158 41.10 -4.60 34.19
C GLY B 158 40.90 -3.10 34.26
N SER B 159 40.29 -2.51 33.23
CA SER B 159 40.07 -1.07 33.20
C SER B 159 38.97 -0.67 34.17
N THR B 160 39.12 0.51 34.77
CA THR B 160 38.16 1.06 35.73
C THR B 160 37.79 2.48 35.33
N PHE B 161 37.40 2.65 34.07
CA PHE B 161 37.09 3.97 33.54
C PHE B 161 36.04 4.68 34.38
N LEU B 162 34.91 4.02 34.63
CA LEU B 162 33.86 4.51 35.53
C LEU B 162 33.52 5.97 35.26
N GLN B 163 33.03 6.23 34.05
CA GLN B 163 32.71 7.59 33.63
C GLN B 163 31.53 8.14 34.42
N LEU B 164 31.51 9.47 34.59
CA LEU B 164 30.40 10.11 35.28
C LEU B 164 29.10 9.94 34.51
N GLY B 165 29.14 10.10 33.20
CA GLY B 165 27.93 10.00 32.40
C GLY B 165 27.39 8.59 32.38
N SER B 166 26.07 8.49 32.20
CA SER B 166 25.37 7.22 32.16
C SER B 166 25.12 6.82 30.70
N SER B 167 24.45 5.69 30.52
CA SER B 167 24.16 5.18 29.18
C SER B 167 23.19 6.11 28.46
N THR B 168 23.45 6.33 27.17
CA THR B 168 22.53 7.11 26.35
C THR B 168 21.18 6.42 26.18
N GLU B 169 21.12 5.11 26.41
CA GLU B 169 19.85 4.40 26.34
C GLU B 169 18.90 4.85 27.43
N GLN B 170 19.42 5.25 28.59
CA GLN B 170 18.56 5.79 29.64
C GLN B 170 17.95 7.12 29.23
N GLN B 171 18.75 7.98 28.59
CA GLN B 171 18.19 9.23 28.04
C GLN B 171 17.17 8.92 26.95
N LEU B 172 17.44 7.89 26.14
CA LEU B 172 16.50 7.49 25.10
C LEU B 172 15.19 7.03 25.70
N GLN B 173 15.24 6.26 26.79
CA GLN B 173 14.01 5.80 27.42
C GLN B 173 13.28 6.95 28.13
N VAL B 174 14.02 7.96 28.61
CA VAL B 174 13.37 9.15 29.14
C VAL B 174 12.61 9.87 28.02
N ILE B 175 13.25 10.02 26.86
CA ILE B 175 12.58 10.64 25.72
C ILE B 175 11.36 9.82 25.31
N PHE B 176 11.47 8.49 25.36
CA PHE B 176 10.35 7.65 25.00
C PHE B 176 9.21 7.76 26.00
N GLU B 177 9.54 7.91 27.28
CA GLU B 177 8.50 8.17 28.29
C GLU B 177 7.80 9.49 28.01
N VAL B 178 8.57 10.53 27.66
CA VAL B 178 7.97 11.81 27.31
C VAL B 178 7.05 11.65 26.11
N LEU B 179 7.48 10.88 25.11
CA LEU B 179 6.65 10.63 23.94
C LEU B 179 5.35 9.92 24.33
N GLU B 180 5.47 8.81 25.08
CA GLU B 180 4.29 8.09 25.53
C GLU B 180 3.35 9.00 26.30
N GLU B 181 3.90 9.98 27.03
CA GLU B 181 3.06 11.02 27.63
C GLU B 181 2.37 11.85 26.56
N TYR B 182 3.09 12.16 25.47
CA TYR B 182 2.58 13.09 24.46
C TYR B 182 2.29 12.43 23.12
N ASP B 183 3.28 11.80 22.49
CA ASP B 183 3.16 11.29 21.14
C ASP B 183 3.35 9.77 21.12
N TRP B 184 2.35 9.07 20.59
CA TRP B 184 2.35 7.61 20.57
C TRP B 184 2.90 7.03 19.28
N THR B 185 3.49 7.85 18.41
CA THR B 185 4.04 7.37 17.17
C THR B 185 5.29 8.18 16.83
N SER B 186 6.43 7.50 16.73
CA SER B 186 7.67 8.15 16.34
C SER B 186 7.75 8.23 14.82
N PHE B 187 7.93 9.45 14.30
CA PHE B 187 7.90 9.64 12.84
C PHE B 187 9.24 9.27 12.20
N VAL B 188 10.29 10.02 12.51
CA VAL B 188 11.59 9.80 11.90
C VAL B 188 12.64 9.68 13.00
N ALA B 189 13.45 8.63 12.91
CA ALA B 189 14.63 8.46 13.75
C ALA B 189 15.83 8.84 12.90
N VAL B 190 16.35 10.05 13.14
CA VAL B 190 17.49 10.56 12.37
C VAL B 190 18.78 10.00 12.96
N THR B 191 19.60 9.40 12.12
CA THR B 191 20.80 8.72 12.60
C THR B 191 21.89 8.84 11.54
N THR B 192 23.13 9.05 12.01
CA THR B 192 24.30 9.09 11.16
C THR B 192 25.06 7.77 11.27
N ARG B 193 26.24 7.72 10.66
CA ARG B 193 27.10 6.54 10.71
C ARG B 193 27.97 6.49 11.96
N ALA B 194 27.60 7.23 13.00
CA ALA B 194 28.38 7.25 14.23
C ALA B 194 28.30 5.89 14.92
N PRO B 195 29.32 5.53 15.70
CA PRO B 195 29.26 4.26 16.44
C PRO B 195 28.10 4.24 17.42
N GLY B 196 27.56 3.05 17.64
CA GLY B 196 26.39 2.89 18.48
C GLY B 196 25.07 3.14 17.79
N HIS B 197 25.09 3.43 16.49
CA HIS B 197 23.85 3.66 15.75
C HIS B 197 22.99 2.40 15.71
N ARG B 198 23.62 1.23 15.55
CA ARG B 198 22.87 -0.02 15.58
C ARG B 198 22.23 -0.25 16.94
N ALA B 199 22.96 0.05 18.01
CA ALA B 199 22.39 -0.07 19.35
C ALA B 199 21.22 0.89 19.53
N PHE B 200 21.35 2.12 19.02
CA PHE B 200 20.26 3.08 19.10
C PHE B 200 19.03 2.56 18.35
N LEU B 201 19.23 2.00 17.16
CA LEU B 201 18.11 1.46 16.39
C LEU B 201 17.45 0.30 17.12
N SER B 202 18.27 -0.61 17.68
CA SER B 202 17.70 -1.72 18.44
C SER B 202 16.90 -1.24 19.64
N TYR B 203 17.43 -0.25 20.36
CA TYR B 203 16.75 0.25 21.54
C TYR B 203 15.43 0.93 21.18
N ILE B 204 15.43 1.75 20.12
CA ILE B 204 14.18 2.42 19.75
C ILE B 204 13.17 1.40 19.24
N GLU B 205 13.63 0.38 18.50
CA GLU B 205 12.72 -0.65 18.04
C GLU B 205 12.11 -1.41 19.21
N VAL B 206 12.93 -1.77 20.20
CA VAL B 206 12.43 -2.49 21.37
C VAL B 206 11.42 -1.64 22.13
N LEU B 207 11.76 -0.35 22.34
CA LEU B 207 10.86 0.53 23.08
C LEU B 207 9.53 0.71 22.36
N THR B 208 9.57 0.92 21.05
CA THR B 208 8.34 1.11 20.29
C THR B 208 7.50 -0.16 20.25
N ASP B 209 8.14 -1.32 20.13
CA ASP B 209 7.38 -2.57 20.12
C ASP B 209 6.76 -2.86 21.47
N GLY B 210 7.48 -2.55 22.56
CA GLY B 210 6.94 -2.82 23.89
C GLY B 210 5.73 -1.97 24.21
N SER B 211 5.77 -0.68 23.87
CA SER B 211 4.69 0.26 24.19
C SER B 211 3.72 0.44 23.02
N LEU B 212 3.89 -0.31 21.94
CA LEU B 212 3.02 -0.22 20.76
C LEU B 212 3.00 1.21 20.20
N VAL B 213 4.18 1.65 19.76
CA VAL B 213 4.37 2.97 19.18
C VAL B 213 4.73 2.81 17.72
N GLY B 214 3.98 3.49 16.85
CA GLY B 214 4.18 3.35 15.41
C GLY B 214 5.46 3.99 14.94
N TRP B 215 5.84 3.61 13.70
CA TRP B 215 7.03 4.12 13.06
C TRP B 215 6.68 4.67 11.68
N GLU B 216 7.45 5.65 11.25
CA GLU B 216 7.25 6.22 9.92
C GLU B 216 8.54 6.27 9.09
N HIS B 217 9.69 6.52 9.71
CA HIS B 217 10.92 6.64 8.94
C HIS B 217 12.13 6.40 9.84
N ARG B 218 13.12 5.70 9.30
CA ARG B 218 14.42 5.52 9.93
C ARG B 218 15.44 6.22 9.02
N GLY B 219 15.67 7.51 9.27
CA GLY B 219 16.52 8.31 8.42
C GLY B 219 17.99 8.14 8.73
N ALA B 220 18.57 7.04 8.25
CA ALA B 220 20.00 6.80 8.39
C ALA B 220 20.74 7.64 7.36
N LEU B 221 21.07 8.88 7.74
CA LEU B 221 21.72 9.78 6.82
C LEU B 221 23.18 9.39 6.62
N THR B 222 23.78 9.90 5.56
CA THR B 222 25.17 9.62 5.23
C THR B 222 26.10 10.31 6.22
N ALA B 230 21.38 19.75 1.41
CA ALA B 230 21.04 19.87 0.00
C ALA B 230 20.30 18.63 -0.49
N VAL B 231 21.04 17.73 -1.14
CA VAL B 231 20.44 16.48 -1.62
C VAL B 231 19.94 15.65 -0.46
N LEU B 232 20.74 15.54 0.61
CA LEU B 232 20.30 14.82 1.80
C LEU B 232 19.10 15.52 2.43
N SER B 233 19.12 16.84 2.48
CA SER B 233 17.97 17.58 3.01
C SER B 233 16.74 17.36 2.15
N ALA B 234 16.91 17.34 0.82
CA ALA B 234 15.77 17.08 -0.06
C ALA B 234 15.21 15.68 0.15
N GLN B 235 16.09 14.69 0.33
CA GLN B 235 15.62 13.33 0.60
C GLN B 235 14.89 13.25 1.93
N LEU B 236 15.38 13.97 2.95
CA LEU B 236 14.68 14.02 4.22
C LEU B 236 13.30 14.66 4.07
N ARG B 237 13.20 15.72 3.27
CA ARG B 237 11.91 16.36 3.02
C ARG B 237 10.97 15.47 2.22
N SER B 238 11.50 14.44 1.56
CA SER B 238 10.67 13.55 0.75
C SER B 238 9.82 12.61 1.60
N VAL B 239 10.03 12.55 2.90
CA VAL B 239 9.31 11.66 3.80
C VAL B 239 8.43 12.50 4.71
N SER B 240 7.18 12.08 4.87
CA SER B 240 6.22 12.78 5.73
C SER B 240 6.58 12.49 7.19
N ALA B 241 7.52 13.28 7.70
CA ALA B 241 8.07 13.10 9.05
C ALA B 241 7.71 14.30 9.91
N GLN B 242 7.23 14.04 11.12
CA GLN B 242 6.85 15.08 12.06
C GLN B 242 7.75 15.12 13.28
N ILE B 243 7.87 14.00 14.00
CA ILE B 243 8.69 13.93 15.19
C ILE B 243 10.07 13.42 14.81
N ARG B 244 11.10 14.22 15.03
CA ARG B 244 12.46 13.89 14.65
C ARG B 244 13.26 13.57 15.90
N LEU B 245 13.57 12.28 16.09
CA LEU B 245 14.43 11.83 17.17
C LEU B 245 15.83 11.69 16.58
N LEU B 246 16.67 12.69 16.79
CA LEU B 246 17.99 12.73 16.17
C LEU B 246 19.04 12.21 17.13
N PHE B 247 19.93 11.35 16.64
CA PHE B 247 21.05 10.82 17.40
C PHE B 247 22.28 10.99 16.51
N CYS B 248 22.92 12.16 16.60
CA CYS B 248 24.05 12.48 15.75
C CYS B 248 25.06 13.28 16.55
N ALA B 249 26.32 13.16 16.14
CA ALA B 249 27.39 13.93 16.78
C ALA B 249 27.31 15.39 16.38
N ARG B 250 27.76 16.26 17.28
CA ARG B 250 27.63 17.70 17.05
C ARG B 250 28.47 18.15 15.86
N GLU B 251 29.75 17.74 15.83
CA GLU B 251 30.66 18.24 14.81
C GLU B 251 30.25 17.79 13.41
N GLU B 252 29.91 16.51 13.25
CA GLU B 252 29.59 16.00 11.93
C GLU B 252 28.23 16.49 11.44
N ALA B 253 27.26 16.63 12.35
CA ALA B 253 25.92 17.00 11.96
C ALA B 253 25.67 18.50 11.99
N GLU B 254 26.64 19.30 12.45
CA GLU B 254 26.44 20.75 12.47
C GLU B 254 26.08 21.29 11.09
N PRO B 255 26.77 20.94 10.00
CA PRO B 255 26.24 21.29 8.68
C PRO B 255 24.88 20.67 8.42
N VAL B 256 24.62 19.48 8.95
CA VAL B 256 23.31 18.86 8.77
C VAL B 256 22.25 19.65 9.55
N PHE B 257 22.58 20.13 10.75
CA PHE B 257 21.64 21.00 11.46
C PHE B 257 21.37 22.28 10.68
N ARG B 258 22.42 22.89 10.13
CA ARG B 258 22.22 24.11 9.35
C ARG B 258 21.35 23.85 8.12
N ALA B 259 21.60 22.74 7.43
CA ALA B 259 20.81 22.40 6.25
C ALA B 259 19.36 22.14 6.62
N ALA B 260 19.12 21.39 7.71
CA ALA B 260 17.76 21.13 8.15
C ALA B 260 17.04 22.41 8.53
N GLU B 261 17.76 23.34 9.15
CA GLU B 261 17.19 24.66 9.43
C GLU B 261 16.85 25.38 8.12
N GLU B 262 17.68 25.22 7.09
CA GLU B 262 17.46 25.86 5.81
C GLU B 262 16.63 25.02 4.84
N ALA B 263 16.28 23.80 5.18
CA ALA B 263 15.51 22.93 4.31
C ALA B 263 14.01 23.01 4.55
N GLY B 264 13.56 23.90 5.44
CA GLY B 264 12.16 23.98 5.78
C GLY B 264 11.70 23.00 6.83
N LEU B 265 12.63 22.27 7.46
CA LEU B 265 12.29 21.33 8.53
C LEU B 265 11.93 22.02 9.84
N THR B 266 11.79 23.35 9.82
CA THR B 266 11.34 24.11 10.97
C THR B 266 9.82 24.32 10.97
N GLY B 267 9.08 23.44 10.31
CA GLY B 267 7.65 23.57 10.23
C GLY B 267 6.95 23.18 11.51
N SER B 268 5.62 23.38 11.52
CA SER B 268 4.83 23.05 12.69
C SER B 268 4.86 21.55 12.97
N GLY B 269 4.62 20.73 11.95
CA GLY B 269 4.66 19.30 12.15
C GLY B 269 6.06 18.79 12.47
N TYR B 270 7.05 19.30 11.75
CA TYR B 270 8.43 18.85 11.92
C TYR B 270 8.95 19.30 13.28
N VAL B 271 9.08 18.36 14.21
CA VAL B 271 9.59 18.62 15.55
C VAL B 271 10.82 17.76 15.77
N TRP B 272 11.91 18.38 16.22
CA TRP B 272 13.18 17.71 16.41
C TRP B 272 13.50 17.60 17.89
N PHE B 273 14.00 16.42 18.30
CA PHE B 273 14.41 16.17 19.67
C PHE B 273 15.86 15.68 19.66
N MET B 274 16.70 16.33 20.45
CA MET B 274 18.13 16.01 20.49
C MET B 274 18.42 14.99 21.59
N VAL B 275 19.67 14.53 21.63
CA VAL B 275 20.10 13.52 22.58
C VAL B 275 21.34 13.98 23.32
N GLY B 276 21.85 13.13 24.21
CA GLY B 276 23.03 13.43 25.00
C GLY B 276 24.29 13.64 24.19
N PRO B 277 24.59 12.73 23.25
CA PRO B 277 25.78 12.93 22.40
C PRO B 277 25.75 14.21 21.59
N GLN B 278 24.59 14.84 21.43
CA GLN B 278 24.50 16.12 20.73
C GLN B 278 24.94 17.23 21.68
N LEU B 279 24.67 18.48 21.30
CA LEU B 279 25.09 19.63 22.10
C LEU B 279 24.38 19.72 23.44
N ALA B 280 23.33 18.92 23.66
CA ALA B 280 22.61 18.96 24.92
C ALA B 280 23.52 18.59 26.09
N GLY B 281 24.35 17.57 25.92
CA GLY B 281 25.24 17.16 26.99
C GLY B 281 26.24 18.25 27.33
N GLY B 282 26.54 18.36 28.62
CA GLY B 282 27.45 19.38 29.10
C GLY B 282 26.74 20.66 29.48
N GLY B 283 26.96 21.12 30.71
CA GLY B 283 26.31 22.33 31.18
C GLY B 283 27.28 23.40 31.67
N GLY B 284 26.74 24.45 32.28
CA GLY B 284 27.57 25.53 32.77
C GLY B 284 27.50 26.78 31.89
N SER B 285 28.61 27.12 31.24
CA SER B 285 28.62 28.27 30.35
C SER B 285 27.70 28.06 29.15
N GLY B 286 27.69 26.85 28.60
CA GLY B 286 26.81 26.54 27.49
C GLY B 286 27.48 25.71 26.41
N ALA B 287 26.71 25.30 25.40
CA ALA B 287 27.24 24.52 24.30
C ALA B 287 27.47 25.44 23.10
N PRO B 288 28.71 25.68 22.68
CA PRO B 288 28.96 26.64 21.60
C PRO B 288 28.26 26.28 20.29
N GLY B 289 28.52 25.08 19.78
CA GLY B 289 27.91 24.68 18.51
C GLY B 289 28.31 25.61 17.39
N GLU B 290 27.32 26.16 16.70
CA GLU B 290 27.57 27.09 15.62
C GLU B 290 27.53 28.53 16.12
N LEU B 294 27.16 29.92 22.80
CA LEU B 294 27.03 28.87 23.80
C LEU B 294 25.60 28.68 24.30
N PRO B 295 24.86 29.76 24.61
CA PRO B 295 23.45 29.55 25.00
C PRO B 295 22.54 29.27 23.80
N GLY B 296 22.52 28.01 23.38
CA GLY B 296 21.63 27.58 22.31
C GLY B 296 22.28 26.69 21.28
N GLY B 297 23.55 26.91 21.00
CA GLY B 297 24.25 26.09 20.02
C GLY B 297 23.65 26.23 18.63
N ALA B 298 23.23 25.11 18.07
CA ALA B 298 22.64 25.11 16.74
C ALA B 298 21.28 25.81 16.75
N PRO B 299 20.87 26.39 15.62
CA PRO B 299 19.57 27.05 15.56
C PRO B 299 18.43 26.08 15.83
N LEU B 300 17.41 26.56 16.53
CA LEU B 300 16.27 25.74 16.89
C LEU B 300 15.33 25.59 15.69
N PRO B 301 15.03 24.37 15.24
CA PRO B 301 14.05 24.17 14.16
C PRO B 301 12.60 24.30 14.62
N ALA B 302 12.31 25.39 15.34
CA ALA B 302 10.96 25.74 15.79
C ALA B 302 10.36 24.62 16.65
N GLY B 303 10.99 24.42 17.80
CA GLY B 303 10.53 23.43 18.74
C GLY B 303 11.52 22.34 19.05
N LEU B 304 12.81 22.68 19.03
CA LEU B 304 13.85 21.71 19.33
C LEU B 304 13.75 21.25 20.78
N PHE B 305 13.90 19.95 20.99
CA PHE B 305 13.91 19.35 22.31
C PHE B 305 15.23 18.62 22.53
N ALA B 306 15.58 18.42 23.80
CA ALA B 306 16.83 17.77 24.13
C ALA B 306 16.76 17.21 25.54
N VAL B 307 17.71 16.32 25.85
CA VAL B 307 17.84 15.74 27.18
C VAL B 307 19.31 15.76 27.57
N ARG B 308 19.57 15.90 28.87
CA ARG B 308 20.94 15.96 29.36
C ARG B 308 20.95 15.48 30.81
N SER B 309 22.17 15.38 31.34
CA SER B 309 22.35 14.97 32.72
C SER B 309 21.97 16.10 33.67
N ALA B 310 21.88 15.77 34.96
CA ALA B 310 21.51 16.75 35.96
C ALA B 310 22.54 17.86 36.12
N GLY B 311 23.74 17.68 35.57
CA GLY B 311 24.78 18.70 35.61
C GLY B 311 24.64 19.78 34.58
N TRP B 312 23.52 19.84 33.86
CA TRP B 312 23.32 20.88 32.86
C TRP B 312 23.30 22.26 33.52
N ARG B 313 22.66 22.37 34.68
CA ARG B 313 22.66 23.61 35.44
C ARG B 313 23.50 23.56 36.70
N ASP B 314 23.87 22.38 37.18
CA ASP B 314 24.71 22.27 38.36
C ASP B 314 26.15 22.71 38.04
N ASP B 315 26.84 23.17 39.06
CA ASP B 315 28.21 23.62 38.90
C ASP B 315 29.13 22.46 38.54
N LEU B 316 30.06 22.72 37.64
CA LEU B 316 31.05 21.70 37.28
C LEU B 316 31.94 21.37 38.47
N ALA B 317 32.38 22.40 39.21
CA ALA B 317 33.22 22.16 40.37
C ALA B 317 32.47 21.38 41.45
N ARG B 318 31.20 21.69 41.67
CA ARG B 318 30.42 20.95 42.65
C ARG B 318 30.20 19.51 42.21
N ARG B 319 30.04 19.27 40.91
CA ARG B 319 29.92 17.90 40.42
C ARG B 319 31.22 17.14 40.61
N VAL B 320 32.35 17.79 40.37
CA VAL B 320 33.65 17.15 40.61
C VAL B 320 33.80 16.82 42.08
N ALA B 321 33.42 17.74 42.96
CA ALA B 321 33.51 17.49 44.40
C ALA B 321 32.61 16.33 44.81
N ALA B 322 31.39 16.28 44.25
CA ALA B 322 30.49 15.17 44.56
C ALA B 322 31.07 13.85 44.09
N GLY B 323 31.66 13.82 42.90
CA GLY B 323 32.30 12.59 42.43
C GLY B 323 33.46 12.17 43.31
N VAL B 324 34.27 13.13 43.75
CA VAL B 324 35.38 12.83 44.65
C VAL B 324 34.85 12.26 45.96
N ALA B 325 33.78 12.85 46.49
CA ALA B 325 33.19 12.35 47.73
C ALA B 325 32.65 10.94 47.54
N VAL B 326 32.03 10.66 46.39
CA VAL B 326 31.52 9.32 46.12
C VAL B 326 32.66 8.31 46.05
N VAL B 327 33.76 8.68 45.38
CA VAL B 327 34.92 7.80 45.29
C VAL B 327 35.49 7.53 46.68
N ALA B 328 35.60 8.57 47.50
CA ALA B 328 36.11 8.40 48.85
C ALA B 328 35.21 7.50 49.69
N ARG B 329 33.89 7.69 49.58
CA ARG B 329 32.96 6.85 50.33
C ARG B 329 33.04 5.40 49.89
N GLY B 330 33.17 5.17 48.58
CA GLY B 330 33.35 3.80 48.11
C GLY B 330 34.64 3.18 48.60
N ALA B 331 35.73 3.94 48.59
CA ALA B 331 37.00 3.45 49.10
C ALA B 331 36.89 3.12 50.59
N GLN B 332 36.18 3.96 51.35
CA GLN B 332 35.96 3.67 52.77
C GLN B 332 35.16 2.39 52.94
N ALA B 333 34.01 2.29 52.25
CA ALA B 333 33.15 1.11 52.38
C ALA B 333 33.84 -0.15 51.92
N LEU B 334 34.87 -0.04 51.09
CA LEU B 334 35.67 -1.22 50.75
C LEU B 334 36.69 -1.51 51.84
N LEU B 335 37.61 -0.58 52.09
CA LEU B 335 38.76 -0.85 52.94
C LEU B 335 38.36 -0.99 54.41
N ARG B 336 37.71 0.04 54.97
CA ARG B 336 37.41 0.03 56.39
C ARG B 336 36.47 -1.12 56.76
N ASP B 337 35.47 -1.38 55.91
CA ASP B 337 34.60 -2.52 56.14
C ASP B 337 35.36 -3.84 55.99
N TYR B 338 36.31 -3.90 55.06
CA TYR B 338 37.15 -5.08 54.93
C TYR B 338 38.36 -5.05 55.85
N GLY B 339 38.62 -3.92 56.50
CA GLY B 339 39.75 -3.81 57.40
C GLY B 339 41.10 -3.94 56.73
N PHE B 340 41.17 -3.71 55.42
CA PHE B 340 42.38 -3.89 54.65
C PHE B 340 43.10 -2.55 54.49
N LEU B 341 44.14 -2.55 53.67
CA LEU B 341 44.95 -1.38 53.36
C LEU B 341 45.01 -1.18 51.86
N PRO B 342 45.22 0.05 51.39
CA PRO B 342 45.23 0.29 49.95
C PRO B 342 46.44 -0.34 49.26
N GLU B 343 46.19 -1.41 48.50
CA GLU B 343 47.23 -2.13 47.76
C GLU B 343 46.74 -2.28 46.32
N LEU B 344 47.03 -1.28 45.49
CA LEU B 344 46.62 -1.30 44.10
C LEU B 344 47.82 -1.07 43.18
N GLY B 345 47.55 -0.89 41.89
CA GLY B 345 48.62 -0.57 40.95
C GLY B 345 49.27 0.75 41.26
N HIS B 346 50.51 0.72 41.76
CA HIS B 346 51.20 1.91 42.20
C HIS B 346 52.36 2.29 41.27
N ASP B 347 52.34 1.83 40.04
CA ASP B 347 53.39 2.14 39.09
C ASP B 347 52.79 2.23 37.69
N CYS B 348 53.43 3.06 36.85
CA CYS B 348 53.03 3.22 35.45
C CYS B 348 53.92 2.43 34.51
N ARG B 349 54.42 1.28 34.94
CA ARG B 349 55.29 0.42 34.15
C ARG B 349 54.62 -0.95 33.96
N ALA B 350 55.36 -1.88 33.39
CA ALA B 350 54.85 -3.21 33.08
C ALA B 350 55.18 -4.17 34.22
N GLN B 351 54.16 -4.79 34.78
CA GLN B 351 54.33 -5.78 35.85
C GLN B 351 53.18 -6.76 35.79
N ASN B 352 53.26 -7.80 36.63
CA ASN B 352 52.21 -8.81 36.67
C ASN B 352 50.89 -8.23 37.17
N ARG B 353 50.95 -7.33 38.16
CA ARG B 353 49.74 -6.77 38.74
C ARG B 353 48.90 -5.99 37.72
N THR B 354 49.50 -5.57 36.61
CA THR B 354 48.76 -4.88 35.57
C THR B 354 47.77 -5.80 34.85
N HIS B 355 47.87 -7.11 35.04
CA HIS B 355 46.97 -8.04 34.38
C HIS B 355 45.65 -8.23 35.13
N ARG B 356 45.48 -7.59 36.28
CA ARG B 356 44.28 -7.72 37.09
C ARG B 356 43.63 -6.36 37.29
N GLY B 357 42.33 -6.39 37.52
CA GLY B 357 41.59 -5.16 37.77
C GLY B 357 40.17 -5.48 38.19
N GLU B 358 39.49 -4.45 38.68
CA GLU B 358 38.12 -4.59 39.16
C GLU B 358 37.45 -3.24 39.16
N SER B 359 36.12 -3.26 39.27
CA SER B 359 35.30 -2.06 39.32
C SER B 359 34.72 -1.92 40.72
N LEU B 360 34.88 -0.75 41.32
CA LEU B 360 34.41 -0.49 42.67
C LEU B 360 32.92 -0.22 42.75
N HIS B 361 32.18 -0.47 41.67
CA HIS B 361 30.73 -0.30 41.69
C HIS B 361 30.07 -1.23 42.71
N ARG B 362 30.75 -2.31 43.11
CA ARG B 362 30.23 -3.19 44.15
C ARG B 362 30.28 -2.55 45.53
N TYR B 363 30.93 -1.39 45.67
CA TYR B 363 30.98 -0.67 46.93
C TYR B 363 30.38 0.73 46.80
N PHE B 364 29.51 0.95 45.82
CA PHE B 364 28.94 2.27 45.57
C PHE B 364 27.45 2.36 45.82
N MET B 365 26.73 1.24 45.90
CA MET B 365 25.30 1.29 46.14
C MET B 365 24.96 1.82 47.53
N ASN B 366 25.91 1.77 48.47
CA ASN B 366 25.72 2.28 49.81
C ASN B 366 25.94 3.79 49.91
N ILE B 367 25.94 4.49 48.78
CA ILE B 367 26.22 5.92 48.73
C ILE B 367 25.01 6.63 48.14
N THR B 368 24.58 7.71 48.79
CA THR B 368 23.53 8.57 48.28
C THR B 368 23.84 10.02 48.67
N TRP B 369 23.58 10.94 47.75
CA TRP B 369 23.89 12.35 47.99
C TRP B 369 23.15 13.20 46.96
N ASP B 370 22.62 14.33 47.43
CA ASP B 370 21.93 15.30 46.57
C ASP B 370 20.79 14.66 45.79
N ASN B 371 20.08 13.75 46.45
CA ASN B 371 18.96 13.02 45.85
C ASN B 371 19.39 12.26 44.59
N ARG B 372 20.61 11.75 44.59
CA ARG B 372 21.15 10.99 43.47
C ARG B 372 21.55 9.61 43.96
N ASP B 373 21.08 8.58 43.27
CA ASP B 373 21.52 7.23 43.54
C ASP B 373 22.97 7.06 43.09
N TYR B 374 23.62 6.03 43.64
CA TYR B 374 25.00 5.76 43.25
C TYR B 374 25.27 4.26 43.09
N SER B 375 24.24 3.46 42.85
CA SER B 375 24.41 2.03 42.58
C SER B 375 24.88 1.88 41.13
N PHE B 376 26.15 2.18 40.92
CA PHE B 376 26.71 2.17 39.58
C PHE B 376 26.84 0.75 39.05
N ASN B 377 26.92 0.64 37.73
CA ASN B 377 26.96 -0.65 37.04
C ASN B 377 28.40 -1.08 36.79
N GLU B 378 28.55 -2.26 36.18
CA GLU B 378 29.88 -2.77 35.88
C GLU B 378 30.60 -1.87 34.88
N ASP B 379 29.87 -1.36 33.88
CA ASP B 379 30.45 -0.49 32.87
C ASP B 379 30.70 0.92 33.36
N GLY B 380 30.61 1.16 34.67
CA GLY B 380 30.87 2.47 35.22
C GLY B 380 29.87 3.53 34.83
N PHE B 381 28.58 3.19 34.79
CA PHE B 381 27.53 4.16 34.54
C PHE B 381 26.47 4.04 35.63
N LEU B 382 25.87 5.17 35.98
CA LEU B 382 24.90 5.20 37.07
C LEU B 382 23.58 4.58 36.64
N VAL B 383 23.06 3.68 37.47
CA VAL B 383 21.74 3.13 37.29
C VAL B 383 20.75 3.99 38.05
N ASN B 384 19.60 4.27 37.42
CA ASN B 384 18.58 5.16 37.95
C ASN B 384 19.18 6.55 38.19
N PRO B 385 19.52 7.29 37.14
CA PRO B 385 20.09 8.62 37.33
C PRO B 385 19.03 9.71 37.34
N SER B 386 19.45 10.96 37.51
CA SER B 386 18.56 12.11 37.41
C SER B 386 18.94 12.90 36.16
N LEU B 387 17.97 13.10 35.28
CA LEU B 387 18.20 13.78 34.01
C LEU B 387 17.24 14.95 33.87
N VAL B 388 17.57 15.86 32.96
CA VAL B 388 16.76 17.05 32.71
C VAL B 388 16.44 17.11 31.23
N VAL B 389 15.16 17.31 30.91
CA VAL B 389 14.71 17.53 29.54
C VAL B 389 14.48 19.01 29.33
N ILE B 390 14.98 19.53 28.20
CA ILE B 390 15.04 20.96 27.93
C ILE B 390 14.51 21.22 26.53
N SER B 391 14.15 22.47 26.29
CA SER B 391 13.64 22.92 25.00
C SER B 391 14.38 24.16 24.55
N LEU B 392 14.69 24.23 23.26
CA LEU B 392 15.30 25.41 22.65
C LEU B 392 14.18 26.27 22.10
N THR B 393 13.74 27.23 22.90
CA THR B 393 12.59 28.04 22.55
C THR B 393 12.94 29.03 21.44
N ARG B 394 11.96 29.85 21.05
CA ARG B 394 12.17 30.83 20.00
C ARG B 394 13.18 31.91 20.40
N ASP B 395 13.41 32.09 21.70
CA ASP B 395 14.38 33.05 22.21
C ASP B 395 15.82 32.58 22.03
N ARG B 396 16.03 31.47 21.33
CA ARG B 396 17.38 30.92 21.10
C ARG B 396 18.08 30.63 22.42
N THR B 397 17.32 30.17 23.41
CA THR B 397 17.85 29.78 24.70
C THR B 397 17.23 28.46 25.13
N TRP B 398 17.98 27.71 25.94
CA TRP B 398 17.54 26.40 26.39
C TRP B 398 16.68 26.58 27.64
N GLU B 399 15.39 26.27 27.52
CA GLU B 399 14.48 26.32 28.64
C GLU B 399 14.65 25.04 29.47
N VAL B 400 13.73 24.81 30.41
CA VAL B 400 13.75 23.61 31.24
C VAL B 400 12.37 22.97 31.11
N VAL B 401 12.26 21.93 30.29
CA VAL B 401 11.00 21.22 30.15
C VAL B 401 10.65 20.50 31.46
N GLY B 402 11.63 19.83 32.06
CA GLY B 402 11.39 19.17 33.32
C GLY B 402 12.53 18.25 33.69
N SER B 403 12.25 17.39 34.67
CA SER B 403 13.25 16.47 35.20
C SER B 403 12.68 15.05 35.27
N TRP B 404 13.58 14.08 35.16
CA TRP B 404 13.25 12.67 35.28
C TRP B 404 14.15 12.03 36.31
N GLU B 405 13.55 11.27 37.24
CA GLU B 405 14.30 10.58 38.26
C GLU B 405 13.44 9.47 38.85
N GLN B 406 14.03 8.29 39.02
CA GLN B 406 13.34 7.13 39.57
C GLN B 406 12.09 6.79 38.77
N GLN B 407 12.19 6.88 37.45
CA GLN B 407 11.08 6.61 36.53
C GLN B 407 9.89 7.53 36.81
N THR B 408 10.17 8.71 37.37
CA THR B 408 9.16 9.71 37.69
C THR B 408 9.50 11.01 36.99
N LEU B 409 8.49 11.65 36.41
CA LEU B 409 8.66 12.86 35.62
C LEU B 409 8.05 14.03 36.37
N ARG B 410 8.85 15.06 36.64
CA ARG B 410 8.37 16.34 37.15
C ARG B 410 8.47 17.31 35.99
N LEU B 411 7.33 17.60 35.36
CA LEU B 411 7.29 18.31 34.10
C LEU B 411 6.34 19.50 34.20
N LYS B 412 6.26 20.25 33.11
CA LYS B 412 5.24 21.28 32.94
C LYS B 412 3.88 20.59 32.76
N TYR B 413 2.81 21.39 32.84
CA TYR B 413 1.43 20.92 32.69
C TYR B 413 1.32 19.92 31.54
N PRO B 414 0.99 18.67 31.84
CA PRO B 414 1.09 17.60 30.83
C PRO B 414 -0.10 17.51 29.90
N LEU B 415 -0.91 18.57 29.83
CA LEU B 415 -2.07 18.57 28.94
C LEU B 415 -1.63 18.32 27.51
N TRP B 416 -2.41 17.50 26.80
CA TRP B 416 -2.10 17.11 25.43
C TRP B 416 -3.37 17.32 24.58
N SER B 417 -3.42 18.46 23.90
CA SER B 417 -4.40 18.70 22.83
C SER B 417 -3.59 19.28 21.66
N ARG B 418 -3.00 18.39 20.87
CA ARG B 418 -1.98 18.78 19.88
C ARG B 418 -0.87 19.58 20.55
N TYR B 419 -0.60 19.28 21.81
CA TYR B 419 0.31 20.06 22.64
C TYR B 419 1.73 19.49 22.54
N GLY B 420 2.60 19.91 23.44
CA GLY B 420 4.01 19.56 23.37
C GLY B 420 4.78 20.65 22.67
N ARG B 421 5.05 20.47 21.39
CA ARG B 421 5.58 21.55 20.58
C ARG B 421 4.48 22.58 20.35
N PHE B 422 4.78 23.85 20.64
CA PHE B 422 3.76 24.89 20.52
C PHE B 422 3.32 25.08 19.08
N LEU B 423 4.16 24.72 18.11
CA LEU B 423 3.77 24.68 16.71
C LEU B 423 2.95 23.41 16.50
N GLN B 424 1.64 23.54 16.75
CA GLN B 424 0.75 22.39 16.76
C GLN B 424 0.56 21.83 15.36
N PRO B 425 0.24 20.54 15.24
CA PRO B 425 0.03 19.93 13.93
C PRO B 425 -1.36 20.20 13.37
N VAL B 426 -2.04 21.21 13.92
CA VAL B 426 -3.41 21.50 13.51
C VAL B 426 -3.49 21.77 12.02
N ASP B 427 -2.50 22.48 11.48
CA ASP B 427 -2.46 22.72 10.03
C ASP B 427 -2.35 21.42 9.26
N ASP B 428 -1.49 20.49 9.71
CA ASP B 428 -1.34 19.22 9.03
C ASP B 428 -2.57 18.33 9.22
N THR B 429 -3.04 18.22 10.46
CA THR B 429 -4.20 17.40 10.79
C THR B 429 -5.26 18.31 11.40
N GLN B 430 -6.42 18.38 10.74
CA GLN B 430 -7.46 19.31 11.15
C GLN B 430 -7.97 18.97 12.55
N HIS B 431 -8.11 20.00 13.38
CA HIS B 431 -8.63 19.87 14.73
C HIS B 431 -9.97 20.57 14.84
N LEU B 432 -10.97 19.87 15.37
CA LEU B 432 -12.32 20.38 15.49
C LEU B 432 -12.67 20.58 16.95
N THR B 433 -13.25 21.74 17.27
CA THR B 433 -13.69 22.05 18.63
C THR B 433 -15.02 21.34 18.85
N VAL B 434 -14.95 20.09 19.32
CA VAL B 434 -16.13 19.25 19.46
C VAL B 434 -16.81 19.60 20.77
N ALA B 435 -17.83 20.45 20.71
CA ALA B 435 -18.60 20.80 21.89
C ALA B 435 -19.59 19.69 22.22
N THR B 436 -19.67 19.34 23.51
CA THR B 436 -20.46 18.20 23.94
C THR B 436 -21.11 18.52 25.28
N LEU B 437 -22.27 17.91 25.52
CA LEU B 437 -23.01 18.06 26.76
C LEU B 437 -23.28 16.69 27.37
N GLU B 438 -23.30 16.65 28.71
CA GLU B 438 -23.57 15.40 29.42
C GLU B 438 -25.07 15.09 29.37
N GLU B 439 -25.39 13.84 29.06
CA GLU B 439 -26.77 13.44 28.82
C GLU B 439 -26.85 11.92 29.02
N ARG B 440 -27.92 11.31 28.48
CA ARG B 440 -28.17 9.87 28.51
C ARG B 440 -26.93 9.10 28.07
N PRO B 441 -26.82 7.79 28.42
CA PRO B 441 -25.55 7.07 28.22
C PRO B 441 -24.98 7.11 26.81
N PHE B 442 -25.73 7.66 25.84
CA PHE B 442 -25.13 7.91 24.54
C PHE B 442 -23.97 8.89 24.65
N VAL B 443 -24.00 9.77 25.66
CA VAL B 443 -22.86 10.60 26.05
C VAL B 443 -22.84 10.61 27.58
N ILE B 444 -21.88 9.89 28.16
CA ILE B 444 -21.79 9.74 29.60
C ILE B 444 -20.43 10.25 30.07
N VAL B 445 -20.44 11.16 31.03
CA VAL B 445 -19.21 11.71 31.61
C VAL B 445 -18.91 10.95 32.90
N GLU B 446 -17.62 10.81 33.19
CA GLU B 446 -17.15 10.09 34.37
C GLU B 446 -15.95 10.83 34.94
N PRO B 447 -15.75 10.76 36.25
CA PRO B 447 -14.59 11.41 36.86
C PRO B 447 -13.28 10.76 36.42
N ALA B 448 -12.24 11.57 36.38
CA ALA B 448 -10.91 11.09 35.99
C ALA B 448 -10.33 10.17 37.06
N ILE B 456 -10.59 5.81 33.50
CA ILE B 456 -11.17 4.68 32.81
C ILE B 456 -10.80 4.73 31.33
N ARG B 457 -10.27 3.63 30.80
CA ARG B 457 -9.79 3.58 29.44
C ARG B 457 -10.97 3.52 28.46
N ASP B 458 -10.63 3.54 27.17
CA ASP B 458 -11.60 3.51 26.07
C ASP B 458 -12.54 4.71 26.09
N SER B 459 -12.18 5.77 26.83
CA SER B 459 -12.98 6.97 26.94
C SER B 459 -12.15 8.18 26.56
N VAL B 460 -12.76 9.08 25.81
CA VAL B 460 -12.03 10.27 25.35
C VAL B 460 -11.79 11.21 26.52
N PRO B 461 -10.57 11.70 26.73
CA PRO B 461 -10.36 12.68 27.80
C PRO B 461 -10.98 14.02 27.45
N CYS B 462 -12.09 14.35 28.10
CA CYS B 462 -12.82 15.58 27.83
C CYS B 462 -12.54 16.60 28.93
N ARG B 463 -12.12 17.79 28.52
CA ARG B 463 -11.80 18.87 29.45
C ARG B 463 -13.07 19.67 29.72
N SER B 464 -13.35 19.91 31.01
CA SER B 464 -14.52 20.69 31.40
C SER B 464 -14.06 22.09 31.78
N GLN B 465 -14.05 22.97 30.79
CA GLN B 465 -13.67 24.37 30.99
C GLN B 465 -14.87 25.24 31.39
N LEU B 466 -15.49 24.88 32.50
CA LEU B 466 -16.60 25.66 33.02
C LEU B 466 -16.13 27.03 33.47
N ASN B 467 -16.96 28.04 33.25
CA ASN B 467 -16.62 29.41 33.62
C ASN B 467 -17.10 29.73 35.04
N LYS B 481 -11.30 17.77 32.88
CA LYS B 481 -10.35 16.68 32.71
C LYS B 481 -11.03 15.33 32.93
N ARG B 482 -12.35 15.31 32.82
CA ARG B 482 -13.12 14.08 32.99
C ARG B 482 -12.91 13.16 31.80
N CYS B 483 -13.54 11.99 31.84
CA CYS B 483 -13.50 11.04 30.74
C CYS B 483 -14.91 10.85 30.20
N CYS B 484 -15.08 11.06 28.89
CA CYS B 484 -16.38 11.00 28.24
C CYS B 484 -16.46 9.76 27.35
N LYS B 485 -17.54 9.01 27.48
CA LYS B 485 -17.74 7.77 26.73
C LYS B 485 -19.22 7.55 26.54
N GLY B 486 -19.61 7.10 25.35
CA GLY B 486 -21.00 6.83 25.07
C GLY B 486 -21.20 6.49 23.61
N PHE B 487 -22.47 6.29 23.26
CA PHE B 487 -22.82 5.94 21.89
C PHE B 487 -22.37 7.01 20.90
N CYS B 488 -22.73 8.27 21.17
CA CYS B 488 -22.29 9.35 20.31
C CYS B 488 -20.77 9.51 20.36
N ILE B 489 -20.16 9.25 21.51
CA ILE B 489 -18.70 9.30 21.60
C ILE B 489 -18.08 8.23 20.71
N ASP B 490 -18.65 7.02 20.72
CA ASP B 490 -18.14 5.96 19.85
C ASP B 490 -18.34 6.31 18.39
N ILE B 491 -19.47 6.92 18.05
CA ILE B 491 -19.71 7.34 16.67
C ILE B 491 -18.69 8.38 16.24
N LEU B 492 -18.41 9.35 17.11
CA LEU B 492 -17.41 10.37 16.79
C LEU B 492 -16.03 9.74 16.64
N LYS B 493 -15.69 8.79 17.50
CA LYS B 493 -14.40 8.12 17.39
C LYS B 493 -14.29 7.35 16.08
N ARG B 494 -15.35 6.65 15.68
CA ARG B 494 -15.34 5.93 14.41
C ARG B 494 -15.20 6.89 13.24
N LEU B 495 -15.90 8.02 13.30
CA LEU B 495 -15.77 9.02 12.24
C LEU B 495 -14.34 9.57 12.17
N ALA B 496 -13.74 9.83 13.32
CA ALA B 496 -12.36 10.31 13.35
C ALA B 496 -11.41 9.28 12.77
N HIS B 497 -11.60 8.00 13.10
CA HIS B 497 -10.76 6.95 12.53
C HIS B 497 -10.93 6.88 11.02
N THR B 498 -12.17 6.98 10.53
CA THR B 498 -12.40 6.95 9.09
C THR B 498 -11.87 8.19 8.39
N ILE B 499 -11.72 9.31 9.12
CA ILE B 499 -11.25 10.55 8.51
C ILE B 499 -9.84 10.93 8.95
N GLY B 500 -9.33 10.38 10.05
CA GLY B 500 -7.98 10.68 10.50
C GLY B 500 -7.77 12.13 10.87
N PHE B 501 -8.69 12.69 11.65
CA PHE B 501 -8.62 14.09 12.06
C PHE B 501 -8.51 14.19 13.56
N SER B 502 -7.63 15.07 14.03
CA SER B 502 -7.50 15.36 15.44
C SER B 502 -8.67 16.21 15.93
N TYR B 503 -8.84 16.25 17.24
CA TYR B 503 -9.93 17.00 17.84
C TYR B 503 -9.74 17.03 19.35
N ASP B 504 -10.18 18.12 19.97
CA ASP B 504 -10.36 18.15 21.41
C ASP B 504 -11.79 17.70 21.71
N LEU B 505 -12.21 17.82 22.97
CA LEU B 505 -13.60 17.52 23.32
C LEU B 505 -14.09 18.65 24.22
N TYR B 506 -14.62 19.70 23.58
CA TYR B 506 -15.21 20.81 24.31
C TYR B 506 -16.44 20.33 25.08
N LEU B 507 -16.56 20.78 26.33
CA LEU B 507 -17.67 20.40 27.18
C LEU B 507 -18.55 21.61 27.43
N VAL B 508 -19.83 21.50 27.07
CA VAL B 508 -20.78 22.58 27.28
C VAL B 508 -21.19 22.57 28.75
N THR B 509 -21.03 23.72 29.41
CA THR B 509 -21.33 23.82 30.84
C THR B 509 -22.44 24.81 31.13
N ASN B 510 -22.42 26.00 30.53
CA ASN B 510 -23.48 26.99 30.72
C ASN B 510 -24.70 26.57 29.92
N GLY B 511 -25.52 25.74 30.55
CA GLY B 511 -26.69 25.19 29.88
C GLY B 511 -26.38 23.92 29.12
N LYS B 512 -27.42 23.34 28.54
CA LYS B 512 -27.31 22.11 27.78
C LYS B 512 -27.26 22.36 26.28
N HIS B 513 -28.29 22.99 25.72
CA HIS B 513 -28.33 23.37 24.32
C HIS B 513 -28.45 24.87 24.13
N GLY B 514 -29.35 25.51 24.88
CA GLY B 514 -29.49 26.96 24.82
C GLY B 514 -30.34 27.43 23.66
N LYS B 515 -31.22 28.38 23.92
CA LYS B 515 -32.10 28.96 22.92
C LYS B 515 -31.70 30.41 22.69
N LYS B 516 -32.47 31.10 21.84
CA LYS B 516 -32.22 32.50 21.57
C LYS B 516 -32.68 33.34 22.75
N ILE B 517 -31.96 33.25 23.87
CA ILE B 517 -32.34 33.96 25.09
C ILE B 517 -32.20 35.45 24.83
N ASP B 518 -33.32 36.16 24.81
CA ASP B 518 -33.35 37.61 24.55
C ASP B 518 -32.65 37.94 23.23
N GLY B 519 -32.82 37.07 22.24
CA GLY B 519 -32.15 37.21 20.97
C GLY B 519 -30.72 36.76 20.96
N VAL B 520 -30.22 36.21 22.06
CA VAL B 520 -28.83 35.76 22.18
C VAL B 520 -28.83 34.28 22.49
N TRP B 521 -28.12 33.51 21.68
CA TRP B 521 -28.01 32.07 21.90
C TRP B 521 -27.02 31.76 23.01
N ASN B 522 -27.31 30.71 23.77
CA ASN B 522 -26.44 30.24 24.84
C ASN B 522 -26.23 28.74 24.69
N GLY B 523 -25.45 28.18 25.61
CA GLY B 523 -25.24 26.74 25.63
C GLY B 523 -24.57 26.25 24.36
N MET B 524 -25.13 25.18 23.80
CA MET B 524 -24.55 24.56 22.60
C MET B 524 -24.49 25.55 21.45
N ILE B 525 -25.63 26.18 21.16
CA ILE B 525 -25.67 27.16 20.07
C ILE B 525 -24.87 28.41 20.45
N GLY B 526 -24.90 28.79 21.73
CA GLY B 526 -24.10 29.93 22.16
C GLY B 526 -22.61 29.72 21.93
N GLU B 527 -22.15 28.47 21.99
CA GLU B 527 -20.75 28.19 21.70
C GLU B 527 -20.50 28.09 20.19
N VAL B 528 -21.24 27.20 19.51
CA VAL B 528 -20.93 26.92 18.11
C VAL B 528 -21.26 28.12 17.22
N PHE B 529 -22.46 28.68 17.39
CA PHE B 529 -22.89 29.79 16.54
C PHE B 529 -21.99 31.01 16.71
N TYR B 530 -21.65 31.35 17.95
CA TYR B 530 -20.72 32.45 18.20
C TYR B 530 -19.27 32.05 18.01
N GLN B 531 -19.02 30.89 17.38
CA GLN B 531 -17.70 30.42 17.01
C GLN B 531 -16.80 30.16 18.21
N ARG B 532 -17.37 30.10 19.41
CA ARG B 532 -16.61 29.61 20.55
C ARG B 532 -16.27 28.13 20.40
N ALA B 533 -17.09 27.41 19.63
CA ALA B 533 -16.83 26.02 19.28
C ALA B 533 -17.08 25.83 17.79
N ASP B 534 -16.47 24.78 17.23
CA ASP B 534 -16.57 24.50 15.81
C ASP B 534 -17.43 23.28 15.53
N MET B 535 -17.11 22.14 16.12
CA MET B 535 -17.92 20.94 15.98
C MET B 535 -18.95 20.88 17.10
N ALA B 536 -19.97 20.04 16.90
CA ALA B 536 -21.05 19.91 17.87
C ALA B 536 -21.66 18.54 17.78
N ILE B 537 -21.79 17.86 18.92
CA ILE B 537 -22.43 16.55 19.00
C ILE B 537 -23.36 16.56 20.20
N GLY B 538 -24.32 15.63 20.18
CA GLY B 538 -25.28 15.51 21.24
C GLY B 538 -26.72 15.48 20.75
N SER B 539 -27.66 15.86 21.63
CA SER B 539 -29.08 15.89 21.27
C SER B 539 -29.40 17.16 20.49
N LEU B 540 -28.78 17.26 19.32
CA LEU B 540 -28.92 18.45 18.46
C LEU B 540 -30.16 18.27 17.59
N THR B 541 -31.29 18.77 18.08
CA THR B 541 -32.53 18.70 17.31
C THR B 541 -32.43 19.56 16.05
N ILE B 542 -32.98 19.05 14.96
CA ILE B 542 -32.95 19.73 13.67
C ILE B 542 -34.25 20.51 13.52
N ASN B 543 -34.14 21.82 13.36
CA ASN B 543 -35.31 22.67 13.17
C ASN B 543 -34.88 23.95 12.47
N GLU B 544 -35.88 24.67 11.96
CA GLU B 544 -35.61 25.92 11.25
C GLU B 544 -34.97 26.95 12.16
N GLU B 545 -35.42 27.00 13.42
CA GLU B 545 -34.90 27.99 14.36
C GLU B 545 -33.46 27.70 14.77
N ARG B 546 -32.96 26.49 14.51
CA ARG B 546 -31.59 26.13 14.83
C ARG B 546 -30.70 26.01 13.61
N SER B 547 -31.23 25.51 12.49
CA SER B 547 -30.40 25.24 11.31
C SER B 547 -30.15 26.46 10.46
N GLU B 548 -30.88 27.55 10.66
CA GLU B 548 -30.72 28.72 9.80
C GLU B 548 -29.35 29.37 9.99
N ILE B 549 -28.76 29.23 11.17
CA ILE B 549 -27.49 29.85 11.47
C ILE B 549 -26.35 28.85 11.50
N VAL B 550 -26.60 27.60 11.86
CA VAL B 550 -25.58 26.56 11.94
C VAL B 550 -26.02 25.42 11.03
N ASP B 551 -25.15 25.04 10.09
CA ASP B 551 -25.47 23.96 9.18
C ASP B 551 -25.44 22.63 9.91
N PHE B 552 -26.45 21.80 9.66
CA PHE B 552 -26.61 20.53 10.34
C PHE B 552 -26.32 19.37 9.38
N SER B 553 -25.58 18.39 9.87
CA SER B 553 -25.25 17.22 9.05
C SER B 553 -26.48 16.33 8.91
N VAL B 554 -26.30 15.20 8.22
CA VAL B 554 -27.41 14.25 8.09
C VAL B 554 -27.74 13.68 9.47
N PRO B 555 -29.01 13.54 9.82
CA PRO B 555 -29.34 12.95 11.12
C PRO B 555 -28.96 11.49 11.20
N PHE B 556 -27.93 11.17 11.99
CA PHE B 556 -27.50 9.78 12.13
C PHE B 556 -28.54 8.95 12.87
N VAL B 557 -29.29 9.55 13.79
CA VAL B 557 -30.32 8.86 14.54
C VAL B 557 -31.60 9.67 14.43
N GLU B 558 -32.74 8.96 14.55
CA GLU B 558 -34.06 9.58 14.45
C GLU B 558 -34.65 9.74 15.85
N THR B 559 -35.53 10.73 15.98
CA THR B 559 -36.19 11.04 17.24
C THR B 559 -37.45 11.82 16.92
N GLY B 560 -38.03 12.44 17.95
CA GLY B 560 -39.22 13.25 17.76
C GLY B 560 -39.79 13.71 19.08
N ILE B 561 -41.11 13.73 19.19
CA ILE B 561 -41.80 14.11 20.41
C ILE B 561 -42.75 12.98 20.80
N SER B 562 -42.56 12.44 21.99
CA SER B 562 -43.40 11.39 22.54
C SER B 562 -43.82 11.77 23.95
N VAL B 563 -44.60 10.90 24.59
CA VAL B 563 -45.11 11.13 25.93
C VAL B 563 -44.69 9.96 26.83
N MET B 564 -44.06 10.28 27.95
CA MET B 564 -43.70 9.31 28.98
C MET B 564 -44.85 9.26 29.98
N VAL B 565 -45.47 8.09 30.12
CA VAL B 565 -46.62 7.92 31.00
C VAL B 565 -46.33 6.78 31.97
N ALA B 566 -47.24 6.59 32.92
CA ALA B 566 -47.08 5.54 33.91
C ALA B 566 -47.23 4.17 33.24
N ARG B 567 -47.05 3.12 34.03
CA ARG B 567 -47.17 1.75 33.53
C ARG B 567 -48.66 1.42 33.35
N SER B 568 -48.94 0.16 33.05
CA SER B 568 -50.31 -0.25 32.76
C SER B 568 -51.16 -0.29 34.03
N ASN B 569 -51.39 0.88 34.63
CA ASN B 569 -52.29 0.98 35.79
C ASN B 569 -52.93 2.37 35.74
N GLY B 570 -54.13 2.42 35.16
CA GLY B 570 -54.84 3.68 35.03
C GLY B 570 -54.19 4.65 34.08
N VAL B 687 -53.87 2.73 28.28
CA VAL B 687 -54.10 3.84 27.36
C VAL B 687 -55.39 4.57 27.73
N ASP B 688 -55.27 5.87 27.99
CA ASP B 688 -56.41 6.69 28.36
C ASP B 688 -57.08 7.22 27.08
N THR B 689 -58.00 8.16 27.24
CA THR B 689 -58.70 8.76 26.12
C THR B 689 -57.89 9.85 25.43
N VAL B 690 -56.64 10.07 25.85
CA VAL B 690 -55.82 11.10 25.24
C VAL B 690 -55.46 10.71 23.81
N SER B 691 -55.61 11.66 22.89
CA SER B 691 -55.27 11.46 21.48
C SER B 691 -53.97 12.17 21.13
N GLY B 692 -53.00 12.16 22.03
CA GLY B 692 -51.77 12.90 21.79
C GLY B 692 -52.00 14.39 21.98
N LEU B 693 -51.13 15.18 21.34
CA LEU B 693 -51.26 16.63 21.40
C LEU B 693 -52.55 17.12 20.76
N SER B 694 -53.13 16.34 19.85
CA SER B 694 -54.39 16.68 19.21
C SER B 694 -55.60 16.19 20.01
N ASP B 695 -55.41 15.87 21.29
CA ASP B 695 -56.50 15.39 22.11
C ASP B 695 -57.53 16.49 22.34
N ARG B 696 -58.81 16.11 22.28
CA ARG B 696 -59.89 17.06 22.56
C ARG B 696 -59.84 17.55 23.99
N LYS B 697 -59.37 16.71 24.91
CA LYS B 697 -59.24 17.14 26.30
C LYS B 697 -58.19 18.22 26.46
N PHE B 698 -57.12 18.18 25.65
CA PHE B 698 -56.14 19.26 25.67
C PHE B 698 -56.78 20.58 25.26
N GLN B 699 -57.55 20.57 24.17
CA GLN B 699 -58.20 21.79 23.72
C GLN B 699 -59.38 22.16 24.59
N ARG B 700 -60.01 21.17 25.23
CA ARG B 700 -61.18 21.39 26.10
C ARG B 700 -60.94 20.73 27.44
N PRO B 701 -60.10 21.34 28.30
CA PRO B 701 -59.83 20.79 29.63
C PRO B 701 -60.84 21.26 30.68
N GLN B 702 -62.13 21.14 30.36
CA GLN B 702 -63.20 21.58 31.25
C GLN B 702 -63.77 20.45 32.09
N GLU B 703 -63.23 19.25 32.00
CA GLU B 703 -63.71 18.12 32.78
C GLU B 703 -63.12 18.18 34.19
N GLN B 704 -63.51 17.21 35.02
CA GLN B 704 -63.03 17.19 36.40
C GLN B 704 -61.52 16.95 36.46
N TYR B 705 -61.02 16.00 35.68
CA TYR B 705 -59.60 15.66 35.67
C TYR B 705 -59.09 15.60 34.24
N PRO B 706 -58.74 16.74 33.66
CA PRO B 706 -58.16 16.75 32.31
C PRO B 706 -56.68 16.44 32.37
N PRO B 707 -56.09 16.01 31.24
CA PRO B 707 -54.64 15.75 31.22
C PRO B 707 -53.86 17.05 31.07
N LEU B 708 -52.97 17.30 32.02
CA LEU B 708 -52.09 18.47 32.00
C LEU B 708 -50.89 18.18 32.88
N LYS B 709 -50.13 19.22 33.20
CA LYS B 709 -48.98 19.13 34.11
C LYS B 709 -47.92 18.15 33.59
N PHE B 710 -47.34 18.51 32.45
CA PHE B 710 -46.22 17.78 31.88
C PHE B 710 -44.94 18.56 32.21
N GLY B 711 -44.02 17.91 32.91
CA GLY B 711 -42.84 18.59 33.43
C GLY B 711 -41.80 18.95 32.40
N THR B 712 -42.15 19.84 31.47
CA THR B 712 -41.25 20.22 30.40
C THR B 712 -40.00 20.90 30.96
N VAL B 713 -38.85 20.55 30.41
CA VAL B 713 -37.57 21.12 30.85
C VAL B 713 -37.52 22.59 30.43
N PRO B 714 -37.06 23.50 31.28
CA PRO B 714 -36.91 24.89 30.86
C PRO B 714 -35.87 25.02 29.75
N ASN B 715 -36.08 26.05 28.90
CA ASN B 715 -35.25 26.35 27.73
C ASN B 715 -34.84 25.08 26.99
N GLY B 716 -35.85 24.25 26.70
CA GLY B 716 -35.65 23.03 25.97
C GLY B 716 -36.22 23.10 24.56
N SER B 717 -35.71 22.23 23.69
CA SER B 717 -36.16 22.21 22.30
C SER B 717 -37.64 21.87 22.20
N THR B 718 -38.08 20.85 22.95
CA THR B 718 -39.49 20.47 22.93
C THR B 718 -40.37 21.57 23.49
N GLU B 719 -39.86 22.31 24.49
CA GLU B 719 -40.61 23.44 25.01
C GLU B 719 -40.85 24.48 23.92
N LYS B 720 -39.81 24.80 23.15
CA LYS B 720 -39.98 25.73 22.05
C LYS B 720 -40.92 25.17 20.99
N ASN B 721 -40.85 23.87 20.73
CA ASN B 721 -41.74 23.25 19.75
C ASN B 721 -43.20 23.40 20.15
N ILE B 722 -43.52 23.06 21.40
CA ILE B 722 -44.91 23.17 21.84
C ILE B 722 -45.34 24.63 21.93
N ARG B 723 -44.43 25.52 22.33
CA ARG B 723 -44.76 26.94 22.38
C ARG B 723 -45.10 27.47 21.00
N SER B 724 -44.31 27.10 19.99
CA SER B 724 -44.57 27.56 18.63
C SER B 724 -45.85 26.94 18.07
N ASN B 725 -46.00 25.63 18.19
CA ASN B 725 -47.17 24.96 17.63
C ASN B 725 -48.44 25.37 18.38
N TYR B 726 -48.43 25.28 19.71
CA TYR B 726 -49.61 25.54 20.53
C TYR B 726 -49.21 26.38 21.73
N PRO B 727 -49.09 27.70 21.55
CA PRO B 727 -48.79 28.56 22.70
C PRO B 727 -49.87 28.51 23.78
N ASP B 728 -51.14 28.42 23.37
CA ASP B 728 -52.23 28.38 24.34
C ASP B 728 -52.17 27.14 25.20
N MET B 729 -51.87 25.99 24.60
CA MET B 729 -51.82 24.74 25.35
C MET B 729 -50.74 24.79 26.42
N HIS B 730 -49.54 25.25 26.04
CA HIS B 730 -48.46 25.38 27.02
C HIS B 730 -48.79 26.42 28.08
N SER B 731 -49.42 27.53 27.68
CA SER B 731 -49.77 28.58 28.64
C SER B 731 -50.77 28.08 29.67
N TYR B 732 -51.74 27.29 29.25
CA TYR B 732 -52.74 26.78 30.18
C TYR B 732 -52.11 25.88 31.24
N MET B 733 -51.18 25.03 30.83
CA MET B 733 -50.55 24.05 31.71
C MET B 733 -49.21 24.52 32.27
N VAL B 734 -48.89 25.82 32.15
CA VAL B 734 -47.56 26.32 32.48
C VAL B 734 -47.15 26.00 33.92
N ARG B 735 -48.12 25.72 34.79
CA ARG B 735 -47.80 25.35 36.17
C ARG B 735 -47.49 23.85 36.20
N TYR B 736 -46.21 23.52 36.20
CA TYR B 736 -45.78 22.12 36.23
C TYR B 736 -44.39 22.06 36.85
N ASN B 737 -43.73 20.90 36.72
CA ASN B 737 -42.43 20.66 37.34
C ASN B 737 -41.33 20.75 36.27
N GLN B 738 -40.86 21.97 36.05
CA GLN B 738 -39.86 22.25 35.02
C GLN B 738 -38.51 21.58 35.23
N PRO B 739 -37.84 21.72 36.42
CA PRO B 739 -36.37 21.55 36.47
C PRO B 739 -35.77 20.35 35.75
N ARG B 740 -36.12 19.12 36.14
CA ARG B 740 -35.32 17.97 35.75
C ARG B 740 -36.17 16.85 35.16
N VAL B 741 -35.57 16.13 34.20
CA VAL B 741 -36.21 14.96 33.62
C VAL B 741 -36.31 13.82 34.64
N GLU B 742 -35.21 13.57 35.37
CA GLU B 742 -35.20 12.46 36.32
C GLU B 742 -36.20 12.68 37.44
N GLU B 743 -36.30 13.90 37.95
CA GLU B 743 -37.30 14.20 38.97
C GLU B 743 -38.71 14.04 38.41
N ALA B 744 -38.91 14.36 37.12
CA ALA B 744 -40.20 14.12 36.49
C ALA B 744 -40.50 12.63 36.43
N LEU B 745 -39.49 11.82 36.13
CA LEU B 745 -39.66 10.37 36.15
C LEU B 745 -40.04 9.88 37.53
N THR B 746 -39.40 10.43 38.56
CA THR B 746 -39.75 10.04 39.93
C THR B 746 -41.18 10.42 40.26
N GLN B 747 -41.61 11.63 39.85
CA GLN B 747 -42.99 12.04 40.11
C GLN B 747 -43.98 11.15 39.37
N LEU B 748 -43.65 10.77 38.13
CA LEU B 748 -44.50 9.86 37.37
C LEU B 748 -44.59 8.50 38.05
N LYS B 749 -43.47 8.00 38.58
CA LYS B 749 -43.49 6.76 39.33
C LYS B 749 -44.35 6.89 40.57
N ALA B 750 -44.32 8.05 41.23
CA ALA B 750 -45.15 8.32 42.39
C ALA B 750 -46.55 8.77 42.00
N GLY B 751 -46.83 8.94 40.71
CA GLY B 751 -48.15 9.36 40.28
C GLY B 751 -48.45 10.83 40.45
N LYS B 752 -47.44 11.64 40.78
CA LYS B 752 -47.68 13.08 40.95
C LYS B 752 -48.10 13.73 39.64
N LEU B 753 -47.46 13.35 38.53
CA LEU B 753 -47.82 13.84 37.22
C LEU B 753 -48.39 12.70 36.38
N ASP B 754 -49.48 13.00 35.67
CA ASP B 754 -50.11 11.98 34.84
C ASP B 754 -49.19 11.55 33.70
N ALA B 755 -48.52 12.51 33.07
CA ALA B 755 -47.68 12.21 31.91
C ALA B 755 -46.68 13.35 31.74
N PHE B 756 -45.74 13.15 30.83
CA PHE B 756 -44.74 14.17 30.52
C PHE B 756 -44.35 14.05 29.07
N ILE B 757 -44.59 15.10 28.29
CA ILE B 757 -44.29 15.10 26.86
C ILE B 757 -42.88 15.63 26.67
N TYR B 758 -42.04 14.84 26.00
CA TYR B 758 -40.65 15.22 25.80
C TYR B 758 -40.15 14.59 24.49
N ASP B 759 -38.84 14.55 24.32
CA ASP B 759 -38.24 14.00 23.12
C ASP B 759 -38.50 12.50 23.03
N ALA B 760 -38.78 12.02 21.81
CA ALA B 760 -39.18 10.63 21.63
C ALA B 760 -38.07 9.68 22.00
N ALA B 761 -36.84 9.96 21.58
CA ALA B 761 -35.74 9.00 21.76
C ALA B 761 -35.43 8.78 23.24
N VAL B 762 -35.26 9.88 23.99
CA VAL B 762 -34.89 9.75 25.40
C VAL B 762 -36.04 9.11 26.20
N LEU B 763 -37.28 9.50 25.91
CA LEU B 763 -38.41 8.90 26.60
C LEU B 763 -38.52 7.42 26.30
N ASN B 764 -38.31 7.04 25.04
CA ASN B 764 -38.36 5.62 24.68
C ASN B 764 -37.26 4.84 25.38
N TYR B 765 -36.05 5.38 25.42
CA TYR B 765 -34.96 4.67 26.08
C TYR B 765 -35.22 4.53 27.58
N MET B 766 -35.72 5.59 28.22
CA MET B 766 -36.05 5.51 29.63
C MET B 766 -37.15 4.49 29.90
N ALA B 767 -38.19 4.49 29.06
CA ALA B 767 -39.28 3.53 29.24
C ALA B 767 -38.77 2.11 29.06
N ARG B 768 -37.89 1.88 28.09
CA ARG B 768 -37.31 0.56 27.92
C ARG B 768 -36.40 0.19 29.10
N LYS B 769 -35.81 1.18 29.76
CA LYS B 769 -34.88 0.92 30.85
C LYS B 769 -35.51 1.00 32.23
N ASP B 770 -36.54 1.84 32.40
CA ASP B 770 -37.13 2.01 33.72
C ASP B 770 -37.84 0.73 34.17
N GLU B 771 -37.70 0.41 35.46
CA GLU B 771 -38.34 -0.75 36.02
C GLU B 771 -39.85 -0.53 36.15
N GLY B 772 -40.60 -1.63 36.21
CA GLY B 772 -42.04 -1.57 36.28
C GLY B 772 -42.73 -1.48 34.94
N CYS B 773 -41.99 -1.52 33.84
CA CYS B 773 -42.54 -1.44 32.48
C CYS B 773 -43.38 -0.17 32.31
N LYS B 774 -42.73 0.97 32.50
CA LYS B 774 -43.38 2.26 32.25
C LYS B 774 -43.82 2.33 30.79
N LEU B 775 -45.10 2.60 30.59
CA LEU B 775 -45.71 2.48 29.27
C LEU B 775 -45.37 3.69 28.40
N VAL B 776 -45.23 3.43 27.10
CA VAL B 776 -45.11 4.47 26.09
C VAL B 776 -46.46 5.14 25.92
N THR B 777 -46.50 6.23 25.15
CA THR B 777 -47.74 6.96 24.92
C THR B 777 -48.77 6.08 24.21
N ILE B 778 -49.97 6.64 23.98
CA ILE B 778 -51.10 5.87 23.49
C ILE B 778 -50.75 5.04 22.26
N GLY B 779 -49.79 5.50 21.46
CA GLY B 779 -49.27 4.75 20.34
C GLY B 779 -47.80 4.41 20.56
N SER B 780 -47.50 3.11 20.48
CA SER B 780 -46.12 2.67 20.67
C SER B 780 -45.22 3.25 19.60
N GLY B 781 -45.65 3.22 18.35
CA GLY B 781 -44.94 3.84 17.26
C GLY B 781 -45.37 5.27 16.96
N LYS B 782 -46.24 5.84 17.78
CA LYS B 782 -46.75 7.19 17.54
C LYS B 782 -45.73 8.21 18.02
N VAL B 783 -45.29 9.08 17.11
CA VAL B 783 -44.34 10.14 17.41
C VAL B 783 -44.77 11.39 16.68
N PHE B 784 -44.68 12.53 17.36
CA PHE B 784 -45.13 13.81 16.83
C PHE B 784 -43.93 14.62 16.36
N ALA B 785 -44.08 15.27 15.21
CA ALA B 785 -43.05 16.12 14.62
C ALA B 785 -41.70 15.39 14.58
N THR B 786 -41.69 14.29 13.83
CA THR B 786 -40.52 13.42 13.78
C THR B 786 -39.33 14.16 13.19
N THR B 787 -38.18 14.05 13.86
CA THR B 787 -36.97 14.75 13.46
C THR B 787 -35.79 13.80 13.66
N GLY B 788 -34.58 14.37 13.61
CA GLY B 788 -33.38 13.58 13.81
C GLY B 788 -32.36 14.34 14.63
N TYR B 789 -31.22 13.68 14.86
CA TYR B 789 -30.07 14.29 15.54
C TYR B 789 -28.89 14.24 14.60
N GLY B 790 -28.33 15.42 14.29
CA GLY B 790 -27.20 15.51 13.39
C GLY B 790 -26.05 16.29 13.98
N ILE B 791 -24.85 16.08 13.45
CA ILE B 791 -23.66 16.78 13.93
C ILE B 791 -23.67 18.19 13.35
N ALA B 792 -23.66 19.19 14.22
CA ALA B 792 -23.76 20.59 13.80
C ALA B 792 -22.36 21.13 13.57
N LEU B 793 -21.91 21.05 12.31
CA LEU B 793 -20.63 21.64 11.95
C LEU B 793 -20.78 23.14 11.77
N HIS B 794 -19.68 23.81 11.43
CA HIS B 794 -19.71 25.24 11.17
C HIS B 794 -20.55 25.53 9.94
N LYS B 795 -21.20 26.70 9.95
CA LYS B 795 -22.03 27.11 8.82
C LYS B 795 -21.18 27.24 7.56
N GLY B 796 -21.41 26.35 6.60
CA GLY B 796 -20.59 26.31 5.41
C GLY B 796 -19.32 25.49 5.53
N SER B 797 -19.25 24.60 6.51
CA SER B 797 -18.06 23.76 6.68
C SER B 797 -17.87 22.85 5.47
N ARG B 798 -16.64 22.80 4.97
CA ARG B 798 -16.35 21.99 3.79
C ARG B 798 -16.44 20.51 4.09
N TRP B 799 -16.08 20.09 5.30
CA TRP B 799 -16.09 18.68 5.68
C TRP B 799 -17.50 18.14 5.89
N LYS B 800 -18.52 18.99 5.85
CA LYS B 800 -19.88 18.52 6.06
C LYS B 800 -20.27 17.45 5.05
N ARG B 801 -20.06 17.73 3.77
CA ARG B 801 -20.48 16.78 2.73
C ARG B 801 -19.76 15.44 2.84
N PRO B 802 -18.43 15.37 2.96
CA PRO B 802 -17.80 14.04 3.09
C PRO B 802 -18.25 13.27 4.33
N ILE B 803 -18.33 13.96 5.48
CA ILE B 803 -18.64 13.28 6.74
C ILE B 803 -19.96 12.54 6.62
N ASP B 804 -21.00 13.21 6.13
CA ASP B 804 -22.29 12.56 5.92
C ASP B 804 -22.12 11.28 5.12
N LEU B 805 -21.39 11.37 4.00
CA LEU B 805 -21.10 10.18 3.21
C LEU B 805 -20.49 9.10 4.09
N ALA B 806 -19.42 9.46 4.80
CA ALA B 806 -18.79 8.51 5.72
C ALA B 806 -19.79 8.02 6.75
N LEU B 807 -20.63 8.91 7.27
CA LEU B 807 -21.70 8.50 8.18
C LEU B 807 -22.55 7.43 7.53
N LEU B 808 -23.05 7.71 6.32
CA LEU B 808 -23.88 6.73 5.65
C LEU B 808 -23.06 5.54 5.17
N GLN B 809 -21.73 5.70 5.11
CA GLN B 809 -20.86 4.54 4.88
C GLN B 809 -21.10 3.50 5.97
N PHE B 810 -21.26 3.94 7.21
CA PHE B 810 -21.68 3.01 8.26
C PHE B 810 -23.02 2.39 7.91
N LEU B 811 -23.98 3.23 7.51
CA LEU B 811 -25.26 2.73 7.01
C LEU B 811 -25.07 1.88 5.78
N GLY B 812 -24.00 2.11 5.02
CA GLY B 812 -23.68 1.24 3.90
C GLY B 812 -23.37 -0.18 4.33
N ASP B 813 -22.77 -0.34 5.51
CA ASP B 813 -22.43 -1.65 6.05
C ASP B 813 -23.21 -1.97 7.32
N ASP B 814 -24.17 -1.13 7.69
CA ASP B 814 -24.96 -1.32 8.91
C ASP B 814 -24.06 -1.45 10.15
N GLU B 815 -23.07 -0.57 10.23
CA GLU B 815 -22.07 -0.63 11.29
C GLU B 815 -22.52 0.01 12.60
N ILE B 816 -23.73 0.57 12.64
CA ILE B 816 -24.24 1.21 13.85
C ILE B 816 -25.36 0.37 14.48
N GLU B 817 -25.62 -0.82 13.96
CA GLU B 817 -26.71 -1.64 14.48
C GLU B 817 -26.44 -2.07 15.91
N MET B 818 -25.23 -2.56 16.19
CA MET B 818 -24.93 -3.06 17.53
C MET B 818 -24.94 -1.93 18.56
N LEU B 819 -24.41 -0.76 18.19
CA LEU B 819 -24.44 0.38 19.12
C LEU B 819 -25.87 0.84 19.39
N GLU B 820 -26.69 0.86 18.34
CA GLU B 820 -28.09 1.24 18.53
C GLU B 820 -28.81 0.24 19.42
N ARG B 821 -28.52 -1.05 19.25
CA ARG B 821 -29.11 -2.06 20.13
C ARG B 821 -28.65 -1.87 21.57
N LEU B 822 -27.35 -1.60 21.77
CA LEU B 822 -26.82 -1.43 23.11
C LEU B 822 -27.44 -0.23 23.81
N TRP B 823 -27.60 0.88 23.09
CA TRP B 823 -28.07 2.12 23.69
C TRP B 823 -29.56 2.38 23.48
N LEU B 824 -30.29 1.40 22.98
CA LEU B 824 -31.73 1.57 22.82
C LEU B 824 -32.55 0.45 23.44
N SER B 825 -32.08 -0.79 23.35
CA SER B 825 -32.85 -1.93 23.82
C SER B 825 -33.01 -1.89 25.34
N GLY B 826 -34.17 -2.34 25.81
CA GLY B 826 -34.44 -2.42 27.23
C GLY B 826 -35.00 -3.76 27.65
N ILE B 827 -35.50 -3.85 28.88
CA ILE B 827 -36.04 -5.09 29.42
C ILE B 827 -37.48 -4.93 29.86
N CYS B 828 -37.79 -3.87 30.60
CA CYS B 828 -39.15 -3.66 31.10
C CYS B 828 -39.41 -2.17 31.30
N ILE C 26 32.74 33.89 -35.31
CA ILE C 26 31.67 34.52 -36.05
C ILE C 26 30.47 33.60 -36.14
N VAL C 27 29.28 34.15 -35.88
CA VAL C 27 28.03 33.39 -35.91
C VAL C 27 27.13 34.01 -36.97
N ASN C 28 26.64 33.18 -37.89
CA ASN C 28 25.79 33.63 -38.98
C ASN C 28 24.33 33.49 -38.54
N ILE C 29 23.64 34.62 -38.38
CA ILE C 29 22.25 34.64 -37.98
C ILE C 29 21.46 35.46 -38.99
N GLY C 30 20.14 35.23 -39.01
CA GLY C 30 19.28 35.90 -39.96
C GLY C 30 17.91 36.17 -39.36
N ALA C 31 17.17 37.03 -40.05
CA ALA C 31 15.81 37.39 -39.64
C ALA C 31 14.97 37.61 -40.89
N VAL C 32 13.65 37.52 -40.72
CA VAL C 32 12.71 37.68 -41.82
C VAL C 32 11.80 38.86 -41.50
N LEU C 33 11.83 39.88 -42.34
CA LEU C 33 10.96 41.04 -42.21
C LEU C 33 11.04 41.86 -43.50
N SER C 34 9.88 42.31 -43.97
CA SER C 34 9.77 43.01 -45.24
C SER C 34 9.66 44.51 -45.10
N THR C 35 9.84 45.05 -43.89
CA THR C 35 9.72 46.49 -43.71
C THR C 35 10.81 47.25 -44.43
N ARG C 36 11.95 46.61 -44.68
CA ARG C 36 13.13 47.17 -45.34
C ARG C 36 13.79 48.27 -44.53
N LYS C 37 13.27 48.61 -43.36
CA LYS C 37 13.87 49.60 -42.48
C LYS C 37 14.21 49.05 -41.11
N HIS C 38 13.47 48.05 -40.62
CA HIS C 38 13.79 47.43 -39.35
C HIS C 38 15.04 46.58 -39.39
N GLU C 39 15.55 46.27 -40.59
CA GLU C 39 16.77 45.48 -40.68
C GLU C 39 17.96 46.22 -40.08
N GLN C 40 18.08 47.52 -40.35
CA GLN C 40 19.21 48.28 -39.84
C GLN C 40 19.15 48.41 -38.32
N MET C 41 17.96 48.71 -37.77
CA MET C 41 17.85 48.81 -36.32
C MET C 41 18.04 47.45 -35.65
N PHE C 42 17.58 46.37 -36.29
CA PHE C 42 17.83 45.03 -35.75
C PHE C 42 19.32 44.72 -35.73
N ARG C 43 20.03 45.07 -36.81
CA ARG C 43 21.48 44.85 -36.83
C ARG C 43 22.18 45.67 -35.76
N GLU C 44 21.77 46.92 -35.58
CA GLU C 44 22.36 47.75 -34.54
C GLU C 44 22.10 47.17 -33.16
N ALA C 45 20.88 46.68 -32.93
CA ALA C 45 20.53 46.10 -31.64
C ALA C 45 21.33 44.84 -31.36
N VAL C 46 21.48 43.96 -32.35
CA VAL C 46 22.23 42.73 -32.12
C VAL C 46 23.72 43.04 -31.94
N ASN C 47 24.24 44.04 -32.65
CA ASN C 47 25.63 44.44 -32.44
C ASN C 47 25.83 45.00 -31.03
N GLN C 48 24.90 45.83 -30.57
CA GLN C 48 25.00 46.35 -29.21
C GLN C 48 24.90 45.24 -28.18
N ALA C 49 24.02 44.27 -28.40
CA ALA C 49 23.91 43.14 -27.48
C ALA C 49 25.18 42.32 -27.45
N ASN C 50 25.79 42.08 -28.62
CA ASN C 50 27.05 41.35 -28.67
C ASN C 50 28.16 42.12 -27.94
N LYS C 51 28.20 43.44 -28.11
CA LYS C 51 29.19 44.25 -27.43
C LYS C 51 29.00 44.22 -25.92
N ARG C 52 27.75 44.29 -25.46
CA ARG C 52 27.45 44.39 -24.03
C ARG C 52 27.21 43.02 -23.39
N HIS C 53 26.20 42.29 -23.87
CA HIS C 53 25.88 41.00 -23.29
C HIS C 53 26.93 39.97 -23.67
N GLY C 54 27.24 39.08 -22.73
CA GLY C 54 28.23 38.05 -22.95
C GLY C 54 29.65 38.54 -22.75
N LEU C 60 30.47 37.67 -35.39
CA LEU C 60 29.03 37.47 -35.39
C LEU C 60 28.36 38.44 -36.36
N ASN C 61 27.88 37.91 -37.49
CA ASN C 61 27.25 38.70 -38.52
C ASN C 61 25.76 38.35 -38.61
N ALA C 62 24.96 39.34 -38.94
CA ALA C 62 23.51 39.19 -39.05
C ALA C 62 23.04 39.59 -40.44
N THR C 63 21.91 39.03 -40.84
CA THR C 63 21.29 39.34 -42.13
C THR C 63 19.78 39.39 -41.96
N SER C 64 19.11 39.96 -42.96
CA SER C 64 17.66 40.10 -42.95
C SER C 64 17.09 39.60 -44.26
N VAL C 65 15.87 39.07 -44.18
CA VAL C 65 15.17 38.53 -45.34
C VAL C 65 13.82 39.21 -45.45
N THR C 66 13.48 39.69 -46.65
CA THR C 66 12.17 40.26 -46.89
C THR C 66 11.12 39.16 -46.99
N HIS C 67 9.91 39.49 -46.54
CA HIS C 67 8.79 38.54 -46.62
C HIS C 67 8.34 38.42 -48.07
N LYS C 68 8.69 37.31 -48.69
CA LYS C 68 8.28 37.08 -50.07
C LYS C 68 6.77 36.93 -50.17
N PRO C 69 6.14 37.47 -51.21
CA PRO C 69 4.67 37.33 -51.32
C PRO C 69 4.21 35.89 -51.42
N ASN C 70 4.75 35.13 -52.38
CA ASN C 70 4.35 33.74 -52.55
C ASN C 70 5.01 32.86 -51.49
N ALA C 71 4.21 31.94 -50.92
CA ALA C 71 4.73 31.04 -49.90
C ALA C 71 5.80 30.13 -50.48
N ILE C 72 5.59 29.61 -51.69
CA ILE C 72 6.60 28.79 -52.34
C ILE C 72 7.85 29.61 -52.63
N GLN C 73 7.66 30.86 -53.07
CA GLN C 73 8.79 31.75 -53.28
C GLN C 73 9.53 32.01 -51.97
N MET C 74 8.79 32.19 -50.88
CA MET C 74 9.42 32.39 -49.58
C MET C 74 10.23 31.16 -49.16
N ALA C 75 9.68 29.97 -49.39
CA ALA C 75 10.41 28.75 -49.06
C ALA C 75 11.67 28.62 -49.90
N LEU C 76 11.58 28.94 -51.19
CA LEU C 76 12.77 28.91 -52.05
C LEU C 76 13.82 29.90 -51.57
N SER C 77 13.39 31.10 -51.19
CA SER C 77 14.32 32.11 -50.71
C SER C 77 14.98 31.68 -49.42
N VAL C 78 14.22 31.10 -48.50
CA VAL C 78 14.81 30.69 -47.22
C VAL C 78 15.75 29.51 -47.42
N CYS C 79 15.42 28.60 -48.34
CA CYS C 79 16.34 27.51 -48.64
C CYS C 79 17.64 28.04 -49.25
N GLU C 80 17.53 29.01 -50.17
CA GLU C 80 18.73 29.60 -50.75
C GLU C 80 19.56 30.31 -49.70
N ASP C 81 18.92 31.02 -48.78
CA ASP C 81 19.66 31.71 -47.72
C ASP C 81 20.35 30.73 -46.79
N LEU C 82 19.67 29.64 -46.43
CA LEU C 82 20.29 28.62 -45.58
C LEU C 82 21.45 27.95 -46.29
N ILE C 83 21.32 27.73 -47.60
CA ILE C 83 22.43 27.15 -48.37
C ILE C 83 23.62 28.11 -48.39
N SER C 84 23.35 29.39 -48.63
CA SER C 84 24.44 30.37 -48.68
C SER C 84 25.00 30.66 -47.29
N SER C 85 24.11 30.86 -46.31
CA SER C 85 24.51 31.22 -44.95
C SER C 85 23.98 30.18 -43.97
N GLN C 86 24.88 29.68 -43.12
CA GLN C 86 24.50 28.71 -42.09
C GLN C 86 23.82 29.45 -40.96
N VAL C 87 22.52 29.69 -41.13
CA VAL C 87 21.76 30.44 -40.14
C VAL C 87 21.53 29.57 -38.91
N TYR C 88 21.82 30.11 -37.73
CA TYR C 88 21.62 29.39 -36.47
C TYR C 88 20.19 29.53 -35.95
N ALA C 89 19.58 30.69 -36.12
CA ALA C 89 18.22 30.92 -35.68
C ALA C 89 17.62 32.07 -36.48
N ILE C 90 16.37 31.92 -36.89
CA ILE C 90 15.70 32.93 -37.70
C ILE C 90 14.70 33.68 -36.83
N LEU C 91 14.38 34.90 -37.25
CA LEU C 91 13.40 35.73 -36.58
C LEU C 91 12.31 36.09 -37.58
N VAL C 92 11.05 35.83 -37.22
CA VAL C 92 9.92 36.01 -38.12
C VAL C 92 8.82 36.77 -37.40
N SER C 93 8.19 37.71 -38.11
CA SER C 93 7.04 38.44 -37.61
C SER C 93 6.05 38.62 -38.75
N HIS C 94 4.79 38.79 -38.39
CA HIS C 94 3.75 38.99 -39.39
C HIS C 94 3.97 40.33 -40.08
N PRO C 95 3.99 40.38 -41.41
CA PRO C 95 4.14 41.65 -42.12
C PRO C 95 2.94 42.54 -41.88
N PRO C 96 3.08 43.85 -42.04
CA PRO C 96 1.93 44.75 -41.85
C PRO C 96 0.76 44.43 -42.76
N THR C 97 1.02 43.93 -43.96
CA THR C 97 -0.06 43.49 -44.83
C THR C 97 -0.68 42.23 -44.24
N PRO C 98 -2.00 42.19 -44.06
CA PRO C 98 -2.62 41.00 -43.45
C PRO C 98 -2.61 39.79 -44.36
N ASN C 99 -1.78 38.81 -44.04
CA ASN C 99 -1.71 37.57 -44.81
C ASN C 99 -2.15 36.36 -43.99
N ASP C 100 -2.81 36.58 -42.86
CA ASP C 100 -3.36 35.51 -42.01
C ASP C 100 -2.20 34.63 -41.56
N HIS C 101 -2.29 33.31 -41.71
CA HIS C 101 -1.25 32.40 -41.27
C HIS C 101 -0.36 31.90 -42.41
N PHE C 102 -0.45 32.53 -43.58
CA PHE C 102 0.31 32.05 -44.73
C PHE C 102 1.79 32.36 -44.62
N THR C 103 2.14 33.51 -44.05
CA THR C 103 3.53 33.96 -44.03
C THR C 103 4.48 33.04 -43.27
N PRO C 104 4.20 32.59 -42.04
CA PRO C 104 5.23 31.91 -41.26
C PRO C 104 5.36 30.41 -41.54
N THR C 105 4.41 29.81 -42.26
CA THR C 105 4.47 28.36 -42.46
C THR C 105 5.69 27.88 -43.23
N PRO C 106 6.11 28.50 -44.35
CA PRO C 106 7.25 27.92 -45.07
C PRO C 106 8.56 28.00 -44.30
N VAL C 107 8.83 29.14 -43.66
CA VAL C 107 10.07 29.27 -42.90
C VAL C 107 10.05 28.36 -41.68
N SER C 108 8.88 28.22 -41.04
CA SER C 108 8.78 27.31 -39.91
C SER C 108 9.04 25.87 -40.33
N TYR C 109 8.47 25.46 -41.47
CA TYR C 109 8.73 24.12 -41.97
C TYR C 109 10.20 23.92 -42.32
N THR C 110 10.82 24.94 -42.93
CA THR C 110 12.24 24.84 -43.26
C THR C 110 13.09 24.69 -42.01
N ALA C 111 12.77 25.46 -40.96
CA ALA C 111 13.51 25.37 -39.71
C ALA C 111 13.31 24.01 -39.05
N GLY C 112 12.08 23.50 -39.08
CA GLY C 112 11.80 22.21 -38.47
C GLY C 112 12.34 21.03 -39.25
N PHE C 113 12.65 21.22 -40.55
CA PHE C 113 13.21 20.14 -41.34
C PHE C 113 14.55 19.69 -40.79
N TYR C 114 15.41 20.64 -40.40
CA TYR C 114 16.71 20.35 -39.84
C TYR C 114 16.74 20.50 -38.32
N ARG C 115 15.56 20.58 -37.68
CA ARG C 115 15.46 20.73 -36.23
C ARG C 115 16.22 21.96 -35.74
N ILE C 116 16.05 23.06 -36.44
CA ILE C 116 16.71 24.32 -36.11
C ILE C 116 15.80 25.09 -35.16
N PRO C 117 16.22 25.32 -33.91
CA PRO C 117 15.36 26.10 -32.99
C PRO C 117 15.31 27.57 -33.36
N VAL C 118 14.15 28.03 -33.83
CA VAL C 118 13.96 29.42 -34.24
C VAL C 118 12.85 30.02 -33.41
N LEU C 119 12.67 31.34 -33.57
CA LEU C 119 11.71 32.08 -32.78
C LEU C 119 10.87 32.98 -33.67
N GLY C 120 9.65 33.27 -33.19
CA GLY C 120 8.76 34.20 -33.85
C GLY C 120 8.42 35.36 -32.91
N LEU C 121 7.77 36.37 -33.49
CA LEU C 121 7.43 37.58 -32.76
C LEU C 121 5.93 37.77 -32.60
N THR C 122 5.17 37.70 -33.70
CA THR C 122 3.74 37.95 -33.69
C THR C 122 2.92 36.66 -33.76
N THR C 123 3.52 35.52 -33.39
CA THR C 123 2.83 34.24 -33.46
C THR C 123 1.87 34.15 -32.27
N ARG C 124 0.63 34.57 -32.51
CA ARG C 124 -0.42 34.50 -31.50
C ARG C 124 -1.23 33.21 -31.58
N MET C 125 -0.93 32.33 -32.53
CA MET C 125 -1.64 31.09 -32.70
C MET C 125 -0.98 29.97 -31.89
N SER C 126 -1.79 29.05 -31.40
CA SER C 126 -1.31 27.99 -30.52
C SER C 126 -0.85 26.75 -31.28
N ILE C 127 -1.10 26.66 -32.59
CA ILE C 127 -0.62 25.52 -33.36
C ILE C 127 0.90 25.51 -33.42
N TYR C 128 1.51 26.69 -33.53
CA TYR C 128 2.97 26.78 -33.49
C TYR C 128 3.49 26.39 -32.11
N SER C 129 2.76 26.74 -31.05
CA SER C 129 3.16 26.34 -29.70
C SER C 129 3.15 24.83 -29.55
N ASP C 130 2.37 24.12 -30.35
CA ASP C 130 2.36 22.67 -30.30
C ASP C 130 3.69 22.10 -30.79
N LYS C 131 4.14 21.03 -30.15
CA LYS C 131 5.42 20.40 -30.47
C LYS C 131 5.29 19.29 -31.49
N SER C 132 4.12 19.15 -32.12
CA SER C 132 3.92 18.06 -33.08
C SER C 132 4.79 18.26 -34.32
N ILE C 133 4.58 19.35 -35.04
CA ILE C 133 5.33 19.65 -36.25
C ILE C 133 6.18 20.90 -36.10
N HIS C 134 5.67 21.91 -35.40
CA HIS C 134 6.35 23.19 -35.22
C HIS C 134 7.06 23.27 -33.88
N LEU C 135 7.62 22.15 -33.42
CA LEU C 135 8.33 22.14 -32.14
C LEU C 135 9.52 23.08 -32.14
N SER C 136 10.08 23.37 -33.31
CA SER C 136 11.25 24.23 -33.42
C SER C 136 10.91 25.71 -33.42
N PHE C 137 9.70 26.08 -33.01
CA PHE C 137 9.26 27.47 -32.99
C PHE C 137 9.07 27.93 -31.55
N LEU C 138 9.67 29.06 -31.20
CA LEU C 138 9.55 29.66 -29.88
C LEU C 138 8.74 30.95 -30.01
N ARG C 139 7.62 31.02 -29.30
CA ARG C 139 6.75 32.18 -29.36
C ARG C 139 7.14 33.15 -28.24
N THR C 140 7.61 34.33 -28.62
CA THR C 140 7.95 35.35 -27.63
C THR C 140 6.72 35.92 -26.93
N VAL C 141 5.53 35.64 -27.45
CA VAL C 141 4.28 36.14 -26.89
C VAL C 141 3.34 34.97 -26.65
N PRO C 142 2.60 34.94 -25.55
CA PRO C 142 1.65 33.85 -25.31
C PRO C 142 0.60 33.79 -26.41
N PRO C 143 0.14 32.59 -26.78
CA PRO C 143 -0.86 32.48 -27.83
C PRO C 143 -2.25 32.87 -27.35
N TYR C 144 -3.23 32.84 -28.25
CA TYR C 144 -4.59 33.20 -27.88
C TYR C 144 -5.16 32.24 -26.85
N SER C 145 -4.78 30.96 -26.92
CA SER C 145 -5.29 29.98 -25.97
C SER C 145 -4.91 30.34 -24.54
N HIS C 146 -3.68 30.78 -24.33
CA HIS C 146 -3.27 31.22 -22.99
C HIS C 146 -4.12 32.39 -22.51
N GLN C 147 -4.65 33.19 -23.44
CA GLN C 147 -5.55 34.28 -23.07
C GLN C 147 -6.79 33.77 -22.34
N SER C 148 -7.19 32.53 -22.59
CA SER C 148 -8.33 31.96 -21.85
C SER C 148 -8.00 31.79 -20.39
N SER C 149 -6.73 31.52 -20.06
CA SER C 149 -6.36 31.24 -18.68
C SER C 149 -6.70 32.41 -17.77
N VAL C 150 -6.24 33.61 -18.13
CA VAL C 150 -6.55 34.80 -17.33
C VAL C 150 -8.05 35.02 -17.26
N TRP C 151 -8.79 34.53 -18.26
CA TRP C 151 -10.24 34.63 -18.22
C TRP C 151 -10.81 33.94 -17.00
N PHE C 152 -10.29 32.75 -16.67
CA PHE C 152 -10.68 32.12 -15.42
C PHE C 152 -10.31 33.00 -14.23
N GLU C 153 -9.12 33.58 -14.25
CA GLU C 153 -8.77 34.60 -13.27
C GLU C 153 -9.74 35.77 -13.35
N MET C 154 -10.11 36.15 -14.57
CA MET C 154 -11.17 37.15 -14.75
C MET C 154 -12.43 36.69 -14.03
N MET C 155 -12.78 35.41 -14.17
CA MET C 155 -13.88 34.85 -13.40
C MET C 155 -13.64 35.03 -11.91
N ARG C 156 -12.43 34.69 -11.44
CA ARG C 156 -12.08 34.89 -10.03
C ARG C 156 -12.17 36.36 -9.63
N VAL C 157 -12.09 37.28 -10.60
CA VAL C 157 -12.28 38.68 -10.30
C VAL C 157 -13.70 38.92 -9.79
N TYR C 158 -14.69 38.30 -10.43
CA TYR C 158 -16.08 38.55 -10.11
C TYR C 158 -16.82 37.34 -9.55
N SER C 159 -16.18 36.16 -9.53
CA SER C 159 -16.75 34.95 -8.95
C SER C 159 -18.09 34.60 -9.58
N TRP C 160 -18.13 34.61 -10.90
CA TRP C 160 -19.31 34.22 -11.67
C TRP C 160 -19.03 32.85 -12.28
N ASN C 161 -19.35 31.80 -11.52
CA ASN C 161 -19.10 30.44 -11.99
C ASN C 161 -20.01 30.05 -13.15
N HIS C 162 -21.13 30.75 -13.34
CA HIS C 162 -22.06 30.46 -14.42
C HIS C 162 -21.48 31.02 -15.72
N ILE C 163 -20.54 30.27 -16.28
CA ILE C 163 -19.82 30.64 -17.48
C ILE C 163 -20.18 29.68 -18.60
N ILE C 164 -20.36 30.22 -19.80
CA ILE C 164 -20.59 29.42 -20.99
C ILE C 164 -19.55 29.78 -22.03
N LEU C 165 -19.29 28.85 -22.94
CA LEU C 165 -18.26 29.00 -23.95
C LEU C 165 -18.90 29.05 -25.34
N LEU C 166 -18.53 30.05 -26.12
CA LEU C 166 -18.96 30.19 -27.51
C LEU C 166 -17.72 30.40 -28.35
N VAL C 167 -17.07 29.30 -28.73
CA VAL C 167 -15.81 29.34 -29.45
C VAL C 167 -15.98 28.62 -30.78
N SER C 168 -15.39 29.18 -31.83
CA SER C 168 -15.47 28.57 -33.15
C SER C 168 -14.76 27.23 -33.17
N ASP C 169 -15.28 26.31 -33.98
CA ASP C 169 -14.71 24.97 -34.11
C ASP C 169 -13.44 25.03 -34.95
N ASP C 170 -12.39 25.55 -34.33
CA ASP C 170 -11.09 25.70 -34.96
C ASP C 170 -10.02 25.03 -34.09
N HIS C 171 -8.91 24.67 -34.74
CA HIS C 171 -7.83 24.00 -34.02
C HIS C 171 -7.31 24.87 -32.89
N GLU C 172 -7.05 26.15 -33.18
CA GLU C 172 -6.69 27.09 -32.11
C GLU C 172 -7.85 27.27 -31.14
N GLY C 173 -9.07 27.35 -31.66
CA GLY C 173 -10.23 27.43 -30.79
C GLY C 173 -10.40 26.21 -29.92
N ARG C 174 -10.18 25.02 -30.49
CA ARG C 174 -10.26 23.80 -29.70
C ARG C 174 -9.16 23.75 -28.64
N ALA C 175 -7.96 24.20 -28.99
CA ALA C 175 -6.88 24.25 -28.00
C ALA C 175 -7.22 25.20 -26.86
N ALA C 176 -7.76 26.37 -27.18
CA ALA C 176 -8.18 27.30 -26.13
C ALA C 176 -9.28 26.70 -25.27
N GLN C 177 -10.24 26.02 -25.90
CA GLN C 177 -11.33 25.40 -25.16
C GLN C 177 -10.82 24.33 -24.21
N LYS C 178 -9.88 23.49 -24.68
CA LYS C 178 -9.36 22.44 -23.82
C LYS C 178 -8.48 23.00 -22.72
N ARG C 179 -7.74 24.08 -22.99
CA ARG C 179 -6.96 24.72 -21.93
C ARG C 179 -7.89 25.29 -20.86
N LEU C 180 -8.97 25.95 -21.28
CA LEU C 180 -9.93 26.46 -20.31
C LEU C 180 -10.60 25.33 -19.54
N GLU C 181 -10.91 24.22 -20.22
CA GLU C 181 -11.52 23.08 -19.55
C GLU C 181 -10.58 22.49 -18.50
N THR C 182 -9.31 22.35 -18.83
CA THR C 182 -8.34 21.84 -17.87
C THR C 182 -8.21 22.79 -16.68
N LEU C 183 -8.18 24.10 -16.94
CA LEU C 183 -8.02 25.07 -15.86
C LEU C 183 -9.24 25.07 -14.94
N LEU C 184 -10.45 24.98 -15.50
CA LEU C 184 -11.64 24.94 -14.66
C LEU C 184 -11.75 23.62 -13.91
N GLU C 185 -11.31 22.52 -14.53
CA GLU C 185 -11.28 21.24 -13.81
C GLU C 185 -10.32 21.31 -12.63
N GLU C 186 -9.18 21.98 -12.82
CA GLU C 186 -8.29 22.25 -11.68
C GLU C 186 -8.98 23.11 -10.64
N ARG C 187 -9.75 24.12 -11.09
CA ARG C 187 -10.53 24.95 -10.18
C ARG C 187 -11.83 24.30 -9.75
N GLU C 188 -12.18 23.15 -10.33
CA GLU C 188 -13.41 22.42 -9.97
C GLU C 188 -14.64 23.29 -10.14
N SER C 189 -14.70 24.04 -11.24
CA SER C 189 -15.83 24.92 -11.56
C SER C 189 -16.27 24.60 -12.98
N LYS C 190 -17.22 23.68 -13.13
CA LYS C 190 -17.70 23.29 -14.44
C LYS C 190 -18.48 24.42 -15.09
N ALA C 191 -18.20 24.66 -16.37
CA ALA C 191 -18.90 25.68 -17.13
C ALA C 191 -20.32 25.25 -17.44
N GLU C 192 -21.15 26.23 -17.82
CA GLU C 192 -22.54 25.93 -18.16
C GLU C 192 -22.63 25.01 -19.37
N LYS C 193 -21.96 25.38 -20.46
CA LYS C 193 -21.96 24.59 -21.69
C LYS C 193 -20.89 25.16 -22.61
N VAL C 194 -20.80 24.60 -23.81
CA VAL C 194 -19.88 25.05 -24.84
C VAL C 194 -20.65 25.17 -26.16
N LEU C 195 -20.39 26.24 -26.89
CA LEU C 195 -21.01 26.48 -28.19
C LEU C 195 -19.93 26.47 -29.27
N GLN C 196 -20.12 25.62 -30.28
CA GLN C 196 -19.18 25.49 -31.38
C GLN C 196 -19.85 25.97 -32.67
N PHE C 197 -19.21 26.89 -33.36
CA PHE C 197 -19.72 27.42 -34.62
C PHE C 197 -18.63 27.33 -35.68
N ASP C 198 -18.96 26.72 -36.81
CA ASP C 198 -18.00 26.61 -37.90
C ASP C 198 -17.75 27.98 -38.50
N PRO C 199 -16.50 28.35 -38.77
CA PRO C 199 -16.21 29.66 -39.36
C PRO C 199 -16.88 29.83 -40.72
N GLY C 200 -17.35 31.04 -40.98
CA GLY C 200 -17.99 31.36 -42.24
C GLY C 200 -19.44 30.94 -42.35
N THR C 201 -20.01 30.34 -41.31
CA THR C 201 -21.38 29.89 -41.34
C THR C 201 -22.33 30.97 -40.84
N LYS C 202 -23.56 30.95 -41.36
CA LYS C 202 -24.58 31.91 -40.98
C LYS C 202 -25.61 31.23 -40.08
N ASN C 203 -26.64 32.01 -39.71
CA ASN C 203 -27.71 31.53 -38.82
C ASN C 203 -27.14 30.98 -37.52
N VAL C 204 -26.20 31.71 -36.94
CA VAL C 204 -25.56 31.30 -35.69
C VAL C 204 -26.50 31.57 -34.53
N THR C 205 -27.67 32.14 -34.82
CA THR C 205 -28.65 32.43 -33.79
C THR C 205 -29.22 31.16 -33.15
N ALA C 206 -29.07 30.01 -33.81
CA ALA C 206 -29.59 28.76 -33.24
C ALA C 206 -28.90 28.44 -31.91
N LEU C 207 -27.57 28.43 -31.90
CA LEU C 207 -26.83 28.18 -30.66
C LEU C 207 -27.05 29.29 -29.66
N LEU C 208 -27.16 30.54 -30.13
CA LEU C 208 -27.40 31.65 -29.23
C LEU C 208 -28.71 31.48 -28.48
N MET C 209 -29.76 31.06 -29.19
CA MET C 209 -31.04 30.83 -28.52
C MET C 209 -31.00 29.58 -27.64
N GLU C 210 -30.29 28.54 -28.10
CA GLU C 210 -30.18 27.31 -27.32
C GLU C 210 -29.38 27.52 -26.04
N ALA C 211 -28.56 28.57 -25.97
CA ALA C 211 -27.82 28.88 -24.76
C ALA C 211 -28.38 30.06 -23.99
N LYS C 212 -29.29 30.84 -24.58
CA LYS C 212 -29.81 32.03 -23.92
C LYS C 212 -30.63 31.68 -22.68
N GLU C 213 -31.43 30.61 -22.77
CA GLU C 213 -32.30 30.23 -21.66
C GLU C 213 -31.55 29.73 -20.44
N LEU C 214 -30.26 29.45 -20.56
CA LEU C 214 -29.50 28.93 -19.43
C LEU C 214 -29.31 29.99 -18.37
N GLU C 215 -28.95 29.54 -17.17
CA GLU C 215 -28.78 30.43 -16.02
C GLU C 215 -27.51 31.25 -16.08
N ALA C 216 -26.63 30.99 -17.03
CA ALA C 216 -25.40 31.77 -17.15
C ALA C 216 -25.71 33.18 -17.62
N ARG C 217 -25.02 34.16 -17.02
CA ARG C 217 -25.14 35.55 -17.42
C ARG C 217 -23.90 36.10 -18.09
N VAL C 218 -22.76 35.42 -17.96
CA VAL C 218 -21.51 35.82 -18.61
C VAL C 218 -21.14 34.77 -19.66
N ILE C 219 -20.74 35.24 -20.83
CA ILE C 219 -20.43 34.38 -21.96
C ILE C 219 -18.98 34.61 -22.36
N ILE C 220 -18.25 33.51 -22.56
CA ILE C 220 -16.86 33.56 -23.00
C ILE C 220 -16.82 33.17 -24.47
N LEU C 221 -16.26 34.04 -25.30
CA LEU C 221 -16.21 33.84 -26.74
C LEU C 221 -14.81 34.11 -27.27
N SER C 222 -14.46 33.42 -28.35
CA SER C 222 -13.17 33.62 -29.00
C SER C 222 -13.29 33.08 -30.43
N ALA C 223 -13.19 33.99 -31.40
CA ALA C 223 -13.36 33.60 -32.80
C ALA C 223 -12.65 34.63 -33.67
N SER C 224 -12.63 34.36 -34.98
CA SER C 224 -12.00 35.26 -35.93
C SER C 224 -12.80 36.55 -36.04
N GLU C 225 -12.19 37.54 -36.70
CA GLU C 225 -12.81 38.87 -36.79
C GLU C 225 -14.15 38.81 -37.50
N ASP C 226 -14.22 38.12 -38.64
CA ASP C 226 -15.48 37.97 -39.34
C ASP C 226 -16.47 37.17 -38.50
N ASP C 227 -16.01 36.07 -37.90
CA ASP C 227 -16.88 35.29 -37.03
C ASP C 227 -17.34 36.10 -35.83
N ALA C 228 -16.43 36.88 -35.24
CA ALA C 228 -16.81 37.72 -34.11
C ALA C 228 -17.88 38.74 -34.51
N ALA C 229 -17.69 39.41 -35.65
CA ALA C 229 -18.68 40.38 -36.09
C ALA C 229 -20.02 39.72 -36.35
N THR C 230 -20.01 38.53 -36.97
CA THR C 230 -21.25 37.81 -37.24
C THR C 230 -21.96 37.45 -35.94
N VAL C 231 -21.22 36.96 -34.94
CA VAL C 231 -21.88 36.55 -33.71
C VAL C 231 -22.36 37.76 -32.92
N TYR C 232 -21.63 38.87 -32.93
CA TYR C 232 -22.14 40.07 -32.28
C TYR C 232 -23.42 40.57 -32.95
N ARG C 233 -23.45 40.56 -34.28
CA ARG C 233 -24.67 40.99 -34.97
C ARG C 233 -25.83 40.05 -34.66
N ALA C 234 -25.58 38.74 -34.63
CA ALA C 234 -26.62 37.79 -34.28
C ALA C 234 -27.13 38.00 -32.87
N ALA C 235 -26.22 38.24 -31.92
CA ALA C 235 -26.62 38.48 -30.54
C ALA C 235 -27.44 39.75 -30.42
N ALA C 236 -26.99 40.84 -31.06
CA ALA C 236 -27.75 42.08 -31.02
C ALA C 236 -29.08 41.94 -31.74
N MET C 237 -29.21 40.98 -32.65
CA MET C 237 -30.47 40.78 -33.36
C MET C 237 -31.58 40.37 -32.41
N LEU C 238 -31.29 39.46 -31.47
CA LEU C 238 -32.32 38.93 -30.57
C LEU C 238 -31.86 39.08 -29.12
N ASN C 239 -32.08 40.27 -28.56
CA ASN C 239 -32.05 40.55 -27.12
C ASN C 239 -30.95 39.82 -26.35
N MET C 240 -29.75 39.74 -26.91
CA MET C 240 -28.63 39.09 -26.23
C MET C 240 -27.60 40.08 -25.73
N THR C 241 -27.93 41.38 -25.72
CA THR C 241 -27.04 42.41 -25.20
C THR C 241 -27.66 43.17 -24.04
N GLY C 242 -28.77 42.69 -23.50
CA GLY C 242 -29.46 43.37 -22.43
C GLY C 242 -28.83 43.10 -21.08
N SER C 243 -29.58 43.45 -20.03
CA SER C 243 -29.10 43.24 -18.67
C SER C 243 -28.89 41.76 -18.42
N GLY C 244 -27.81 41.43 -17.71
CA GLY C 244 -27.42 40.05 -17.53
C GLY C 244 -26.72 39.43 -18.70
N TYR C 245 -26.32 40.22 -19.68
CA TYR C 245 -25.58 39.75 -20.84
C TYR C 245 -24.24 40.47 -20.91
N VAL C 246 -23.16 39.69 -21.00
CA VAL C 246 -21.81 40.24 -21.12
C VAL C 246 -20.92 39.18 -21.76
N TRP C 247 -20.01 39.65 -22.61
CA TRP C 247 -19.11 38.76 -23.34
C TRP C 247 -17.69 39.29 -23.25
N LEU C 248 -16.75 38.40 -22.93
CA LEU C 248 -15.32 38.70 -22.95
C LEU C 248 -14.66 37.90 -24.06
N VAL C 249 -13.81 38.56 -24.83
CA VAL C 249 -13.21 37.96 -26.02
C VAL C 249 -11.72 38.28 -26.05
N GLY C 250 -11.01 37.56 -26.91
CA GLY C 250 -9.58 37.75 -27.07
C GLY C 250 -9.24 38.93 -27.96
N GLU C 251 -7.94 39.12 -28.16
CA GLU C 251 -7.45 40.23 -28.97
C GLU C 251 -7.92 40.13 -30.42
N ARG C 252 -7.90 38.91 -30.98
CA ARG C 252 -8.26 38.75 -32.38
C ARG C 252 -9.72 39.09 -32.64
N GLU C 253 -10.58 38.94 -31.62
CA GLU C 253 -11.99 39.28 -31.80
C GLU C 253 -12.20 40.79 -31.80
N ILE C 254 -11.46 41.51 -30.96
CA ILE C 254 -11.62 42.97 -30.86
C ILE C 254 -10.71 43.59 -31.92
N SER C 255 -11.25 43.67 -33.13
CA SER C 255 -10.53 44.27 -34.26
C SER C 255 -11.52 44.47 -35.40
N GLY C 256 -11.13 45.30 -36.36
CA GLY C 256 -11.91 45.53 -37.55
C GLY C 256 -13.25 46.16 -37.25
N ASN C 257 -14.20 45.93 -38.16
CA ASN C 257 -15.56 46.44 -37.99
C ASN C 257 -16.31 45.73 -36.86
N ALA C 258 -15.79 44.62 -36.36
CA ALA C 258 -16.39 43.97 -35.20
C ALA C 258 -16.43 44.92 -34.01
N LEU C 259 -15.44 45.80 -33.88
CA LEU C 259 -15.48 46.82 -32.85
C LEU C 259 -16.69 47.73 -33.02
N ARG C 260 -16.98 48.13 -34.25
CA ARG C 260 -18.18 48.91 -34.51
C ARG C 260 -19.44 48.12 -34.17
N TYR C 261 -19.46 46.82 -34.50
CA TYR C 261 -20.58 45.96 -34.19
C TYR C 261 -20.55 45.41 -32.77
N ALA C 262 -19.48 45.67 -32.02
CA ALA C 262 -19.40 45.17 -30.65
C ALA C 262 -20.29 46.02 -29.73
N PRO C 263 -21.14 45.41 -28.92
CA PRO C 263 -21.90 46.19 -27.93
C PRO C 263 -20.96 46.84 -26.92
N ASP C 264 -21.35 48.04 -26.48
CA ASP C 264 -20.52 48.79 -25.54
C ASP C 264 -20.39 48.03 -24.23
N GLY C 265 -19.22 48.16 -23.60
CA GLY C 265 -18.94 47.50 -22.34
C GLY C 265 -18.44 46.08 -22.47
N ILE C 266 -18.24 45.57 -23.68
CA ILE C 266 -17.74 44.20 -23.85
C ILE C 266 -16.26 44.16 -23.48
N LEU C 267 -15.92 43.27 -22.55
CA LEU C 267 -14.55 43.16 -22.09
C LEU C 267 -13.66 42.54 -23.18
N GLY C 268 -12.41 42.99 -23.22
CA GLY C 268 -11.45 42.44 -24.16
C GLY C 268 -10.07 42.42 -23.55
N LEU C 269 -9.22 41.55 -24.10
CA LEU C 269 -7.85 41.39 -23.64
C LEU C 269 -6.90 41.70 -24.78
N GLN C 270 -5.83 42.44 -24.47
CA GLN C 270 -4.82 42.81 -25.44
C GLN C 270 -3.44 42.56 -24.87
N LEU C 271 -2.47 42.32 -25.76
CA LEU C 271 -1.09 42.14 -25.33
C LEU C 271 -0.57 43.43 -24.71
N ILE C 272 0.27 43.28 -23.69
CA ILE C 272 0.80 44.46 -22.99
C ILE C 272 1.68 45.28 -23.92
N ASN C 273 2.43 44.63 -24.81
CA ASN C 273 3.29 45.32 -25.75
C ASN C 273 2.58 45.73 -27.04
N GLY C 274 1.39 45.18 -27.29
CA GLY C 274 0.68 45.52 -28.51
C GLY C 274 1.42 45.02 -29.74
N LYS C 275 1.11 45.67 -30.86
CA LYS C 275 1.78 45.37 -32.14
C LYS C 275 2.98 46.29 -32.34
N ASN C 276 3.85 46.30 -31.34
CA ASN C 276 5.07 47.12 -31.37
C ASN C 276 6.23 46.23 -31.82
N GLU C 277 6.63 46.37 -33.09
CA GLU C 277 7.67 45.52 -33.64
C GLU C 277 9.04 45.84 -33.07
N SER C 278 9.31 47.12 -32.74
CA SER C 278 10.64 47.49 -32.27
C SER C 278 10.96 46.86 -30.91
N ALA C 279 10.01 46.91 -29.97
CA ALA C 279 10.24 46.34 -28.66
C ALA C 279 10.43 44.83 -28.74
N HIS C 280 9.61 44.16 -29.56
CA HIS C 280 9.77 42.72 -29.74
C HIS C 280 11.12 42.40 -30.39
N ILE C 281 11.55 43.22 -31.34
CA ILE C 281 12.84 43.01 -31.98
C ILE C 281 13.96 43.15 -30.96
N SER C 282 13.89 44.16 -30.10
CA SER C 282 14.92 44.35 -29.08
C SER C 282 14.94 43.20 -28.09
N ASP C 283 13.76 42.75 -27.64
CA ASP C 283 13.71 41.62 -26.71
C ASP C 283 14.25 40.35 -27.35
N ALA C 284 13.90 40.11 -28.61
CA ALA C 284 14.41 38.94 -29.31
C ALA C 284 15.92 39.02 -29.50
N VAL C 285 16.45 40.23 -29.77
CA VAL C 285 17.89 40.40 -29.90
C VAL C 285 18.58 40.08 -28.58
N GLY C 286 18.02 40.55 -27.46
CA GLY C 286 18.60 40.23 -26.17
C GLY C 286 18.55 38.73 -25.88
N VAL C 287 17.42 38.09 -26.18
CA VAL C 287 17.29 36.66 -25.94
C VAL C 287 18.27 35.88 -26.81
N VAL C 288 18.45 36.29 -28.06
CA VAL C 288 19.39 35.62 -28.95
C VAL C 288 20.81 35.82 -28.47
N ALA C 289 21.12 37.01 -27.95
CA ALA C 289 22.45 37.25 -27.39
C ALA C 289 22.71 36.34 -26.20
N GLN C 290 21.72 36.20 -25.31
CA GLN C 290 21.89 35.29 -24.17
C GLN C 290 22.07 33.85 -24.64
N ALA C 291 21.26 33.44 -25.63
CA ALA C 291 21.33 32.07 -26.13
C ALA C 291 22.69 31.79 -26.77
N VAL C 292 23.21 32.71 -27.57
CA VAL C 292 24.50 32.49 -28.21
C VAL C 292 25.62 32.56 -27.19
N HIS C 293 25.49 33.39 -26.15
CA HIS C 293 26.49 33.40 -25.09
C HIS C 293 26.54 32.07 -24.36
N GLU C 294 25.37 31.48 -24.10
CA GLU C 294 25.34 30.14 -23.50
C GLU C 294 25.85 29.08 -24.47
N LEU C 295 25.60 29.24 -25.77
CA LEU C 295 26.01 28.25 -26.75
C LEU C 295 27.53 28.25 -26.94
N LEU C 296 28.16 29.43 -26.85
CA LEU C 296 29.60 29.51 -27.02
C LEU C 296 30.35 28.71 -25.96
N GLU C 297 29.74 28.45 -24.81
CA GLU C 297 30.37 27.64 -23.78
C GLU C 297 30.35 26.15 -24.12
N LYS C 298 29.50 25.74 -25.06
CA LYS C 298 29.44 24.33 -25.44
C LYS C 298 30.69 23.93 -26.20
N GLU C 299 31.26 22.78 -25.82
CA GLU C 299 32.49 22.30 -26.44
C GLU C 299 32.24 21.51 -27.72
N ASN C 300 30.98 21.21 -28.04
CA ASN C 300 30.67 20.47 -29.26
C ASN C 300 29.38 20.98 -29.89
N ASP C 303 27.43 22.84 -34.92
CA ASP C 303 27.56 23.57 -36.17
C ASP C 303 26.40 23.25 -37.12
N PRO C 304 25.93 24.25 -37.85
CA PRO C 304 24.85 24.03 -38.82
C PRO C 304 25.32 23.15 -39.96
N PRO C 305 24.40 22.47 -40.65
CA PRO C 305 24.81 21.59 -41.75
C PRO C 305 25.25 22.37 -42.97
N ARG C 306 25.55 21.65 -44.06
CA ARG C 306 26.03 22.29 -45.28
C ARG C 306 24.87 22.88 -46.08
N GLY C 307 24.04 23.70 -45.43
CA GLY C 307 22.99 24.40 -46.12
C GLY C 307 21.78 23.54 -46.45
N CYS C 308 20.80 24.18 -47.09
CA CYS C 308 19.59 23.50 -47.50
C CYS C 308 19.83 22.50 -48.63
N VAL C 309 20.90 22.69 -49.41
CA VAL C 309 21.21 21.85 -50.55
C VAL C 309 22.41 20.99 -50.20
N GLY C 310 22.34 19.70 -50.53
CA GLY C 310 23.43 18.78 -50.29
C GLY C 310 23.35 18.03 -48.98
N ASN C 311 23.41 18.74 -47.85
CA ASN C 311 23.36 18.11 -46.54
C ASN C 311 21.90 17.86 -46.17
N THR C 312 21.39 16.74 -46.69
CA THR C 312 20.00 16.36 -46.41
C THR C 312 19.79 16.03 -44.94
N ASN C 313 20.76 15.34 -44.32
CA ASN C 313 20.64 14.97 -42.92
C ASN C 313 20.66 16.20 -42.03
N ILE C 314 19.89 16.14 -40.94
CA ILE C 314 19.84 17.25 -40.00
C ILE C 314 21.15 17.35 -39.23
N TRP C 315 21.38 18.52 -38.65
CA TRP C 315 22.57 18.74 -37.84
C TRP C 315 22.38 18.12 -36.46
N LYS C 316 23.38 17.36 -36.01
CA LYS C 316 23.31 16.76 -34.69
C LYS C 316 23.31 17.81 -33.59
N THR C 317 23.91 18.98 -33.86
CA THR C 317 23.94 20.06 -32.89
C THR C 317 22.64 20.84 -32.82
N GLY C 318 21.71 20.60 -33.73
CA GLY C 318 20.42 21.25 -33.69
C GLY C 318 19.60 20.94 -32.45
N PRO C 319 19.42 19.65 -32.15
CA PRO C 319 18.75 19.30 -30.89
C PRO C 319 19.47 19.82 -29.65
N LEU C 320 20.81 19.84 -29.67
CA LEU C 320 21.54 20.39 -28.53
C LEU C 320 21.28 21.88 -28.38
N PHE C 321 21.27 22.62 -29.49
CA PHE C 321 20.96 24.04 -29.44
C PHE C 321 19.54 24.27 -28.94
N LYS C 322 18.60 23.44 -29.38
CA LYS C 322 17.23 23.55 -28.89
C LYS C 322 17.16 23.29 -27.38
N ARG C 323 17.89 22.28 -26.91
CA ARG C 323 17.88 21.96 -25.48
C ARG C 323 18.48 23.09 -24.66
N VAL C 324 19.60 23.67 -25.12
CA VAL C 324 20.21 24.75 -24.35
C VAL C 324 19.35 26.01 -24.43
N LEU C 325 18.63 26.21 -25.55
CA LEU C 325 17.69 27.33 -25.62
C LEU C 325 16.55 27.14 -24.62
N MET C 326 16.06 25.90 -24.48
CA MET C 326 15.06 25.62 -23.46
C MET C 326 15.62 25.90 -22.07
N SER C 327 16.86 25.48 -21.82
CA SER C 327 17.49 25.76 -20.53
C SER C 327 17.70 27.25 -20.32
N SER C 328 18.15 27.96 -21.35
CA SER C 328 18.43 29.38 -21.23
C SER C 328 17.13 30.19 -21.21
N LYS C 329 17.25 31.44 -20.79
CA LYS C 329 16.12 32.34 -20.71
C LYS C 329 16.61 33.77 -20.86
N TYR C 330 15.67 34.70 -20.97
CA TYR C 330 15.95 36.12 -21.11
C TYR C 330 15.39 36.86 -19.91
N ALA C 331 16.21 37.74 -19.32
CA ALA C 331 15.82 38.47 -18.13
C ALA C 331 16.05 39.96 -18.34
N ASP C 332 15.09 40.77 -17.87
CA ASP C 332 15.17 42.23 -17.91
C ASP C 332 15.38 42.73 -19.34
N GLY C 333 14.39 42.44 -20.19
CA GLY C 333 14.39 42.90 -21.57
C GLY C 333 13.78 44.28 -21.70
N VAL C 334 13.57 44.67 -22.96
CA VAL C 334 12.93 45.96 -23.23
C VAL C 334 11.51 45.97 -22.68
N THR C 335 10.77 44.87 -22.86
CA THR C 335 9.43 44.72 -22.32
C THR C 335 9.44 43.96 -20.99
N GLY C 336 10.51 44.09 -20.22
CA GLY C 336 10.65 43.35 -18.97
C GLY C 336 11.22 41.97 -19.20
N ARG C 337 11.25 41.21 -18.11
CA ARG C 337 11.76 39.84 -18.17
C ARG C 337 10.86 38.97 -19.04
N VAL C 338 11.48 38.18 -19.90
CA VAL C 338 10.77 37.30 -20.83
C VAL C 338 11.23 35.88 -20.53
N GLU C 339 10.50 35.18 -19.67
CA GLU C 339 10.84 33.83 -19.26
C GLU C 339 10.00 32.84 -20.08
N PHE C 340 10.65 32.13 -20.98
CA PHE C 340 9.96 31.15 -21.81
C PHE C 340 9.56 29.93 -21.00
N ASN C 341 8.48 29.29 -21.43
CA ASN C 341 7.99 28.08 -20.77
C ASN C 341 8.72 26.86 -21.33
N GLU C 342 8.21 25.66 -21.02
CA GLU C 342 8.80 24.45 -21.57
C GLU C 342 8.69 24.41 -23.09
N ASP C 343 7.69 25.08 -23.64
CA ASP C 343 7.51 25.16 -25.09
C ASP C 343 8.19 26.38 -25.71
N GLY C 344 8.93 27.15 -24.92
CA GLY C 344 9.57 28.34 -25.44
C GLY C 344 8.68 29.55 -25.55
N ASP C 345 7.64 29.63 -24.73
CA ASP C 345 6.72 30.75 -24.76
C ASP C 345 6.80 31.53 -23.45
N ARG C 346 6.77 32.85 -23.56
CA ARG C 346 6.92 33.72 -22.39
C ARG C 346 5.84 33.42 -21.36
N LYS C 347 6.24 33.30 -20.11
CA LYS C 347 5.33 33.05 -19.00
C LYS C 347 5.05 34.33 -18.24
N PHE C 348 3.95 34.30 -17.48
CA PHE C 348 3.44 35.43 -16.70
C PHE C 348 3.60 36.76 -17.44
N ALA C 349 3.13 36.77 -18.68
CA ALA C 349 3.17 37.98 -19.48
C ALA C 349 2.00 38.89 -19.13
N ASN C 350 2.28 40.19 -19.07
CA ASN C 350 1.25 41.15 -18.72
C ASN C 350 0.26 41.32 -19.88
N TYR C 351 -0.89 41.89 -19.57
CA TYR C 351 -1.91 42.14 -20.56
C TYR C 351 -2.75 43.34 -20.14
N SER C 352 -3.45 43.93 -21.10
CA SER C 352 -4.33 45.06 -20.85
C SER C 352 -5.77 44.62 -21.04
N ILE C 353 -6.59 44.80 -20.01
CA ILE C 353 -8.01 44.46 -20.04
C ILE C 353 -8.77 45.75 -20.33
N MET C 354 -9.43 45.79 -21.49
CA MET C 354 -10.11 46.98 -21.97
C MET C 354 -11.62 46.77 -21.90
N ASN C 355 -12.35 47.86 -21.72
CA ASN C 355 -13.81 47.84 -21.75
C ASN C 355 -14.30 48.81 -22.81
N LEU C 356 -15.31 48.38 -23.57
CA LEU C 356 -15.86 49.20 -24.65
C LEU C 356 -16.78 50.27 -24.05
N GLN C 357 -16.16 51.27 -23.45
CA GLN C 357 -16.87 52.43 -22.94
C GLN C 357 -16.94 53.50 -24.02
N ASN C 358 -18.12 54.13 -24.14
CA ASN C 358 -18.42 55.13 -25.17
C ASN C 358 -17.85 54.75 -26.53
N ARG C 359 -18.02 53.48 -26.90
CA ARG C 359 -17.51 52.93 -28.17
C ARG C 359 -16.00 53.06 -28.28
N LYS C 360 -15.30 53.00 -27.14
CA LYS C 360 -13.85 53.04 -27.12
C LYS C 360 -13.34 52.02 -26.11
N LEU C 361 -12.18 51.43 -26.41
CA LEU C 361 -11.57 50.41 -25.55
C LEU C 361 -10.79 51.12 -24.44
N VAL C 362 -11.56 51.65 -23.48
CA VAL C 362 -10.96 52.41 -22.39
C VAL C 362 -10.16 51.48 -21.48
N GLN C 363 -9.14 52.04 -20.82
CA GLN C 363 -8.30 51.27 -19.92
C GLN C 363 -9.04 51.02 -18.61
N VAL C 364 -9.38 49.77 -18.34
CA VAL C 364 -10.09 49.41 -17.12
C VAL C 364 -9.33 48.41 -16.26
N GLY C 365 -8.34 47.70 -16.78
CA GLY C 365 -7.59 46.79 -15.93
C GLY C 365 -6.28 46.38 -16.55
N ILE C 366 -5.39 45.88 -15.69
CA ILE C 366 -4.09 45.38 -16.11
C ILE C 366 -3.91 43.99 -15.51
N TYR C 367 -3.71 42.99 -16.36
CA TYR C 367 -3.37 41.64 -15.91
C TYR C 367 -1.86 41.54 -15.86
N ASN C 368 -1.30 41.99 -14.74
CA ASN C 368 0.15 41.98 -14.54
C ASN C 368 0.61 40.55 -14.31
N GLY C 369 0.97 39.86 -15.39
CA GLY C 369 1.50 38.52 -15.30
C GLY C 369 0.45 37.52 -14.88
N THR C 370 0.05 37.61 -13.61
CA THR C 370 -1.04 36.79 -13.09
C THR C 370 -2.00 37.57 -12.19
N HIS C 371 -1.71 38.81 -11.84
CA HIS C 371 -2.49 39.56 -10.86
C HIS C 371 -3.33 40.61 -11.55
N VAL C 372 -4.62 40.65 -11.22
CA VAL C 372 -5.52 41.65 -11.79
C VAL C 372 -5.37 42.96 -11.04
N ILE C 373 -5.35 44.06 -11.77
CA ILE C 373 -5.27 45.39 -11.18
C ILE C 373 -6.33 46.28 -11.82
N PRO C 374 -7.39 46.65 -11.08
CA PRO C 374 -8.43 47.55 -11.62
C PRO C 374 -7.99 49.01 -11.58
N ASN C 375 -7.25 49.41 -12.63
CA ASN C 375 -6.70 50.76 -12.68
C ASN C 375 -7.80 51.81 -12.69
N ASP C 376 -8.86 51.59 -13.47
CA ASP C 376 -9.98 52.53 -13.55
C ASP C 376 -11.27 51.76 -13.26
N ARG C 377 -11.91 52.10 -12.14
CA ARG C 377 -13.16 51.45 -11.74
C ARG C 377 -14.34 52.21 -12.33
N LYS C 378 -14.45 52.13 -13.66
CA LYS C 378 -15.52 52.77 -14.43
C LYS C 378 -16.10 51.78 -15.44
N ILE C 379 -16.36 50.56 -14.98
CA ILE C 379 -16.85 49.50 -15.84
C ILE C 379 -18.37 49.61 -15.94
N ILE C 380 -18.88 49.74 -17.16
CA ILE C 380 -20.31 49.73 -17.43
C ILE C 380 -20.61 48.50 -18.26
N TRP C 381 -21.48 47.64 -17.74
CA TRP C 381 -21.78 46.38 -18.40
C TRP C 381 -22.63 46.62 -19.65
N PRO C 382 -22.59 45.68 -20.61
CA PRO C 382 -23.35 45.88 -21.86
C PRO C 382 -24.84 46.09 -21.65
N GLY C 383 -25.42 45.52 -20.60
CA GLY C 383 -26.83 45.70 -20.33
C GLY C 383 -27.13 47.01 -19.62
N GLY C 384 -26.19 47.95 -19.68
CA GLY C 384 -26.36 49.22 -19.01
C GLY C 384 -26.31 49.13 -17.51
N GLU C 385 -25.75 48.05 -16.96
CA GLU C 385 -25.70 47.85 -15.52
C GLU C 385 -24.42 48.48 -14.98
N THR C 386 -24.57 49.54 -14.19
CA THR C 386 -23.41 50.15 -13.54
C THR C 386 -22.77 49.18 -12.56
N GLU C 387 -23.59 48.47 -11.80
CA GLU C 387 -23.09 47.46 -10.86
C GLU C 387 -22.71 46.19 -11.60
N LYS C 388 -22.11 45.26 -10.87
CA LYS C 388 -21.73 43.97 -11.46
C LYS C 388 -22.91 43.01 -11.36
N PRO C 389 -23.51 42.63 -12.48
CA PRO C 389 -24.63 41.69 -12.44
C PRO C 389 -24.17 40.30 -12.02
N ARG C 390 -25.04 39.60 -11.30
CA ARG C 390 -24.74 38.25 -10.87
C ARG C 390 -24.67 37.31 -12.06
N GLY C 391 -23.69 36.40 -12.04
CA GLY C 391 -23.55 35.44 -13.11
C GLY C 391 -24.71 34.47 -13.21
N TYR C 392 -25.45 34.28 -12.13
CA TYR C 392 -26.62 33.41 -12.14
C TYR C 392 -27.82 34.16 -12.70
N GLN C 393 -28.53 33.53 -13.63
CA GLN C 393 -29.78 34.07 -14.15
C GLN C 393 -30.94 33.30 -13.52
N MET C 394 -31.89 34.04 -12.95
CA MET C 394 -32.98 33.42 -12.23
C MET C 394 -33.81 32.52 -13.13
N SER C 395 -34.09 31.31 -12.65
CA SER C 395 -34.86 30.33 -13.39
C SER C 395 -36.02 29.85 -12.53
N THR C 396 -37.22 29.85 -13.10
CA THR C 396 -38.42 29.41 -12.40
C THR C 396 -39.11 28.22 -13.04
N ARG C 397 -38.78 27.89 -14.29
CA ARG C 397 -39.38 26.73 -14.97
C ARG C 397 -38.73 25.45 -14.45
N LEU C 398 -39.09 25.10 -13.21
CA LEU C 398 -38.51 23.94 -12.55
C LEU C 398 -39.10 22.67 -13.16
N LYS C 399 -38.25 21.85 -13.77
CA LYS C 399 -38.68 20.60 -14.37
C LYS C 399 -38.49 19.47 -13.36
N ILE C 400 -39.56 18.75 -13.07
CA ILE C 400 -39.53 17.67 -12.08
C ILE C 400 -39.90 16.36 -12.77
N VAL C 401 -38.95 15.43 -12.80
CA VAL C 401 -39.21 14.07 -13.22
C VAL C 401 -39.64 13.27 -12.00
N THR C 402 -40.46 12.26 -12.24
CA THR C 402 -41.03 11.46 -11.16
C THR C 402 -41.08 10.00 -11.59
N ILE C 403 -41.32 9.13 -10.60
CA ILE C 403 -41.51 7.70 -10.83
C ILE C 403 -42.86 7.30 -10.23
N HIS C 404 -43.59 6.47 -10.95
CA HIS C 404 -44.93 6.08 -10.52
C HIS C 404 -44.82 5.14 -9.33
N GLN C 405 -45.02 5.68 -8.14
CA GLN C 405 -45.11 4.90 -6.91
C GLN C 405 -46.48 5.19 -6.30
N GLU C 406 -47.37 4.20 -6.33
CA GLU C 406 -48.77 4.43 -5.99
C GLU C 406 -48.97 5.12 -4.64
N PRO C 407 -48.32 4.71 -3.55
CA PRO C 407 -48.50 5.45 -2.29
C PRO C 407 -48.07 6.90 -2.38
N PHE C 408 -47.05 7.21 -3.19
CA PHE C 408 -46.52 8.55 -3.31
C PHE C 408 -46.98 9.25 -4.58
N VAL C 409 -47.08 8.53 -5.69
CA VAL C 409 -47.44 9.09 -6.99
C VAL C 409 -48.58 8.25 -7.54
N TYR C 410 -49.82 8.68 -7.30
CA TYR C 410 -50.97 8.08 -7.93
C TYR C 410 -51.12 8.64 -9.35
N VAL C 411 -51.04 7.77 -10.36
CA VAL C 411 -51.13 8.18 -11.75
C VAL C 411 -52.34 7.49 -12.37
N LYS C 412 -53.20 8.28 -13.02
CA LYS C 412 -54.39 7.76 -13.67
C LYS C 412 -54.47 8.27 -15.10
N PRO C 413 -54.71 7.39 -16.08
CA PRO C 413 -54.85 7.86 -17.46
C PRO C 413 -56.04 8.80 -17.61
N THR C 414 -55.87 9.80 -18.47
CA THR C 414 -56.92 10.80 -18.70
C THR C 414 -57.42 10.73 -20.15
N GLU C 423 -63.02 14.40 -9.26
CA GLU C 423 -62.75 13.60 -8.07
C GLU C 423 -62.42 14.48 -6.89
N PHE C 424 -62.70 13.99 -5.68
CA PHE C 424 -62.45 14.72 -4.45
C PHE C 424 -61.98 13.76 -3.37
N THR C 425 -61.48 14.34 -2.29
CA THR C 425 -60.97 13.55 -1.16
C THR C 425 -62.15 12.99 -0.37
N VAL C 426 -61.85 12.32 0.74
CA VAL C 426 -62.90 11.79 1.61
C VAL C 426 -63.72 12.94 2.19
N ASN C 427 -63.05 14.02 2.59
CA ASN C 427 -63.73 15.19 3.12
C ASN C 427 -64.31 16.07 2.03
N GLY C 428 -64.21 15.68 0.76
CA GLY C 428 -64.73 16.45 -0.33
C GLY C 428 -63.78 17.48 -0.91
N ASP C 429 -62.60 17.63 -0.32
CA ASP C 429 -61.64 18.59 -0.85
C ASP C 429 -61.15 18.14 -2.23
N PRO C 430 -60.88 19.07 -3.14
CA PRO C 430 -60.40 18.67 -4.47
C PRO C 430 -59.04 18.01 -4.40
N VAL C 431 -58.81 17.09 -5.33
CA VAL C 431 -57.56 16.35 -5.42
C VAL C 431 -56.70 17.01 -6.49
N LYS C 432 -55.48 17.40 -6.10
CA LYS C 432 -54.57 18.13 -7.00
C LYS C 432 -53.88 17.13 -7.92
N LYS C 433 -54.65 16.57 -8.84
CA LYS C 433 -54.13 15.65 -9.85
C LYS C 433 -53.70 16.47 -11.05
N VAL C 434 -52.46 16.96 -11.01
CA VAL C 434 -51.92 17.81 -12.06
C VAL C 434 -51.67 16.98 -13.31
N ILE C 435 -51.44 17.66 -14.43
CA ILE C 435 -51.16 16.98 -15.69
C ILE C 435 -49.70 16.57 -15.72
N CYS C 436 -49.44 15.29 -16.01
CA CYS C 436 -48.10 14.74 -16.02
C CYS C 436 -47.96 13.82 -17.23
N THR C 437 -47.20 14.26 -18.22
CA THR C 437 -46.90 13.46 -19.40
C THR C 437 -45.50 12.86 -19.27
N GLY C 438 -45.18 11.94 -20.16
CA GLY C 438 -43.90 11.27 -20.12
C GLY C 438 -43.95 9.75 -20.20
N PRO C 439 -44.92 9.11 -19.54
CA PRO C 439 -45.07 7.66 -19.71
C PRO C 439 -45.43 7.30 -21.14
N ASN C 440 -44.56 6.52 -21.78
CA ASN C 440 -44.75 6.11 -23.17
C ASN C 440 -45.72 4.94 -23.26
N ASP C 441 -46.92 5.16 -22.73
CA ASP C 441 -47.97 4.14 -22.66
C ASP C 441 -47.43 2.86 -22.04
N THR C 442 -47.25 1.83 -22.87
CA THR C 442 -46.65 0.57 -22.41
C THR C 442 -45.17 0.61 -22.74
N SER C 443 -44.33 0.54 -21.72
CA SER C 443 -42.88 0.60 -21.91
C SER C 443 -42.37 -0.70 -22.53
N PRO C 447 -47.64 1.58 -28.68
CA PRO C 447 -46.20 1.45 -28.91
C PRO C 447 -45.45 2.74 -28.60
N ARG C 448 -45.02 2.89 -27.35
CA ARG C 448 -44.29 4.07 -26.88
C ARG C 448 -45.07 5.36 -27.17
N HIS C 449 -46.25 5.43 -26.56
CA HIS C 449 -47.15 6.57 -26.72
C HIS C 449 -47.10 7.42 -25.46
N THR C 450 -46.36 8.53 -25.52
CA THR C 450 -46.30 9.45 -24.40
C THR C 450 -47.63 10.17 -24.25
N VAL C 451 -48.30 9.97 -23.12
CA VAL C 451 -49.64 10.52 -22.92
C VAL C 451 -49.69 11.28 -21.60
N PRO C 452 -50.36 12.44 -21.56
CA PRO C 452 -50.56 13.12 -20.28
C PRO C 452 -51.58 12.39 -19.42
N GLN C 453 -51.29 12.31 -18.12
CA GLN C 453 -52.16 11.65 -17.16
C GLN C 453 -52.36 12.56 -15.96
N CYS C 454 -53.14 12.10 -15.00
CA CYS C 454 -53.41 12.83 -13.77
C CYS C 454 -52.55 12.27 -12.66
N CYS C 455 -51.79 13.15 -12.00
CA CYS C 455 -50.86 12.78 -10.94
C CYS C 455 -51.33 13.40 -9.62
N TYR C 456 -51.37 12.58 -8.58
CA TYR C 456 -51.80 13.03 -7.26
C TYR C 456 -51.31 12.04 -6.22
N GLY C 457 -50.70 12.55 -5.16
CA GLY C 457 -50.18 11.67 -4.13
C GLY C 457 -49.30 12.43 -3.16
N PHE C 458 -48.48 11.67 -2.42
CA PHE C 458 -47.66 12.26 -1.37
C PHE C 458 -46.63 13.22 -1.95
N CYS C 459 -45.86 12.77 -2.94
CA CYS C 459 -44.88 13.64 -3.56
C CYS C 459 -45.55 14.81 -4.26
N ILE C 460 -46.70 14.56 -4.88
CA ILE C 460 -47.46 15.63 -5.53
C ILE C 460 -47.88 16.67 -4.50
N ASP C 461 -48.39 16.22 -3.35
CA ASP C 461 -48.77 17.15 -2.29
C ASP C 461 -47.57 17.95 -1.81
N LEU C 462 -46.43 17.30 -1.62
CA LEU C 462 -45.24 18.00 -1.16
C LEU C 462 -44.81 19.06 -2.18
N LEU C 463 -44.82 18.70 -3.47
CA LEU C 463 -44.32 19.63 -4.47
C LEU C 463 -45.28 20.80 -4.67
N ILE C 464 -46.59 20.55 -4.59
CA ILE C 464 -47.52 21.68 -4.70
C ILE C 464 -47.42 22.57 -3.47
N LYS C 465 -47.19 21.98 -2.29
CA LYS C 465 -46.96 22.79 -1.10
C LYS C 465 -45.72 23.66 -1.27
N LEU C 466 -44.65 23.09 -1.80
CA LEU C 466 -43.45 23.88 -2.06
C LEU C 466 -43.74 25.00 -3.04
N ALA C 467 -44.33 24.67 -4.19
CA ALA C 467 -44.63 25.68 -5.20
C ALA C 467 -45.49 26.81 -4.64
N ARG C 468 -46.37 26.49 -3.69
CA ARG C 468 -47.09 27.55 -2.98
C ARG C 468 -46.18 28.27 -2.00
N THR C 469 -45.14 27.59 -1.51
CA THR C 469 -44.29 28.18 -0.47
C THR C 469 -43.32 29.21 -1.06
N MET C 470 -42.41 28.78 -1.93
CA MET C 470 -41.41 29.71 -2.46
C MET C 470 -41.75 30.21 -3.85
N ASN C 471 -42.96 29.94 -4.35
CA ASN C 471 -43.46 30.50 -5.60
C ASN C 471 -42.55 30.13 -6.77
N PHE C 472 -42.45 28.82 -7.04
CA PHE C 472 -41.67 28.29 -8.14
C PHE C 472 -42.58 27.53 -9.08
N THR C 473 -42.57 27.91 -10.36
CA THR C 473 -43.36 27.20 -11.35
C THR C 473 -42.77 25.81 -11.57
N TYR C 474 -43.61 24.91 -12.07
CA TYR C 474 -43.22 23.50 -12.17
C TYR C 474 -43.77 22.90 -13.45
N GLU C 475 -42.96 22.02 -14.04
CA GLU C 475 -43.36 21.17 -15.15
C GLU C 475 -43.14 19.73 -14.71
N VAL C 476 -44.23 19.00 -14.50
CA VAL C 476 -44.18 17.65 -13.95
C VAL C 476 -44.19 16.65 -15.09
N HIS C 477 -43.27 15.68 -15.02
CA HIS C 477 -43.20 14.63 -16.02
C HIS C 477 -42.72 13.35 -15.34
N LEU C 478 -42.94 12.23 -16.01
CA LEU C 478 -42.49 10.94 -15.51
C LEU C 478 -41.25 10.49 -16.27
N VAL C 479 -40.77 9.29 -15.96
CA VAL C 479 -39.61 8.71 -16.60
C VAL C 479 -40.04 7.47 -17.37
N ALA C 480 -39.46 7.29 -18.57
CA ALA C 480 -39.89 6.20 -19.44
C ALA C 480 -39.35 4.87 -18.96
N ASP C 481 -38.12 4.84 -18.45
CA ASP C 481 -37.50 3.58 -18.06
C ASP C 481 -38.20 2.92 -16.88
N GLY C 482 -38.88 3.70 -16.04
CA GLY C 482 -39.57 3.13 -14.89
C GLY C 482 -38.65 2.50 -13.87
N LYS C 483 -37.44 3.04 -13.70
CA LYS C 483 -36.49 2.52 -12.73
C LYS C 483 -35.84 3.69 -12.00
N PHE C 484 -35.43 3.44 -10.76
CA PHE C 484 -34.65 4.43 -10.03
C PHE C 484 -33.32 4.69 -10.72
N GLY C 485 -32.58 3.64 -10.99
CA GLY C 485 -31.28 3.74 -11.63
C GLY C 485 -30.16 3.31 -10.70
N THR C 486 -29.01 3.02 -11.29
CA THR C 486 -27.84 2.58 -10.53
C THR C 486 -26.61 2.72 -11.41
N GLN C 487 -25.45 2.60 -10.79
CA GLN C 487 -24.19 2.55 -11.53
C GLN C 487 -24.06 1.18 -12.18
N GLU C 488 -24.40 1.12 -13.47
CA GLU C 488 -24.33 -0.12 -14.24
C GLU C 488 -23.47 0.10 -15.47
N ARG C 489 -22.46 -0.76 -15.64
CA ARG C 489 -21.61 -0.72 -16.83
C ARG C 489 -22.40 -1.37 -17.97
N VAL C 490 -23.24 -0.55 -18.62
CA VAL C 490 -24.14 -1.02 -19.66
C VAL C 490 -23.35 -1.41 -20.90
N ASN C 491 -24.01 -2.08 -21.83
CA ASN C 491 -23.34 -2.51 -23.05
C ASN C 491 -22.86 -1.30 -23.85
N ASN C 492 -21.73 -1.49 -24.54
CA ASN C 492 -21.11 -0.42 -25.33
C ASN C 492 -20.75 0.78 -24.46
N SER C 493 -20.32 0.51 -23.23
CA SER C 493 -19.90 1.54 -22.31
C SER C 493 -18.63 1.10 -21.60
N ASN C 494 -17.84 2.08 -21.15
CA ASN C 494 -16.58 1.81 -20.51
C ASN C 494 -16.72 1.57 -19.01
N LYS C 495 -17.46 2.45 -18.32
CA LYS C 495 -17.62 2.37 -16.87
C LYS C 495 -19.11 2.29 -16.53
N LYS C 496 -19.41 2.32 -15.24
CA LYS C 496 -20.78 2.27 -14.76
C LYS C 496 -21.39 3.67 -14.80
N GLU C 497 -22.60 3.77 -15.34
CA GLU C 497 -23.29 5.04 -15.50
C GLU C 497 -24.62 5.01 -14.76
N TRP C 498 -24.91 6.08 -14.04
CA TRP C 498 -26.18 6.20 -13.34
C TRP C 498 -27.34 6.17 -14.34
N ASN C 499 -28.38 5.44 -13.99
CA ASN C 499 -29.56 5.28 -14.83
C ASN C 499 -30.78 5.89 -14.15
N GLY C 500 -31.93 5.73 -14.80
CA GLY C 500 -33.20 6.09 -14.22
C GLY C 500 -33.32 7.56 -13.90
N MET C 501 -34.11 7.84 -12.84
CA MET C 501 -34.37 9.22 -12.45
C MET C 501 -33.09 9.93 -12.03
N MET C 502 -32.24 9.27 -11.26
CA MET C 502 -30.98 9.89 -10.86
C MET C 502 -30.08 10.13 -12.06
N GLY C 503 -30.08 9.20 -13.03
CA GLY C 503 -29.34 9.43 -14.25
C GLY C 503 -29.83 10.65 -15.01
N GLU C 504 -31.15 10.81 -15.11
CA GLU C 504 -31.71 11.98 -15.79
C GLU C 504 -31.36 13.26 -15.05
N LEU C 505 -31.45 13.24 -13.71
CA LEU C 505 -31.11 14.42 -12.93
C LEU C 505 -29.65 14.79 -13.09
N LEU C 506 -28.76 13.79 -13.09
CA LEU C 506 -27.34 14.07 -13.34
C LEU C 506 -27.13 14.63 -14.73
N SER C 507 -27.85 14.10 -15.72
CA SER C 507 -27.78 14.63 -17.08
C SER C 507 -28.45 15.99 -17.21
N GLY C 508 -29.16 16.45 -16.18
CA GLY C 508 -29.84 17.72 -16.25
C GLY C 508 -31.18 17.70 -16.95
N GLN C 509 -31.76 16.52 -17.17
CA GLN C 509 -33.06 16.44 -17.81
C GLN C 509 -34.12 17.11 -16.95
N ALA C 510 -34.08 16.89 -15.65
CA ALA C 510 -34.99 17.52 -14.71
C ALA C 510 -34.20 18.33 -13.69
N ASP C 511 -34.82 19.41 -13.20
CA ASP C 511 -34.14 20.26 -12.22
C ASP C 511 -33.88 19.52 -10.92
N MET C 512 -34.85 18.73 -10.47
CA MET C 512 -34.68 17.92 -9.27
C MET C 512 -35.67 16.77 -9.29
N ILE C 513 -35.37 15.74 -8.51
CA ILE C 513 -36.20 14.55 -8.43
C ILE C 513 -37.08 14.63 -7.19
N VAL C 514 -38.37 14.41 -7.37
CA VAL C 514 -39.34 14.36 -6.28
C VAL C 514 -39.95 12.97 -6.32
N ALA C 515 -39.42 12.06 -5.50
CA ALA C 515 -39.85 10.66 -5.53
C ALA C 515 -39.49 10.04 -4.19
N PRO C 516 -40.12 8.92 -3.83
CA PRO C 516 -39.72 8.22 -2.60
C PRO C 516 -38.33 7.61 -2.74
N LEU C 517 -37.31 8.46 -2.67
CA LEU C 517 -35.93 8.07 -2.91
C LEU C 517 -35.23 7.80 -1.59
N THR C 518 -34.51 6.69 -1.52
CA THR C 518 -33.75 6.35 -0.32
C THR C 518 -32.44 7.11 -0.30
N ILE C 519 -32.11 7.70 0.85
CA ILE C 519 -30.88 8.47 0.98
C ILE C 519 -29.70 7.52 0.99
N ASN C 520 -28.84 7.62 -0.02
CA ASN C 520 -27.62 6.82 -0.08
C ASN C 520 -26.49 7.70 -0.57
N ASN C 521 -25.29 7.47 -0.01
CA ASN C 521 -24.15 8.32 -0.32
C ASN C 521 -23.66 8.15 -1.74
N GLU C 522 -24.06 7.06 -2.42
CA GLU C 522 -23.65 6.87 -3.81
C GLU C 522 -24.18 8.00 -4.68
N ARG C 523 -25.44 8.38 -4.49
CA ARG C 523 -25.99 9.54 -5.19
C ARG C 523 -25.51 10.85 -4.56
N ALA C 524 -25.30 10.87 -3.24
CA ALA C 524 -24.90 12.09 -2.55
C ALA C 524 -23.53 12.58 -2.98
N GLN C 525 -22.73 11.75 -3.65
CA GLN C 525 -21.46 12.23 -4.20
C GLN C 525 -21.68 13.31 -5.24
N TYR C 526 -22.83 13.29 -5.91
CA TYR C 526 -23.13 14.28 -6.94
C TYR C 526 -24.54 14.85 -6.85
N ILE C 527 -25.39 14.37 -5.95
CA ILE C 527 -26.76 14.86 -5.80
C ILE C 527 -26.93 15.42 -4.41
N GLU C 528 -27.43 16.65 -4.32
CA GLU C 528 -27.69 17.26 -3.02
C GLU C 528 -28.98 16.70 -2.44
N PHE C 529 -28.93 16.29 -1.18
CA PHE C 529 -30.07 15.73 -0.48
C PHE C 529 -30.37 16.57 0.75
N SER C 530 -31.62 17.01 0.88
CA SER C 530 -32.05 17.76 2.04
C SER C 530 -32.45 16.78 3.14
N LYS C 531 -33.06 17.30 4.20
CA LYS C 531 -33.57 16.44 5.27
C LYS C 531 -34.69 15.57 4.72
N PRO C 532 -34.79 14.31 5.17
CA PRO C 532 -35.81 13.42 4.61
C PRO C 532 -37.22 13.94 4.86
N PHE C 533 -38.06 13.83 3.84
CA PHE C 533 -39.46 14.23 4.00
C PHE C 533 -40.18 13.32 4.99
N LYS C 534 -39.91 12.02 4.93
CA LYS C 534 -40.51 11.06 5.85
C LYS C 534 -39.44 10.07 6.28
N TYR C 535 -39.74 9.29 7.31
CA TYR C 535 -38.84 8.25 7.79
C TYR C 535 -39.48 6.89 7.60
N GLN C 536 -38.64 5.89 7.38
CA GLN C 536 -39.12 4.53 7.12
C GLN C 536 -37.98 3.56 7.42
N GLY C 537 -38.24 2.28 7.18
CA GLY C 537 -37.23 1.27 7.38
C GLY C 537 -37.20 0.24 6.26
N LEU C 538 -37.16 -1.02 6.61
CA LEU C 538 -37.14 -2.10 5.63
C LEU C 538 -37.80 -3.33 6.25
N THR C 539 -38.64 -4.00 5.46
CA THR C 539 -39.33 -5.21 5.91
C THR C 539 -39.53 -6.10 4.69
N ILE C 540 -40.30 -7.18 4.88
CA ILE C 540 -40.59 -8.12 3.81
C ILE C 540 -42.10 -8.34 3.76
N LEU C 541 -42.71 -8.02 2.62
CA LEU C 541 -44.08 -8.40 2.38
C LEU C 541 -44.15 -9.89 2.07
N VAL C 542 -45.08 -10.58 2.72
CA VAL C 542 -45.21 -12.03 2.61
C VAL C 542 -46.66 -12.40 2.84
N LYS C 543 -47.08 -13.50 2.22
CA LYS C 543 -48.46 -13.98 2.35
C LYS C 543 -48.55 -15.05 3.44
N LYS C 544 -48.19 -14.67 4.66
CA LYS C 544 -48.32 -15.53 5.84
C LYS C 544 -49.69 -15.30 6.44
N GLU C 545 -50.62 -16.21 6.13
CA GLU C 545 -51.96 -16.20 6.70
C GLU C 545 -52.33 -17.62 7.09
N ILE C 546 -53.32 -17.74 7.97
CA ILE C 546 -53.73 -19.04 8.51
C ILE C 546 -54.34 -19.93 7.41
N PRO C 547 -55.00 -19.39 6.36
CA PRO C 547 -55.39 -20.41 5.39
C PRO C 547 -54.23 -20.77 4.45
N GLU C 662 -43.03 -21.46 9.61
CA GLU C 662 -42.65 -20.05 9.59
C GLU C 662 -41.71 -19.76 8.42
N ARG C 663 -42.14 -18.85 7.54
CA ARG C 663 -41.32 -18.48 6.40
C ARG C 663 -40.07 -17.72 6.85
N ILE C 664 -40.27 -16.58 7.50
CA ILE C 664 -39.18 -15.75 8.01
C ILE C 664 -39.60 -15.22 9.37
N THR C 665 -38.90 -15.64 10.42
CA THR C 665 -39.18 -15.14 11.76
C THR C 665 -38.49 -13.81 12.05
N GLY C 666 -37.54 -13.40 11.22
CA GLY C 666 -36.83 -12.16 11.45
C GLY C 666 -35.61 -12.08 10.56
N ILE C 667 -34.77 -11.09 10.86
CA ILE C 667 -33.55 -10.88 10.09
C ILE C 667 -32.60 -12.06 10.26
N ASN C 668 -32.66 -12.75 11.40
CA ASN C 668 -31.78 -13.86 11.70
C ASN C 668 -32.35 -15.20 11.24
N ASP C 669 -33.48 -15.21 10.55
CA ASP C 669 -34.08 -16.45 10.10
C ASP C 669 -33.12 -17.19 9.18
N PRO C 670 -32.93 -18.50 9.35
CA PRO C 670 -32.02 -19.23 8.46
C PRO C 670 -32.42 -19.17 7.00
N ARG C 671 -33.71 -19.09 6.71
CA ARG C 671 -34.14 -18.95 5.33
C ARG C 671 -33.64 -17.65 4.72
N LEU C 672 -33.66 -16.57 5.51
CA LEU C 672 -33.04 -15.32 5.05
C LEU C 672 -31.54 -15.48 4.88
N ARG C 673 -30.90 -16.22 5.80
CA ARG C 673 -29.46 -16.42 5.69
C ARG C 673 -29.11 -17.39 4.57
N ASN C 674 -29.86 -18.48 4.46
CA ASN C 674 -29.55 -19.52 3.49
C ASN C 674 -30.53 -19.46 2.32
N PRO C 675 -30.08 -19.12 1.11
CA PRO C 675 -31.00 -19.09 -0.04
C PRO C 675 -31.45 -20.48 -0.43
N SER C 676 -32.64 -20.55 -1.03
CA SER C 676 -33.20 -21.80 -1.50
C SER C 676 -34.28 -21.49 -2.52
N ASP C 677 -34.67 -22.51 -3.28
CA ASP C 677 -35.70 -22.35 -4.30
C ASP C 677 -37.11 -22.45 -3.72
N LYS C 678 -37.26 -22.80 -2.44
CA LYS C 678 -38.59 -22.84 -1.84
C LYS C 678 -39.21 -21.45 -1.82
N PHE C 679 -38.43 -20.43 -1.47
CA PHE C 679 -38.87 -19.04 -1.51
C PHE C 679 -38.26 -18.33 -2.71
N ILE C 680 -38.93 -17.26 -3.12
CA ILE C 680 -38.45 -16.41 -4.22
C ILE C 680 -38.30 -15.01 -3.66
N TYR C 681 -37.12 -14.69 -3.16
CA TYR C 681 -36.84 -13.34 -2.69
C TYR C 681 -36.66 -12.42 -3.90
N ALA C 682 -37.32 -11.26 -3.86
CA ALA C 682 -37.29 -10.34 -4.99
C ALA C 682 -37.27 -8.91 -4.49
N THR C 683 -36.69 -8.03 -5.31
CA THR C 683 -36.77 -6.59 -5.13
C THR C 683 -36.92 -5.94 -6.50
N VAL C 684 -37.29 -4.66 -6.49
CA VAL C 684 -37.44 -3.92 -7.73
C VAL C 684 -36.07 -3.75 -8.38
N LYS C 685 -36.01 -3.99 -9.68
CA LYS C 685 -34.74 -3.83 -10.40
C LYS C 685 -34.31 -2.37 -10.41
N GLN C 686 -33.00 -2.17 -10.30
CA GLN C 686 -32.40 -0.83 -10.25
C GLN C 686 -33.01 -0.01 -9.11
N SER C 687 -32.81 -0.52 -7.89
CA SER C 687 -33.34 0.10 -6.68
C SER C 687 -32.23 0.27 -5.66
N SER C 688 -32.43 1.23 -4.75
CA SER C 688 -31.44 1.49 -3.72
C SER C 688 -31.27 0.28 -2.80
N VAL C 689 -32.37 -0.43 -2.52
CA VAL C 689 -32.28 -1.63 -1.70
C VAL C 689 -31.45 -2.70 -2.40
N ASP C 690 -31.59 -2.81 -3.73
CA ASP C 690 -30.80 -3.77 -4.48
C ASP C 690 -29.31 -3.45 -4.38
N ILE C 691 -28.94 -2.18 -4.51
CA ILE C 691 -27.53 -1.80 -4.41
C ILE C 691 -27.02 -2.01 -2.99
N TYR C 692 -27.86 -1.73 -1.99
CA TYR C 692 -27.46 -1.97 -0.61
C TYR C 692 -27.20 -3.45 -0.36
N PHE C 693 -28.04 -4.31 -0.91
CA PHE C 693 -27.81 -5.75 -0.80
C PHE C 693 -26.57 -6.17 -1.56
N ARG C 694 -26.30 -5.54 -2.70
CA ARG C 694 -25.08 -5.82 -3.44
C ARG C 694 -23.84 -5.47 -2.62
N ARG C 695 -23.87 -4.33 -1.93
CA ARG C 695 -22.77 -3.93 -1.07
C ARG C 695 -22.85 -4.56 0.32
N GLN C 696 -23.92 -5.29 0.61
CA GLN C 696 -24.06 -5.93 1.92
C GLN C 696 -23.15 -7.14 1.99
N VAL C 697 -22.23 -7.15 2.97
CA VAL C 697 -21.30 -8.26 3.10
C VAL C 697 -22.02 -9.46 3.72
N CYS C 698 -21.39 -10.64 3.56
CA CYS C 698 -21.87 -11.91 4.08
C CYS C 698 -23.22 -12.32 3.50
N LEU C 699 -23.72 -11.62 2.50
CA LEU C 699 -25.00 -11.94 1.89
C LEU C 699 -24.93 -11.85 0.37
N SER C 700 -23.80 -12.21 -0.22
CA SER C 700 -23.70 -12.27 -1.68
C SER C 700 -24.66 -13.31 -2.26
N THR C 701 -25.01 -14.32 -1.45
CA THR C 701 -26.04 -15.26 -1.88
C THR C 701 -27.38 -14.57 -2.06
N MET C 702 -27.70 -13.62 -1.19
CA MET C 702 -28.90 -12.82 -1.37
C MET C 702 -28.82 -11.98 -2.64
N TYR C 703 -27.63 -11.46 -2.96
CA TYR C 703 -27.47 -10.71 -4.19
C TYR C 703 -27.69 -11.61 -5.41
N ARG C 704 -27.18 -12.84 -5.37
CA ARG C 704 -27.43 -13.77 -6.46
C ARG C 704 -28.91 -14.11 -6.57
N HIS C 705 -29.58 -14.26 -5.43
CA HIS C 705 -31.02 -14.50 -5.43
C HIS C 705 -31.76 -13.33 -6.06
N MET C 706 -31.34 -12.10 -5.74
CA MET C 706 -31.90 -10.93 -6.40
C MET C 706 -31.69 -11.00 -7.91
N GLU C 707 -30.46 -11.27 -8.33
CA GLU C 707 -30.13 -11.26 -9.75
C GLU C 707 -30.94 -12.30 -10.51
N LYS C 708 -31.18 -13.46 -9.90
CA LYS C 708 -31.94 -14.51 -10.56
C LYS C 708 -33.44 -14.42 -10.33
N HIS C 709 -33.90 -13.54 -9.44
CA HIS C 709 -35.34 -13.49 -9.13
C HIS C 709 -35.88 -12.09 -8.92
N ASN C 710 -35.19 -11.04 -9.36
CA ASN C 710 -35.68 -9.68 -9.14
C ASN C 710 -36.98 -9.43 -9.89
N TYR C 711 -37.86 -8.66 -9.28
CA TYR C 711 -39.10 -8.25 -9.91
C TYR C 711 -38.89 -6.90 -10.60
N GLU C 712 -39.46 -6.78 -11.81
CA GLU C 712 -39.26 -5.56 -12.60
C GLU C 712 -39.93 -4.35 -11.98
N SER C 713 -40.88 -4.54 -11.06
CA SER C 713 -41.58 -3.43 -10.45
C SER C 713 -42.11 -3.85 -9.09
N ALA C 714 -42.45 -2.85 -8.27
CA ALA C 714 -43.04 -3.14 -6.97
C ALA C 714 -44.47 -3.64 -7.09
N ALA C 715 -45.22 -3.12 -8.08
CA ALA C 715 -46.61 -3.55 -8.25
C ALA C 715 -46.71 -5.02 -8.62
N GLU C 716 -45.85 -5.47 -9.54
CA GLU C 716 -45.88 -6.88 -9.94
C GLU C 716 -45.47 -7.78 -8.78
N ALA C 717 -44.48 -7.36 -7.98
CA ALA C 717 -44.08 -8.13 -6.81
C ALA C 717 -45.21 -8.21 -5.80
N ILE C 718 -45.91 -7.09 -5.58
CA ILE C 718 -47.04 -7.08 -4.64
C ILE C 718 -48.13 -8.01 -5.13
N GLN C 719 -48.43 -7.97 -6.44
CA GLN C 719 -49.45 -8.86 -6.99
C GLN C 719 -49.05 -10.33 -6.85
N ALA C 720 -47.78 -10.64 -7.10
CA ALA C 720 -47.31 -12.01 -6.99
C ALA C 720 -47.38 -12.51 -5.55
N VAL C 721 -46.99 -11.66 -4.58
CA VAL C 721 -47.07 -12.05 -3.19
C VAL C 721 -48.53 -12.21 -2.77
N ARG C 722 -49.41 -11.35 -3.26
CA ARG C 722 -50.82 -11.42 -2.87
C ARG C 722 -51.45 -12.73 -3.31
N ASP C 723 -51.12 -13.20 -4.51
CA ASP C 723 -51.64 -14.45 -5.05
C ASP C 723 -50.61 -15.57 -5.04
N ASN C 724 -49.56 -15.43 -4.23
CA ASN C 724 -48.63 -16.50 -3.83
C ASN C 724 -47.65 -16.92 -4.91
N LYS C 725 -47.52 -16.17 -6.01
CA LYS C 725 -46.39 -16.45 -6.91
C LYS C 725 -45.05 -16.14 -6.24
N LEU C 726 -44.97 -15.01 -5.54
CA LEU C 726 -43.73 -14.61 -4.88
C LEU C 726 -43.86 -14.89 -3.39
N HIS C 727 -42.90 -15.65 -2.85
CA HIS C 727 -42.96 -16.03 -1.45
C HIS C 727 -42.58 -14.87 -0.53
N ALA C 728 -41.73 -13.97 -0.99
CA ALA C 728 -41.29 -12.86 -0.16
C ALA C 728 -40.84 -11.71 -1.05
N PHE C 729 -41.10 -10.48 -0.59
CA PHE C 729 -40.70 -9.28 -1.32
C PHE C 729 -40.10 -8.30 -0.33
N ILE C 730 -38.78 -8.13 -0.37
CA ILE C 730 -38.11 -7.18 0.50
C ILE C 730 -38.38 -5.77 -0.02
N TRP C 731 -38.87 -4.90 0.86
CA TRP C 731 -39.31 -3.59 0.43
C TRP C 731 -39.33 -2.65 1.63
N ASP C 732 -39.38 -1.35 1.34
CA ASP C 732 -39.31 -0.35 2.41
C ASP C 732 -40.50 -0.49 3.35
N SER C 733 -40.26 -0.15 4.62
CA SER C 733 -41.24 -0.44 5.66
C SER C 733 -42.54 0.31 5.43
N ALA C 734 -42.47 1.62 5.20
CA ALA C 734 -43.69 2.42 5.15
C ALA C 734 -44.57 2.05 3.97
N VAL C 735 -43.99 1.99 2.76
CA VAL C 735 -44.78 1.73 1.57
C VAL C 735 -45.34 0.31 1.60
N LEU C 736 -44.52 -0.67 1.96
CA LEU C 736 -44.99 -2.05 2.02
C LEU C 736 -46.09 -2.21 3.07
N GLU C 737 -45.91 -1.57 4.23
CA GLU C 737 -46.93 -1.65 5.27
C GLU C 737 -48.24 -1.02 4.81
N PHE C 738 -48.16 0.14 4.15
CA PHE C 738 -49.37 0.78 3.65
C PHE C 738 -50.06 -0.09 2.60
N GLU C 739 -49.29 -0.68 1.69
CA GLU C 739 -49.88 -1.54 0.67
C GLU C 739 -50.55 -2.76 1.30
N ALA C 740 -49.88 -3.38 2.27
CA ALA C 740 -50.45 -4.55 2.95
C ALA C 740 -51.72 -4.18 3.68
N SER C 741 -51.74 -3.02 4.35
CA SER C 741 -52.95 -2.58 5.03
C SER C 741 -54.07 -2.28 4.03
N GLN C 742 -53.74 -1.65 2.91
CA GLN C 742 -54.76 -1.23 1.96
C GLN C 742 -55.39 -2.43 1.25
N LYS C 743 -54.57 -3.33 0.73
CA LYS C 743 -55.07 -4.46 -0.03
C LYS C 743 -55.35 -5.69 0.82
N CYS C 744 -54.98 -5.66 2.10
CA CYS C 744 -55.11 -6.78 3.03
C CYS C 744 -54.60 -8.08 2.42
N ASP C 745 -55.09 -9.21 2.92
CA ASP C 745 -54.71 -10.55 2.43
C ASP C 745 -53.20 -10.77 2.46
N LEU C 746 -52.47 -9.93 3.19
CA LEU C 746 -51.01 -9.98 3.20
C LEU C 746 -50.51 -9.52 4.57
N VAL C 747 -49.26 -9.87 4.88
CA VAL C 747 -48.64 -9.50 6.13
C VAL C 747 -47.21 -9.02 5.85
N THR C 748 -46.65 -8.30 6.80
CA THR C 748 -45.28 -7.80 6.73
C THR C 748 -44.47 -8.39 7.88
N THR C 749 -43.28 -8.87 7.58
CA THR C 749 -42.38 -9.45 8.57
C THR C 749 -41.06 -8.70 8.60
N GLY C 750 -40.36 -8.84 9.71
CA GLY C 750 -39.08 -8.16 9.89
C GLY C 750 -39.26 -6.73 10.34
N GLU C 751 -38.52 -6.33 11.37
CA GLU C 751 -38.61 -4.98 11.89
C GLU C 751 -37.75 -4.05 11.05
N LEU C 752 -37.67 -2.78 11.47
CA LEU C 752 -36.93 -1.76 10.73
C LEU C 752 -35.44 -1.99 10.94
N PHE C 753 -34.91 -3.02 10.27
CA PHE C 753 -33.50 -3.34 10.39
C PHE C 753 -32.60 -2.37 9.66
N PHE C 754 -33.15 -1.51 8.79
CA PHE C 754 -32.39 -0.47 8.11
C PHE C 754 -33.23 0.80 8.15
N ARG C 755 -33.03 1.60 9.19
CA ARG C 755 -33.75 2.87 9.31
C ARG C 755 -33.19 3.87 8.31
N SER C 756 -34.08 4.54 7.58
CA SER C 756 -33.68 5.51 6.57
C SER C 756 -34.80 6.51 6.39
N GLY C 757 -34.62 7.41 5.44
CA GLY C 757 -35.60 8.46 5.19
C GLY C 757 -35.77 8.72 3.71
N PHE C 758 -36.96 9.18 3.35
CA PHE C 758 -37.28 9.62 2.00
C PHE C 758 -37.23 11.15 1.99
N GLY C 759 -36.31 11.69 1.21
CA GLY C 759 -36.16 13.13 1.11
C GLY C 759 -36.23 13.64 -0.32
N ILE C 760 -35.50 14.71 -0.60
CA ILE C 760 -35.50 15.32 -1.93
C ILE C 760 -34.09 15.23 -2.50
N GLY C 761 -34.02 15.18 -3.82
CA GLY C 761 -32.74 15.16 -4.51
C GLY C 761 -32.65 16.23 -5.58
N MET C 762 -31.63 17.06 -5.50
CA MET C 762 -31.44 18.15 -6.45
C MET C 762 -30.01 18.13 -6.98
N ARG C 763 -29.76 18.98 -7.97
CA ARG C 763 -28.42 19.07 -8.54
C ARG C 763 -27.43 19.55 -7.48
N LYS C 764 -26.16 19.22 -7.69
CA LYS C 764 -25.13 19.56 -6.72
C LYS C 764 -25.07 21.07 -6.50
N ASP C 765 -25.01 21.47 -5.23
CA ASP C 765 -24.94 22.87 -4.84
C ASP C 765 -26.13 23.67 -5.37
N SER C 766 -27.32 23.07 -5.29
CA SER C 766 -28.53 23.78 -5.69
C SER C 766 -28.93 24.76 -4.60
N PRO C 767 -29.03 26.06 -4.88
CA PRO C 767 -29.36 27.03 -3.82
C PRO C 767 -30.72 26.79 -3.19
N TRP C 768 -31.71 26.34 -3.97
CA TRP C 768 -33.05 26.17 -3.45
C TRP C 768 -33.17 25.00 -2.48
N LYS C 769 -32.29 24.00 -2.62
CA LYS C 769 -32.41 22.79 -1.80
C LYS C 769 -32.40 23.12 -0.32
N GLN C 770 -31.50 24.01 0.10
CA GLN C 770 -31.47 24.46 1.49
C GLN C 770 -32.86 24.93 1.94
N ASN C 771 -33.47 25.82 1.16
CA ASN C 771 -34.81 26.27 1.45
C ASN C 771 -35.76 25.08 1.57
N VAL C 772 -35.65 24.15 0.61
CA VAL C 772 -36.47 22.95 0.65
C VAL C 772 -36.28 22.22 1.97
N SER C 773 -35.02 22.09 2.39
CA SER C 773 -34.74 21.47 3.68
C SER C 773 -35.52 22.16 4.79
N LEU C 774 -35.45 23.48 4.84
CA LEU C 774 -36.23 24.22 5.82
C LEU C 774 -37.71 23.93 5.65
N SER C 775 -38.19 23.93 4.41
CA SER C 775 -39.57 23.59 4.14
C SER C 775 -39.91 22.21 4.69
N ILE C 776 -38.98 21.26 4.57
CA ILE C 776 -39.19 19.94 5.14
C ILE C 776 -39.49 20.05 6.63
N LEU C 777 -38.66 20.82 7.34
CA LEU C 777 -38.92 21.03 8.77
C LEU C 777 -40.28 21.68 8.96
N LYS C 778 -40.64 22.63 8.10
CA LYS C 778 -41.95 23.25 8.17
C LYS C 778 -43.04 22.19 8.11
N SER C 779 -42.90 21.23 7.19
CA SER C 779 -43.88 20.15 7.11
C SER C 779 -43.90 19.38 8.42
N HIS C 780 -42.72 19.06 8.95
CA HIS C 780 -42.66 18.40 10.26
C HIS C 780 -43.26 19.28 11.35
N GLU C 781 -43.15 20.60 11.18
CA GLU C 781 -43.85 21.50 12.09
C GLU C 781 -45.34 21.55 11.77
N ASN C 782 -45.69 21.52 10.48
CA ASN C 782 -47.09 21.63 10.07
C ASN C 782 -47.79 20.28 10.05
N GLY C 783 -47.05 19.18 10.12
CA GLY C 783 -47.68 17.88 10.04
C GLY C 783 -48.24 17.53 8.69
N PHE C 784 -47.93 18.30 7.65
CA PHE C 784 -48.56 18.13 6.34
C PHE C 784 -48.33 16.73 5.80
N MET C 785 -47.15 16.17 6.04
CA MET C 785 -46.87 14.80 5.61
C MET C 785 -47.86 13.82 6.23
N GLU C 786 -47.87 13.73 7.56
CA GLU C 786 -48.83 12.87 8.21
C GLU C 786 -50.26 13.37 8.05
N ASP C 787 -50.46 14.65 7.75
CA ASP C 787 -51.80 15.12 7.41
C ASP C 787 -52.33 14.39 6.17
N LEU C 788 -51.54 14.40 5.09
CA LEU C 788 -51.93 13.67 3.89
C LEU C 788 -51.99 12.16 4.15
N ASP C 789 -51.10 11.67 5.01
CA ASP C 789 -51.14 10.26 5.38
C ASP C 789 -52.49 9.88 5.98
N LYS C 790 -52.84 10.50 7.10
CA LYS C 790 -54.15 10.25 7.71
C LYS C 790 -55.29 10.58 6.77
N THR C 791 -55.06 11.47 5.80
CA THR C 791 -56.10 11.78 4.83
C THR C 791 -56.38 10.57 3.93
N TRP C 792 -55.34 9.97 3.35
CA TRP C 792 -55.59 8.96 2.32
C TRP C 792 -54.61 7.80 2.37
N VAL C 793 -54.07 7.46 3.54
CA VAL C 793 -53.10 6.35 3.59
C VAL C 793 -53.55 5.25 4.53
N ARG C 794 -53.71 5.56 5.81
CA ARG C 794 -53.77 4.55 6.86
C ARG C 794 -55.14 4.49 7.54
N TYR C 795 -56.22 4.59 6.75
CA TYR C 795 -57.55 4.40 7.32
C TYR C 795 -58.49 3.54 6.48
N GLN C 796 -58.29 3.44 5.17
CA GLN C 796 -59.13 2.59 4.32
C GLN C 796 -58.45 1.24 4.12
N GLU C 797 -58.37 0.49 5.21
CA GLU C 797 -57.70 -0.81 5.23
C GLU C 797 -58.69 -1.92 4.89
N CYS C 798 -58.20 -2.93 4.17
CA CYS C 798 -59.02 -4.08 3.80
C CYS C 798 -59.17 -5.04 4.97
N ASN D 52 -1.29 11.87 -66.73
CA ASN D 52 -1.30 12.77 -65.59
C ASN D 52 -0.98 12.01 -64.29
N VAL D 53 0.06 11.18 -64.35
CA VAL D 53 0.50 10.41 -63.20
C VAL D 53 1.99 10.68 -63.00
N ALA D 54 2.38 11.00 -61.77
CA ALA D 54 3.77 11.27 -61.42
C ALA D 54 4.20 10.38 -60.28
N LEU D 55 5.43 9.87 -60.36
CA LEU D 55 6.00 9.01 -59.34
C LEU D 55 7.27 9.65 -58.79
N VAL D 56 7.35 9.74 -57.47
CA VAL D 56 8.50 10.33 -56.78
C VAL D 56 9.14 9.25 -55.93
N PHE D 57 10.47 9.18 -55.97
CA PHE D 57 11.18 8.11 -55.27
C PHE D 57 12.54 8.61 -54.85
N SER D 58 13.15 7.87 -53.92
CA SER D 58 14.49 8.16 -53.42
C SER D 58 15.49 7.05 -53.73
N GLY D 59 15.03 5.92 -54.27
CA GLY D 59 15.92 4.83 -54.61
C GLY D 59 16.13 4.72 -56.12
N PRO D 60 17.31 5.12 -56.58
CA PRO D 60 17.58 5.07 -58.04
C PRO D 60 17.49 3.67 -58.63
N ALA D 61 17.89 2.64 -57.88
CA ALA D 61 17.85 1.28 -58.40
C ALA D 61 16.44 0.83 -58.73
N TYR D 62 15.42 1.46 -58.14
CA TYR D 62 14.03 1.15 -58.43
C TYR D 62 13.50 1.96 -59.61
N ALA D 63 14.39 2.54 -60.42
CA ALA D 63 13.95 3.39 -61.52
C ALA D 63 13.26 2.57 -62.61
N ALA D 64 13.98 1.63 -63.21
CA ALA D 64 13.45 0.88 -64.35
C ALA D 64 12.19 0.12 -63.98
N GLU D 65 12.18 -0.52 -62.81
CA GLU D 65 10.99 -1.23 -62.37
C GLU D 65 9.81 -0.28 -62.24
N ALA D 66 10.06 0.96 -61.80
CA ALA D 66 8.98 1.94 -61.72
C ALA D 66 8.36 2.22 -63.08
N ALA D 67 9.15 2.10 -64.15
CA ALA D 67 8.63 2.28 -65.49
C ALA D 67 8.01 1.02 -66.06
N ARG D 68 8.14 -0.11 -65.36
CA ARG D 68 7.60 -1.38 -65.85
C ARG D 68 6.52 -1.94 -64.95
N LEU D 69 6.78 -2.07 -63.65
CA LEU D 69 5.75 -2.57 -62.74
C LEU D 69 4.62 -1.58 -62.57
N GLY D 70 4.92 -0.28 -62.63
CA GLY D 70 3.93 0.76 -62.47
C GLY D 70 2.79 0.69 -63.46
N PRO D 71 3.10 0.69 -64.77
CA PRO D 71 2.01 0.65 -65.78
C PRO D 71 1.16 -0.60 -65.72
N ALA D 72 1.66 -1.68 -65.11
CA ALA D 72 0.88 -2.91 -65.04
C ALA D 72 -0.40 -2.77 -64.22
N VAL D 73 -0.47 -1.77 -63.33
CA VAL D 73 -1.65 -1.53 -62.52
C VAL D 73 -2.04 -0.07 -62.68
N ALA D 74 -1.64 0.53 -63.79
CA ALA D 74 -1.86 1.96 -64.05
C ALA D 74 -2.75 2.13 -65.27
N ALA D 75 -2.86 3.38 -65.73
CA ALA D 75 -3.75 3.73 -66.84
C ALA D 75 -3.53 2.87 -68.08
N ALA D 76 -2.36 2.22 -68.20
CA ALA D 76 -2.17 1.25 -69.27
C ALA D 76 -3.16 0.10 -69.14
N VAL D 77 -3.61 -0.19 -67.92
CA VAL D 77 -4.64 -1.19 -67.68
C VAL D 77 -5.84 -0.64 -66.93
N ARG D 78 -5.81 0.63 -66.54
CA ARG D 78 -6.86 1.23 -65.72
C ARG D 78 -7.72 2.17 -66.55
N SER D 79 -9.04 2.06 -66.38
CA SER D 79 -9.98 2.87 -67.16
C SER D 79 -9.82 4.37 -66.97
N PRO D 80 -9.68 4.91 -65.75
CA PRO D 80 -9.73 6.38 -65.59
C PRO D 80 -8.69 7.14 -66.40
N GLY D 81 -7.63 6.48 -66.86
CA GLY D 81 -6.70 7.14 -67.77
C GLY D 81 -7.37 7.58 -69.05
N LEU D 82 -8.26 6.73 -69.58
CA LEU D 82 -9.07 7.06 -70.75
C LEU D 82 -8.21 7.44 -71.95
N ASP D 83 -8.08 8.73 -72.19
CA ASP D 83 -7.28 9.22 -73.32
C ASP D 83 -5.78 9.17 -72.99
N PRO D 86 -0.34 9.66 -69.04
CA PRO D 86 1.11 9.41 -69.01
C PRO D 86 1.66 9.29 -67.58
N VAL D 87 2.70 8.49 -67.41
CA VAL D 87 3.33 8.29 -66.11
C VAL D 87 4.63 9.08 -66.08
N ALA D 88 4.87 9.78 -64.96
CA ALA D 88 6.05 10.60 -64.79
C ALA D 88 6.85 10.08 -63.60
N LEU D 89 8.17 10.16 -63.71
CA LEU D 89 9.08 9.71 -62.66
C LEU D 89 9.95 10.87 -62.20
N VAL D 90 9.97 11.11 -60.90
CA VAL D 90 10.79 12.17 -60.30
C VAL D 90 12.06 11.51 -59.80
N LEU D 91 13.17 11.74 -60.51
CA LEU D 91 14.44 11.13 -60.15
C LEU D 91 15.05 11.73 -58.89
N ASN D 92 14.65 12.94 -58.51
CA ASN D 92 15.23 13.59 -57.35
C ASN D 92 14.74 12.91 -56.07
N GLY D 93 15.67 12.52 -55.21
CA GLY D 93 15.34 11.92 -53.94
C GLY D 93 16.25 12.39 -52.82
N SER D 94 16.87 13.55 -53.01
CA SER D 94 17.82 14.09 -52.05
C SER D 94 17.30 15.35 -51.37
N ASP D 95 16.92 16.36 -52.14
CA ASP D 95 16.45 17.62 -51.57
C ASP D 95 15.07 17.97 -52.11
N PRO D 96 14.23 18.61 -51.29
CA PRO D 96 12.87 18.95 -51.75
C PRO D 96 12.81 20.18 -52.63
N ARG D 97 13.82 21.05 -52.60
CA ARG D 97 13.79 22.26 -53.40
C ARG D 97 13.66 21.94 -54.88
N SER D 98 14.64 21.22 -55.43
CA SER D 98 14.55 20.81 -56.83
C SER D 98 13.38 19.86 -57.05
N LEU D 99 13.03 19.06 -56.04
CA LEU D 99 11.87 18.18 -56.17
C LEU D 99 10.59 18.99 -56.32
N VAL D 100 10.41 20.02 -55.49
CA VAL D 100 9.22 20.87 -55.60
C VAL D 100 9.23 21.63 -56.93
N LEU D 101 10.42 22.06 -57.37
CA LEU D 101 10.51 22.74 -58.67
C LEU D 101 10.06 21.82 -59.79
N GLN D 102 10.52 20.57 -59.78
CA GLN D 102 10.11 19.62 -60.80
C GLN D 102 8.62 19.31 -60.72
N LEU D 103 8.07 19.22 -59.50
CA LEU D 103 6.64 18.99 -59.36
C LEU D 103 5.83 20.14 -59.94
N CYS D 104 6.25 21.39 -59.67
CA CYS D 104 5.55 22.52 -60.25
C CYS D 104 5.68 22.54 -61.76
N ASP D 105 6.85 22.17 -62.29
CA ASP D 105 7.05 22.09 -63.73
C ASP D 105 6.10 21.07 -64.35
N LEU D 106 5.97 19.90 -63.73
CA LEU D 106 5.07 18.88 -64.24
C LEU D 106 3.62 19.33 -64.16
N LEU D 107 3.25 20.00 -63.06
CA LEU D 107 1.89 20.50 -62.92
C LEU D 107 1.57 21.52 -64.01
N SER D 108 2.52 22.42 -64.29
CA SER D 108 2.32 23.38 -65.37
C SER D 108 2.25 22.68 -66.72
N GLY D 109 3.05 21.64 -66.92
CA GLY D 109 3.09 20.93 -68.19
C GLY D 109 1.85 20.12 -68.51
N LEU D 110 1.59 19.06 -67.74
CA LEU D 110 0.50 18.16 -68.03
C LEU D 110 -0.56 18.08 -66.94
N ARG D 111 -0.40 18.82 -65.84
CA ARG D 111 -1.38 18.84 -64.75
C ARG D 111 -1.62 17.44 -64.20
N VAL D 112 -0.56 16.87 -63.61
CA VAL D 112 -0.67 15.54 -63.02
C VAL D 112 -1.74 15.54 -61.94
N HIS D 113 -2.61 14.54 -61.97
CA HIS D 113 -3.66 14.43 -60.97
C HIS D 113 -3.16 13.75 -59.71
N GLY D 114 -2.63 12.53 -59.84
CA GLY D 114 -2.14 11.76 -58.71
C GLY D 114 -0.63 11.63 -58.76
N VAL D 115 0.01 12.01 -57.65
CA VAL D 115 1.46 11.92 -57.50
C VAL D 115 1.77 11.17 -56.22
N VAL D 116 2.71 10.24 -56.29
CA VAL D 116 3.07 9.39 -55.16
C VAL D 116 4.57 9.52 -54.92
N PHE D 117 4.94 9.70 -53.65
CA PHE D 117 6.33 9.78 -53.24
C PHE D 117 6.67 8.58 -52.36
N GLU D 118 7.71 7.84 -52.74
CA GLU D 118 8.21 6.71 -51.98
C GLU D 118 9.51 7.12 -51.29
N ASP D 119 9.58 6.89 -49.99
CA ASP D 119 10.74 7.27 -49.18
C ASP D 119 11.63 6.06 -48.97
N ASP D 120 12.90 6.18 -49.37
CA ASP D 120 13.84 5.10 -49.16
C ASP D 120 14.17 4.93 -47.69
N SER D 121 14.44 6.02 -46.98
CA SER D 121 14.80 5.99 -45.57
C SER D 121 13.62 6.24 -44.65
N ARG D 122 12.41 6.41 -45.19
CA ARG D 122 11.21 6.68 -44.40
C ARG D 122 11.40 7.91 -43.50
N ALA D 123 12.02 8.94 -44.05
CA ALA D 123 12.27 10.15 -43.26
C ALA D 123 10.97 10.92 -43.05
N PRO D 124 10.62 11.25 -41.80
CA PRO D 124 9.37 11.99 -41.56
C PRO D 124 9.48 13.49 -41.76
N ALA D 125 10.69 14.04 -41.85
CA ALA D 125 10.86 15.48 -41.99
C ALA D 125 10.36 16.01 -43.32
N VAL D 126 10.21 15.14 -44.33
CA VAL D 126 9.78 15.59 -45.64
C VAL D 126 8.27 15.74 -45.72
N ALA D 127 7.52 15.04 -44.87
CA ALA D 127 6.05 15.13 -44.91
C ALA D 127 5.53 16.56 -44.75
N PRO D 128 6.06 17.41 -43.86
CA PRO D 128 5.60 18.80 -43.86
C PRO D 128 5.78 19.51 -45.19
N ILE D 129 6.83 19.18 -45.94
CA ILE D 129 6.99 19.76 -47.27
C ILE D 129 5.85 19.32 -48.18
N LEU D 130 5.47 18.04 -48.11
CA LEU D 130 4.32 17.56 -48.89
C LEU D 130 3.05 18.27 -48.49
N ASP D 131 2.83 18.47 -47.18
CA ASP D 131 1.64 19.17 -46.73
C ASP D 131 1.62 20.61 -47.23
N PHE D 132 2.77 21.28 -47.19
CA PHE D 132 2.85 22.64 -47.70
C PHE D 132 2.57 22.70 -49.19
N LEU D 133 3.12 21.75 -49.95
CA LEU D 133 2.87 21.72 -51.39
C LEU D 133 1.39 21.45 -51.69
N SER D 134 0.78 20.54 -50.94
CA SER D 134 -0.64 20.24 -51.14
C SER D 134 -1.50 21.46 -50.82
N ALA D 135 -1.16 22.18 -49.74
CA ALA D 135 -1.89 23.39 -49.43
C ALA D 135 -1.68 24.47 -50.48
N GLN D 136 -0.49 24.52 -51.09
CA GLN D 136 -0.20 25.54 -52.09
C GLN D 136 -0.89 25.26 -53.41
N THR D 137 -0.96 24.00 -53.83
CA THR D 137 -1.45 23.66 -55.16
C THR D 137 -2.78 22.90 -55.15
N SER D 138 -3.32 22.56 -53.99
CA SER D 138 -4.56 21.79 -53.87
C SER D 138 -4.46 20.47 -54.63
N LEU D 139 -3.27 19.90 -54.66
CA LEU D 139 -3.02 18.68 -55.43
C LEU D 139 -3.08 17.47 -54.52
N PRO D 140 -3.96 16.50 -54.78
CA PRO D 140 -3.92 15.25 -54.00
C PRO D 140 -2.59 14.54 -54.19
N ILE D 141 -2.05 14.04 -53.07
CA ILE D 141 -0.73 13.43 -53.04
C ILE D 141 -0.79 12.14 -52.24
N VAL D 142 0.20 11.28 -52.44
CA VAL D 142 0.34 10.03 -51.71
C VAL D 142 1.76 9.93 -51.19
N ALA D 143 1.91 9.48 -49.95
CA ALA D 143 3.21 9.27 -49.32
C ALA D 143 3.30 7.82 -48.86
N VAL D 144 4.18 7.05 -49.49
CA VAL D 144 4.34 5.63 -49.19
C VAL D 144 5.76 5.38 -48.71
N HIS D 145 5.93 4.26 -48.00
CA HIS D 145 7.23 3.83 -47.48
C HIS D 145 7.87 4.89 -46.58
N GLY D 146 7.05 5.63 -45.86
CA GLY D 146 7.55 6.68 -44.98
C GLY D 146 7.04 6.50 -43.57
N GLY D 147 7.89 6.85 -42.61
CA GLY D 147 7.49 6.76 -41.21
C GLY D 147 6.36 7.72 -40.87
N ALA D 148 6.37 8.91 -41.48
CA ALA D 148 5.33 9.88 -41.24
C ALA D 148 3.99 9.49 -41.85
N ALA D 149 3.95 8.47 -42.70
CA ALA D 149 2.68 8.01 -43.24
C ALA D 149 1.78 7.49 -42.13
N LEU D 150 2.34 6.77 -41.17
CA LEU D 150 1.56 6.35 -40.01
C LEU D 150 1.27 7.50 -39.06
N VAL D 151 2.04 8.59 -39.14
CA VAL D 151 1.85 9.74 -38.26
C VAL D 151 0.74 10.60 -38.86
N LEU D 152 -0.36 10.76 -38.13
CA LEU D 152 -1.50 11.54 -38.59
C LEU D 152 -1.29 13.00 -38.21
N THR D 153 -0.42 13.67 -38.97
CA THR D 153 -0.16 15.08 -38.74
C THR D 153 -1.39 15.91 -39.12
N PRO D 154 -1.78 16.86 -38.29
CA PRO D 154 -2.92 17.72 -38.64
C PRO D 154 -2.57 18.67 -39.78
N LYS D 155 -3.11 18.39 -40.97
CA LYS D 155 -2.78 19.16 -42.16
C LYS D 155 -3.61 20.44 -42.23
N GLU D 156 -3.26 21.29 -43.19
CA GLU D 156 -4.01 22.51 -43.41
C GLU D 156 -5.38 22.19 -44.01
N LYS D 157 -6.31 23.13 -43.86
CA LYS D 157 -7.70 22.88 -44.26
C LYS D 157 -7.79 22.52 -45.74
N GLY D 158 -7.08 23.25 -46.60
CA GLY D 158 -7.07 22.92 -48.00
C GLY D 158 -6.07 21.85 -48.39
N SER D 159 -5.28 21.36 -47.45
CA SER D 159 -4.28 20.34 -47.74
C SER D 159 -4.94 18.99 -47.98
N THR D 160 -4.35 18.21 -48.87
CA THR D 160 -4.83 16.88 -49.26
C THR D 160 -3.70 15.87 -49.17
N PHE D 161 -3.02 15.86 -48.02
CA PHE D 161 -1.85 15.00 -47.84
C PHE D 161 -2.19 13.54 -48.12
N LEU D 162 -3.24 13.02 -47.47
CA LEU D 162 -3.78 11.69 -47.73
C LEU D 162 -2.67 10.63 -47.77
N GLN D 163 -1.99 10.48 -46.64
CA GLN D 163 -0.88 9.55 -46.54
C GLN D 163 -1.35 8.11 -46.66
N LEU D 164 -0.46 7.25 -47.18
CA LEU D 164 -0.79 5.84 -47.30
C LEU D 164 -0.97 5.20 -45.92
N GLY D 165 -0.10 5.53 -44.98
CA GLY D 165 -0.19 4.93 -43.66
C GLY D 165 -1.42 5.38 -42.90
N SER D 166 -1.89 4.52 -42.01
CA SER D 166 -3.07 4.78 -41.20
C SER D 166 -2.65 5.27 -39.82
N SER D 167 -3.64 5.51 -38.96
CA SER D 167 -3.37 6.01 -37.62
C SER D 167 -2.65 4.95 -36.79
N THR D 168 -1.66 5.39 -36.01
CA THR D 168 -0.98 4.49 -35.10
C THR D 168 -1.90 3.96 -34.01
N GLU D 169 -3.02 4.64 -33.76
CA GLU D 169 -3.99 4.14 -32.78
C GLU D 169 -4.62 2.84 -33.23
N GLN D 170 -4.78 2.63 -34.53
CA GLN D 170 -5.29 1.35 -35.02
C GLN D 170 -4.29 0.23 -34.77
N GLN D 171 -3.00 0.49 -34.98
CA GLN D 171 -1.98 -0.49 -34.61
C GLN D 171 -1.98 -0.74 -33.11
N LEU D 172 -2.19 0.32 -32.33
CA LEU D 172 -2.26 0.18 -30.88
C LEU D 172 -3.44 -0.70 -30.46
N GLN D 173 -4.59 -0.53 -31.11
CA GLN D 173 -5.75 -1.36 -30.78
C GLN D 173 -5.56 -2.79 -31.26
N VAL D 174 -4.81 -3.01 -32.35
CA VAL D 174 -4.46 -4.36 -32.75
C VAL D 174 -3.59 -5.02 -31.68
N ILE D 175 -2.60 -4.29 -31.19
CA ILE D 175 -1.75 -4.81 -30.11
C ILE D 175 -2.58 -5.09 -28.87
N PHE D 176 -3.55 -4.23 -28.58
CA PHE D 176 -4.39 -4.44 -27.41
C PHE D 176 -5.30 -5.65 -27.58
N GLU D 177 -5.78 -5.89 -28.81
CA GLU D 177 -6.53 -7.11 -29.09
C GLU D 177 -5.66 -8.35 -28.88
N VAL D 178 -4.42 -8.29 -29.34
CA VAL D 178 -3.49 -9.41 -29.12
C VAL D 178 -3.29 -9.63 -27.63
N LEU D 179 -3.14 -8.54 -26.87
CA LEU D 179 -2.99 -8.66 -25.42
C LEU D 179 -4.21 -9.31 -24.79
N GLU D 180 -5.40 -8.78 -25.10
CA GLU D 180 -6.64 -9.36 -24.58
C GLU D 180 -6.75 -10.83 -24.92
N GLU D 181 -6.22 -11.23 -26.09
CA GLU D 181 -6.10 -12.65 -26.39
C GLU D 181 -5.14 -13.34 -25.43
N TYR D 182 -4.04 -12.68 -25.08
CA TYR D 182 -2.99 -13.31 -24.29
C TYR D 182 -2.83 -12.72 -22.90
N ASP D 183 -2.57 -11.42 -22.78
CA ASP D 183 -2.25 -10.80 -21.50
C ASP D 183 -3.29 -9.75 -21.14
N TRP D 184 -3.89 -9.90 -19.96
CA TRP D 184 -4.97 -9.02 -19.51
C TRP D 184 -4.46 -7.87 -18.65
N THR D 185 -3.15 -7.66 -18.56
CA THR D 185 -2.61 -6.58 -17.75
C THR D 185 -1.34 -6.06 -18.42
N SER D 186 -1.36 -4.77 -18.79
CA SER D 186 -0.20 -4.13 -19.37
C SER D 186 0.74 -3.66 -18.27
N PHE D 187 2.00 -4.10 -18.32
CA PHE D 187 2.93 -3.80 -17.24
C PHE D 187 3.52 -2.40 -17.37
N VAL D 188 4.30 -2.16 -18.43
CA VAL D 188 4.96 -0.88 -18.62
C VAL D 188 4.65 -0.36 -20.02
N ALA D 189 4.23 0.89 -20.09
CA ALA D 189 4.09 1.62 -21.34
C ALA D 189 5.29 2.53 -21.47
N VAL D 190 6.24 2.13 -22.31
CA VAL D 190 7.47 2.89 -22.49
C VAL D 190 7.22 3.99 -23.51
N THR D 191 7.54 5.23 -23.13
CA THR D 191 7.24 6.38 -23.96
C THR D 191 8.32 7.43 -23.80
N THR D 192 8.66 8.08 -24.91
CA THR D 192 9.62 9.18 -24.93
C THR D 192 8.86 10.50 -25.04
N ARG D 193 9.61 11.59 -25.20
CA ARG D 193 9.03 12.91 -25.37
C ARG D 193 8.63 13.21 -26.81
N ALA D 194 8.46 12.18 -27.63
CA ALA D 194 8.08 12.39 -29.02
C ALA D 194 6.65 12.93 -29.10
N PRO D 195 6.33 13.67 -30.17
CA PRO D 195 4.96 14.16 -30.33
C PRO D 195 3.97 13.02 -30.43
N GLY D 196 2.75 13.28 -29.95
CA GLY D 196 1.73 12.26 -29.89
C GLY D 196 1.80 11.34 -28.70
N HIS D 197 2.75 11.57 -27.79
CA HIS D 197 2.86 10.73 -26.60
C HIS D 197 1.63 10.86 -25.70
N ARG D 198 1.09 12.08 -25.58
CA ARG D 198 -0.12 12.27 -24.81
C ARG D 198 -1.30 11.52 -25.44
N ALA D 199 -1.40 11.57 -26.77
CA ALA D 199 -2.44 10.81 -27.45
C ALA D 199 -2.29 9.31 -27.22
N PHE D 200 -1.04 8.83 -27.26
CA PHE D 200 -0.78 7.41 -26.99
C PHE D 200 -1.20 7.04 -25.58
N LEU D 201 -0.87 7.88 -24.60
CA LEU D 201 -1.27 7.61 -23.23
C LEU D 201 -2.78 7.61 -23.07
N SER D 202 -3.47 8.57 -23.69
CA SER D 202 -4.92 8.60 -23.62
C SER D 202 -5.53 7.36 -24.25
N TYR D 203 -5.00 6.94 -25.41
CA TYR D 203 -5.54 5.78 -26.09
C TYR D 203 -5.33 4.50 -25.27
N ILE D 204 -4.14 4.32 -24.70
CA ILE D 204 -3.90 3.11 -23.91
C ILE D 204 -4.76 3.12 -22.65
N GLU D 205 -4.92 4.30 -22.04
CA GLU D 205 -5.79 4.40 -20.86
C GLU D 205 -7.22 4.04 -21.20
N VAL D 206 -7.72 4.56 -22.32
CA VAL D 206 -9.10 4.28 -22.72
C VAL D 206 -9.27 2.79 -23.01
N LEU D 207 -8.32 2.20 -23.73
CA LEU D 207 -8.41 0.80 -24.08
C LEU D 207 -8.37 -0.09 -22.83
N THR D 208 -7.47 0.22 -21.90
CA THR D 208 -7.36 -0.58 -20.68
C THR D 208 -8.61 -0.44 -19.81
N ASP D 209 -9.15 0.77 -19.72
CA ASP D 209 -10.35 0.97 -18.91
C ASP D 209 -11.56 0.28 -19.54
N GLY D 210 -11.66 0.29 -20.86
CA GLY D 210 -12.80 -0.35 -21.51
C GLY D 210 -12.81 -1.85 -21.34
N SER D 211 -11.65 -2.49 -21.48
CA SER D 211 -11.55 -3.94 -21.40
C SER D 211 -11.12 -4.43 -20.03
N LEU D 212 -11.00 -3.53 -19.05
CA LEU D 212 -10.60 -3.86 -17.68
C LEU D 212 -9.24 -4.56 -17.67
N VAL D 213 -8.23 -3.83 -18.12
CA VAL D 213 -6.86 -4.32 -18.17
C VAL D 213 -6.02 -3.51 -17.19
N GLY D 214 -5.31 -4.21 -16.30
CA GLY D 214 -4.55 -3.54 -15.27
C GLY D 214 -3.33 -2.84 -15.80
N TRP D 215 -2.78 -1.97 -14.95
CA TRP D 215 -1.60 -1.19 -15.26
C TRP D 215 -0.55 -1.36 -14.17
N GLU D 216 0.70 -1.25 -14.55
CA GLU D 216 1.79 -1.35 -13.60
C GLU D 216 2.77 -0.17 -13.68
N HIS D 217 3.05 0.33 -14.87
CA HIS D 217 4.02 1.41 -15.01
C HIS D 217 3.80 2.17 -16.30
N ARG D 218 3.95 3.50 -16.23
CA ARG D 218 3.96 4.38 -17.39
C ARG D 218 5.36 4.99 -17.47
N GLY D 219 6.26 4.31 -18.17
CA GLY D 219 7.65 4.71 -18.23
C GLY D 219 7.91 5.80 -19.23
N ALA D 220 7.58 7.04 -18.86
CA ALA D 220 7.85 8.21 -19.70
C ALA D 220 9.34 8.55 -19.56
N LEU D 221 10.16 7.94 -20.40
CA LEU D 221 11.58 8.16 -20.34
C LEU D 221 11.95 9.54 -20.87
N THR D 222 13.15 9.99 -20.53
CA THR D 222 13.65 11.28 -20.98
C THR D 222 13.96 11.26 -22.47
N ALA D 230 21.86 3.54 -18.95
CA ALA D 230 22.61 3.63 -17.70
C ALA D 230 21.68 3.98 -16.54
N VAL D 231 21.65 5.27 -16.18
CA VAL D 231 20.77 5.72 -15.10
C VAL D 231 19.32 5.50 -15.47
N LEU D 232 18.95 5.84 -16.71
CA LEU D 232 17.59 5.59 -17.16
C LEU D 232 17.30 4.09 -17.19
N SER D 233 18.26 3.29 -17.64
CA SER D 233 18.08 1.84 -17.62
C SER D 233 17.94 1.31 -16.21
N ALA D 234 18.73 1.85 -15.27
CA ALA D 234 18.60 1.43 -13.87
C ALA D 234 17.23 1.80 -13.32
N GLN D 235 16.73 2.98 -13.64
CA GLN D 235 15.40 3.38 -13.19
C GLN D 235 14.32 2.48 -13.78
N LEU D 236 14.47 2.11 -15.05
CA LEU D 236 13.53 1.17 -15.66
C LEU D 236 13.58 -0.18 -14.97
N ARG D 237 14.77 -0.66 -14.62
CA ARG D 237 14.90 -1.92 -13.90
C ARG D 237 14.33 -1.84 -12.49
N SER D 238 14.14 -0.63 -11.95
CA SER D 238 13.62 -0.47 -10.60
C SER D 238 12.13 -0.79 -10.49
N VAL D 239 11.44 -0.99 -11.61
CA VAL D 239 10.01 -1.26 -11.63
C VAL D 239 9.79 -2.69 -12.10
N SER D 240 8.93 -3.41 -11.40
CA SER D 240 8.60 -4.80 -11.75
C SER D 240 7.71 -4.80 -12.98
N ALA D 241 8.36 -4.72 -14.14
CA ALA D 241 7.68 -4.62 -15.43
C ALA D 241 7.96 -5.86 -16.26
N GLN D 242 6.91 -6.42 -16.85
CA GLN D 242 7.01 -7.62 -17.68
C GLN D 242 6.69 -7.34 -19.14
N ILE D 243 5.51 -6.79 -19.42
CA ILE D 243 5.11 -6.51 -20.79
C ILE D 243 5.45 -5.05 -21.10
N ARG D 244 6.32 -4.84 -22.08
CA ARG D 244 6.79 -3.52 -22.45
C ARG D 244 6.15 -3.11 -23.77
N LEU D 245 5.21 -2.17 -23.70
CA LEU D 245 4.60 -1.58 -24.89
C LEU D 245 5.34 -0.28 -25.17
N LEU D 246 6.29 -0.32 -26.10
CA LEU D 246 7.16 0.81 -26.36
C LEU D 246 6.63 1.61 -27.55
N PHE D 247 6.61 2.93 -27.39
CA PHE D 247 6.21 3.85 -28.46
C PHE D 247 7.29 4.93 -28.50
N CYS D 248 8.34 4.68 -29.28
CA CYS D 248 9.48 5.57 -29.35
C CYS D 248 10.01 5.60 -30.77
N ALA D 249 10.62 6.73 -31.14
CA ALA D 249 11.22 6.86 -32.45
C ALA D 249 12.51 6.05 -32.53
N ARG D 250 12.81 5.58 -33.74
CA ARG D 250 13.96 4.70 -33.91
C ARG D 250 15.27 5.40 -33.61
N GLU D 251 15.47 6.60 -34.17
CA GLU D 251 16.75 7.29 -34.04
C GLU D 251 17.04 7.68 -32.59
N GLU D 252 16.05 8.24 -31.90
CA GLU D 252 16.29 8.71 -30.54
C GLU D 252 16.42 7.56 -29.56
N ALA D 253 15.65 6.49 -29.76
CA ALA D 253 15.64 5.38 -28.81
C ALA D 253 16.64 4.28 -29.15
N GLU D 254 17.34 4.38 -30.28
CA GLU D 254 18.33 3.37 -30.62
C GLU D 254 19.37 3.18 -29.52
N PRO D 255 19.97 4.24 -28.95
CA PRO D 255 20.77 4.02 -27.74
C PRO D 255 19.94 3.46 -26.60
N VAL D 256 18.67 3.83 -26.50
CA VAL D 256 17.82 3.28 -25.46
C VAL D 256 17.57 1.79 -25.69
N PHE D 257 17.37 1.39 -26.96
CA PHE D 257 17.27 -0.04 -27.25
C PHE D 257 18.55 -0.78 -26.87
N ARG D 258 19.71 -0.21 -27.21
CA ARG D 258 20.97 -0.86 -26.87
C ARG D 258 21.13 -0.97 -25.36
N ALA D 259 20.80 0.10 -24.62
CA ALA D 259 20.91 0.06 -23.17
C ALA D 259 19.96 -0.96 -22.56
N ALA D 260 18.72 -1.01 -23.05
CA ALA D 260 17.76 -1.99 -22.55
C ALA D 260 18.23 -3.42 -22.83
N GLU D 261 18.85 -3.63 -24.00
CA GLU D 261 19.45 -4.92 -24.28
C GLU D 261 20.58 -5.23 -23.30
N GLU D 262 21.34 -4.19 -22.92
CA GLU D 262 22.46 -4.37 -22.00
C GLU D 262 22.07 -4.19 -20.54
N ALA D 263 20.83 -3.81 -20.24
CA ALA D 263 20.39 -3.59 -18.87
C ALA D 263 19.75 -4.83 -18.25
N GLY D 264 19.75 -5.96 -18.96
CA GLY D 264 19.10 -7.15 -18.45
C GLY D 264 17.61 -7.22 -18.72
N LEU D 265 17.06 -6.28 -19.50
CA LEU D 265 15.65 -6.28 -19.85
C LEU D 265 15.30 -7.36 -20.87
N THR D 266 16.24 -8.26 -21.18
CA THR D 266 15.99 -9.39 -22.05
C THR D 266 15.58 -10.64 -21.26
N GLY D 267 15.02 -10.46 -20.07
CA GLY D 267 14.61 -11.58 -19.24
C GLY D 267 13.35 -12.25 -19.74
N SER D 268 13.00 -13.34 -19.06
CA SER D 268 11.80 -14.09 -19.43
C SER D 268 10.54 -13.25 -19.22
N GLY D 269 10.41 -12.64 -18.04
CA GLY D 269 9.26 -11.80 -17.80
C GLY D 269 9.23 -10.56 -18.66
N TYR D 270 10.38 -9.90 -18.82
CA TYR D 270 10.47 -8.67 -19.58
C TYR D 270 10.24 -8.96 -21.07
N VAL D 271 9.08 -8.58 -21.57
CA VAL D 271 8.72 -8.77 -22.98
C VAL D 271 8.41 -7.40 -23.57
N TRP D 272 9.03 -7.10 -24.72
CA TRP D 272 8.91 -5.81 -25.36
C TRP D 272 8.11 -5.95 -26.66
N PHE D 273 7.21 -5.00 -26.89
CA PHE D 273 6.41 -4.95 -28.11
C PHE D 273 6.59 -3.59 -28.76
N MET D 274 6.96 -3.59 -30.05
CA MET D 274 7.23 -2.36 -30.77
C MET D 274 5.96 -1.86 -31.47
N VAL D 275 6.08 -0.66 -32.07
CA VAL D 275 4.95 -0.02 -32.75
C VAL D 275 5.35 0.39 -34.16
N GLY D 276 4.42 1.01 -34.87
CA GLY D 276 4.64 1.46 -36.22
C GLY D 276 5.72 2.53 -36.37
N PRO D 277 5.69 3.57 -35.53
CA PRO D 277 6.75 4.58 -35.59
C PRO D 277 8.14 4.04 -35.34
N GLN D 278 8.26 2.85 -34.76
CA GLN D 278 9.56 2.22 -34.55
C GLN D 278 10.02 1.59 -35.86
N LEU D 279 11.06 0.76 -35.79
CA LEU D 279 11.62 0.14 -36.99
C LEU D 279 10.68 -0.84 -37.65
N ALA D 280 9.57 -1.21 -37.00
CA ALA D 280 8.63 -2.15 -37.60
C ALA D 280 8.03 -1.61 -38.89
N GLY D 281 7.68 -0.33 -38.91
CA GLY D 281 7.13 0.26 -40.12
C GLY D 281 8.11 0.24 -41.27
N GLY D 282 7.59 0.01 -42.46
CA GLY D 282 8.41 -0.08 -43.65
C GLY D 282 8.90 -1.48 -43.93
N GLY D 283 8.62 -1.97 -45.14
CA GLY D 283 9.02 -3.31 -45.51
C GLY D 283 9.89 -3.38 -46.74
N GLY D 284 10.14 -4.60 -47.24
CA GLY D 284 10.98 -4.79 -48.40
C GLY D 284 12.35 -5.32 -48.05
N SER D 285 13.38 -4.51 -48.27
CA SER D 285 14.75 -4.93 -47.93
C SER D 285 14.91 -5.12 -46.43
N GLY D 286 14.31 -4.24 -45.64
CA GLY D 286 14.38 -4.36 -44.19
C GLY D 286 14.62 -3.04 -43.48
N ALA D 287 14.59 -3.06 -42.14
CA ALA D 287 14.83 -1.86 -41.36
C ALA D 287 16.25 -1.90 -40.83
N PRO D 288 17.14 -0.99 -41.28
CA PRO D 288 18.54 -1.06 -40.86
C PRO D 288 18.73 -0.98 -39.35
N GLY D 289 18.25 0.09 -38.74
CA GLY D 289 18.41 0.26 -37.30
C GLY D 289 19.88 0.34 -36.94
N GLU D 290 20.31 -0.51 -36.01
CA GLU D 290 21.70 -0.56 -35.59
C GLU D 290 22.46 -1.62 -36.39
N LEU D 294 19.63 -4.73 -41.77
CA LEU D 294 18.24 -4.49 -42.17
C LEU D 294 17.28 -5.59 -41.68
N PRO D 295 17.63 -6.89 -41.84
CA PRO D 295 16.73 -7.91 -41.30
C PRO D 295 16.85 -8.06 -39.77
N GLY D 296 16.14 -7.19 -39.06
CA GLY D 296 16.10 -7.27 -37.61
C GLY D 296 16.25 -5.94 -36.90
N GLY D 297 17.06 -5.05 -37.47
CA GLY D 297 17.25 -3.74 -36.85
C GLY D 297 17.90 -3.86 -35.49
N ALA D 298 17.22 -3.33 -34.48
CA ALA D 298 17.75 -3.36 -33.12
C ALA D 298 17.75 -4.79 -32.58
N PRO D 299 18.66 -5.10 -31.65
CA PRO D 299 18.69 -6.45 -31.08
C PRO D 299 17.39 -6.79 -30.36
N LEU D 300 16.99 -8.05 -30.48
CA LEU D 300 15.74 -8.50 -29.86
C LEU D 300 15.96 -8.75 -28.38
N PRO D 301 15.18 -8.10 -27.49
CA PRO D 301 15.27 -8.38 -26.05
C PRO D 301 14.57 -9.67 -25.64
N ALA D 302 14.87 -10.76 -26.36
CA ALA D 302 14.37 -12.09 -26.06
C ALA D 302 12.84 -12.13 -26.05
N GLY D 303 12.29 -11.89 -27.23
CA GLY D 303 10.85 -11.92 -27.41
C GLY D 303 10.24 -10.62 -27.87
N LEU D 304 10.99 -9.87 -28.67
CA LEU D 304 10.48 -8.60 -29.19
C LEU D 304 9.31 -8.83 -30.13
N PHE D 305 8.28 -8.01 -29.98
CA PHE D 305 7.10 -8.04 -30.84
C PHE D 305 6.93 -6.69 -31.52
N ALA D 306 6.21 -6.69 -32.64
CA ALA D 306 6.02 -5.47 -33.40
C ALA D 306 4.78 -5.61 -34.27
N VAL D 307 4.31 -4.48 -34.77
CA VAL D 307 3.19 -4.42 -35.71
C VAL D 307 3.54 -3.46 -36.83
N ARG D 308 3.01 -3.74 -38.02
CA ARG D 308 3.30 -2.92 -39.19
C ARG D 308 2.15 -3.05 -40.16
N SER D 309 2.22 -2.25 -41.23
CA SER D 309 1.21 -2.28 -42.27
C SER D 309 1.39 -3.53 -43.14
N ALA D 310 0.39 -3.79 -43.99
CA ALA D 310 0.41 -4.95 -44.86
C ALA D 310 1.53 -4.90 -45.88
N GLY D 311 2.16 -3.74 -46.08
CA GLY D 311 3.28 -3.60 -46.99
C GLY D 311 4.62 -4.04 -46.44
N TRP D 312 4.62 -4.68 -45.27
CA TRP D 312 5.88 -5.17 -44.70
C TRP D 312 6.53 -6.21 -45.61
N ARG D 313 5.72 -7.09 -46.20
CA ARG D 313 6.22 -8.07 -47.15
C ARG D 313 5.80 -7.79 -48.59
N ASP D 314 4.79 -6.95 -48.80
CA ASP D 314 4.37 -6.62 -50.15
C ASP D 314 5.41 -5.73 -50.83
N ASP D 315 5.44 -5.79 -52.16
CA ASP D 315 6.38 -5.01 -52.94
C ASP D 315 6.07 -3.52 -52.81
N LEU D 316 7.12 -2.71 -52.71
CA LEU D 316 6.93 -1.26 -52.69
C LEU D 316 6.36 -0.76 -54.00
N ALA D 317 6.86 -1.27 -55.13
CA ALA D 317 6.36 -0.86 -56.42
C ALA D 317 4.89 -1.26 -56.61
N ARG D 318 4.53 -2.47 -56.15
CA ARG D 318 3.14 -2.89 -56.26
C ARG D 318 2.23 -2.06 -55.36
N ARG D 319 2.73 -1.64 -54.19
CA ARG D 319 1.94 -0.75 -53.35
C ARG D 319 1.75 0.61 -53.98
N VAL D 320 2.79 1.13 -54.63
CA VAL D 320 2.68 2.39 -55.34
C VAL D 320 1.67 2.28 -56.47
N ALA D 321 1.71 1.16 -57.21
CA ALA D 321 0.76 0.95 -58.30
C ALA D 321 -0.66 0.85 -57.77
N ALA D 322 -0.86 0.16 -56.64
CA ALA D 322 -2.18 0.07 -56.04
C ALA D 322 -2.69 1.43 -55.60
N GLY D 323 -1.82 2.24 -55.00
CA GLY D 323 -2.23 3.59 -54.63
C GLY D 323 -2.59 4.44 -55.82
N VAL D 324 -1.82 4.32 -56.91
CA VAL D 324 -2.13 5.05 -58.13
C VAL D 324 -3.48 4.62 -58.68
N ALA D 325 -3.74 3.31 -58.69
CA ALA D 325 -5.02 2.80 -59.15
C ALA D 325 -6.18 3.31 -58.28
N VAL D 326 -5.97 3.36 -56.97
CA VAL D 326 -6.99 3.88 -56.07
C VAL D 326 -7.27 5.34 -56.35
N VAL D 327 -6.21 6.13 -56.56
CA VAL D 327 -6.38 7.54 -56.87
C VAL D 327 -7.14 7.72 -58.17
N ALA D 328 -6.79 6.92 -59.19
CA ALA D 328 -7.48 7.01 -60.48
C ALA D 328 -8.95 6.62 -60.35
N ARG D 329 -9.24 5.58 -59.58
CA ARG D 329 -10.63 5.15 -59.39
C ARG D 329 -11.43 6.22 -58.65
N GLY D 330 -10.83 6.86 -57.65
CA GLY D 330 -11.52 7.95 -56.98
C GLY D 330 -11.77 9.13 -57.89
N ALA D 331 -10.77 9.47 -58.71
CA ALA D 331 -10.95 10.56 -59.67
C ALA D 331 -12.07 10.23 -60.65
N GLN D 332 -12.14 8.98 -61.10
CA GLN D 332 -13.23 8.56 -61.98
C GLN D 332 -14.57 8.69 -61.29
N ALA D 333 -14.69 8.09 -60.09
CA ALA D 333 -15.95 8.13 -59.36
C ALA D 333 -16.38 9.55 -59.01
N LEU D 334 -15.45 10.49 -58.98
CA LEU D 334 -15.83 11.89 -58.80
C LEU D 334 -16.27 12.50 -60.13
N LEU D 335 -15.38 12.54 -61.11
CA LEU D 335 -15.62 13.30 -62.33
C LEU D 335 -16.69 12.64 -63.20
N ARG D 336 -16.48 11.38 -63.58
CA ARG D 336 -17.40 10.73 -64.51
C ARG D 336 -18.80 10.62 -63.92
N ASP D 337 -18.89 10.29 -62.63
CA ASP D 337 -20.20 10.26 -61.99
C ASP D 337 -20.80 11.66 -61.89
N TYR D 338 -19.98 12.68 -61.68
CA TYR D 338 -20.46 14.05 -61.70
C TYR D 338 -20.51 14.65 -63.10
N GLY D 339 -19.93 13.97 -64.10
CA GLY D 339 -19.93 14.48 -65.45
C GLY D 339 -19.14 15.75 -65.64
N PHE D 340 -18.22 16.05 -64.73
CA PHE D 340 -17.47 17.29 -64.76
C PHE D 340 -16.12 17.07 -65.45
N LEU D 341 -15.26 18.08 -65.39
CA LEU D 341 -13.92 18.06 -65.96
C LEU D 341 -12.92 18.45 -64.89
N PRO D 342 -11.66 18.00 -65.01
CA PRO D 342 -10.67 18.31 -63.97
C PRO D 342 -10.31 19.78 -63.92
N GLU D 343 -10.76 20.47 -62.87
CA GLU D 343 -10.51 21.89 -62.66
C GLU D 343 -9.99 22.06 -61.24
N LEU D 344 -8.69 21.92 -61.05
CA LEU D 344 -8.07 22.04 -59.74
C LEU D 344 -6.95 23.07 -59.76
N GLY D 345 -6.19 23.15 -58.68
CA GLY D 345 -5.03 24.03 -58.64
C GLY D 345 -3.98 23.62 -59.65
N HIS D 346 -3.82 24.41 -60.70
CA HIS D 346 -2.92 24.08 -61.80
C HIS D 346 -1.69 24.98 -61.84
N ASP D 347 -1.35 25.62 -60.72
CA ASP D 347 -0.19 26.50 -60.67
C ASP D 347 0.44 26.42 -59.29
N CYS D 348 1.75 26.65 -59.24
CA CYS D 348 2.49 26.68 -57.98
C CYS D 348 2.78 28.10 -57.51
N ARG D 349 1.87 29.02 -57.79
CA ARG D 349 2.00 30.42 -57.39
C ARG D 349 0.84 30.80 -56.47
N ALA D 350 0.74 32.09 -56.15
CA ALA D 350 -0.26 32.60 -55.23
C ALA D 350 -1.47 33.09 -56.01
N GLN D 351 -2.64 32.52 -55.69
CA GLN D 351 -3.90 32.93 -56.31
C GLN D 351 -5.03 32.68 -55.33
N ASN D 352 -6.23 33.11 -55.72
CA ASN D 352 -7.40 32.93 -54.86
C ASN D 352 -7.74 31.46 -54.68
N ARG D 353 -7.60 30.67 -55.75
CA ARG D 353 -7.96 29.26 -55.69
C ARG D 353 -7.14 28.47 -54.68
N THR D 354 -5.99 29.00 -54.28
CA THR D 354 -5.17 28.34 -53.26
C THR D 354 -5.80 28.39 -51.88
N HIS D 355 -6.85 29.18 -51.69
CA HIS D 355 -7.52 29.28 -50.40
C HIS D 355 -8.57 28.20 -50.18
N ARG D 356 -8.80 27.34 -51.17
CA ARG D 356 -9.80 26.28 -51.08
C ARG D 356 -9.15 24.92 -51.28
N GLY D 357 -9.79 23.90 -50.73
CA GLY D 357 -9.29 22.54 -50.87
C GLY D 357 -10.30 21.56 -50.31
N GLU D 358 -10.06 20.29 -50.62
CA GLU D 358 -10.95 19.22 -50.18
C GLU D 358 -10.19 17.91 -50.21
N SER D 359 -10.77 16.91 -49.55
CA SER D 359 -10.22 15.55 -49.51
C SER D 359 -11.12 14.63 -50.30
N LEU D 360 -10.51 13.86 -51.21
CA LEU D 360 -11.26 12.95 -52.08
C LEU D 360 -11.66 11.66 -51.37
N HIS D 361 -11.53 11.59 -50.05
CA HIS D 361 -11.95 10.40 -49.32
C HIS D 361 -13.45 10.17 -49.46
N ARG D 362 -14.22 11.20 -49.81
CA ARG D 362 -15.65 11.03 -50.07
C ARG D 362 -15.93 10.26 -51.36
N TYR D 363 -14.90 10.02 -52.18
CA TYR D 363 -15.05 9.23 -53.40
C TYR D 363 -14.17 7.99 -53.39
N PHE D 364 -13.78 7.50 -52.20
CA PHE D 364 -12.88 6.38 -52.08
C PHE D 364 -13.51 5.13 -51.47
N MET D 365 -14.66 5.26 -50.80
CA MET D 365 -15.28 4.08 -50.21
C MET D 365 -15.80 3.11 -51.25
N ASN D 366 -15.99 3.56 -52.49
CA ASN D 366 -16.44 2.70 -53.58
C ASN D 366 -15.30 1.92 -54.23
N ILE D 367 -14.14 1.85 -53.56
CA ILE D 367 -12.96 1.21 -54.11
C ILE D 367 -12.55 0.06 -53.20
N THR D 368 -12.29 -1.10 -53.78
CA THR D 368 -11.75 -2.24 -53.06
C THR D 368 -10.79 -2.99 -53.97
N TRP D 369 -9.69 -3.47 -53.39
CA TRP D 369 -8.66 -4.16 -54.16
C TRP D 369 -7.74 -4.91 -53.22
N ASP D 370 -7.36 -6.12 -53.62
CA ASP D 370 -6.41 -6.95 -52.87
C ASP D 370 -6.89 -7.18 -51.44
N ASN D 371 -8.20 -7.36 -51.27
CA ASN D 371 -8.82 -7.57 -49.97
C ASN D 371 -8.51 -6.42 -49.00
N ARG D 372 -8.43 -5.21 -49.52
CA ARG D 372 -8.17 -4.01 -48.74
C ARG D 372 -9.32 -3.03 -48.92
N ASP D 373 -9.87 -2.56 -47.81
CA ASP D 373 -10.86 -1.50 -47.87
C ASP D 373 -10.19 -0.19 -48.28
N TYR D 374 -11.01 0.75 -48.76
CA TYR D 374 -10.48 2.06 -49.15
C TYR D 374 -11.39 3.21 -48.72
N SER D 375 -12.25 2.99 -47.72
CA SER D 375 -13.09 4.06 -47.18
C SER D 375 -12.22 4.93 -46.27
N PHE D 376 -11.39 5.75 -46.91
CA PHE D 376 -10.44 6.58 -46.18
C PHE D 376 -11.16 7.69 -45.41
N ASN D 377 -10.47 8.21 -44.40
CA ASN D 377 -11.03 9.21 -43.51
C ASN D 377 -10.67 10.62 -43.98
N GLU D 378 -11.15 11.62 -43.25
CA GLU D 378 -10.85 13.01 -43.60
C GLU D 378 -9.36 13.30 -43.50
N ASP D 379 -8.70 12.75 -42.48
CA ASP D 379 -7.27 12.97 -42.27
C ASP D 379 -6.41 12.15 -43.22
N GLY D 380 -6.99 11.55 -44.25
CA GLY D 380 -6.24 10.79 -45.21
C GLY D 380 -5.60 9.52 -44.67
N PHE D 381 -6.32 8.79 -43.83
CA PHE D 381 -5.85 7.49 -43.34
C PHE D 381 -6.95 6.47 -43.55
N LEU D 382 -6.53 5.24 -43.82
CA LEU D 382 -7.48 4.18 -44.14
C LEU D 382 -8.20 3.70 -42.88
N VAL D 383 -9.52 3.60 -42.97
CA VAL D 383 -10.34 3.01 -41.92
C VAL D 383 -10.49 1.53 -42.21
N ASN D 384 -10.36 0.70 -41.17
CA ASN D 384 -10.37 -0.75 -41.28
C ASN D 384 -9.26 -1.22 -42.22
N PRO D 385 -7.99 -1.08 -41.81
CA PRO D 385 -6.89 -1.52 -42.68
C PRO D 385 -6.50 -2.97 -42.41
N SER D 386 -5.51 -3.46 -43.17
CA SER D 386 -4.93 -4.78 -42.94
C SER D 386 -3.52 -4.59 -42.42
N LEU D 387 -3.23 -5.17 -41.25
CA LEU D 387 -1.93 -5.03 -40.61
C LEU D 387 -1.35 -6.40 -40.32
N VAL D 388 -0.04 -6.43 -40.07
CA VAL D 388 0.66 -7.67 -39.77
C VAL D 388 1.42 -7.50 -38.47
N VAL D 389 1.27 -8.47 -37.57
CA VAL D 389 2.01 -8.52 -36.32
C VAL D 389 3.15 -9.52 -36.48
N ILE D 390 4.34 -9.13 -36.04
CA ILE D 390 5.58 -9.86 -36.30
C ILE D 390 6.37 -9.98 -34.99
N SER D 391 7.30 -10.94 -34.99
CA SER D 391 8.15 -11.19 -33.84
C SER D 391 9.60 -11.26 -34.27
N LEU D 392 10.48 -10.67 -33.47
CA LEU D 392 11.92 -10.74 -33.69
C LEU D 392 12.45 -11.93 -32.89
N THR D 393 12.54 -13.08 -33.55
CA THR D 393 12.91 -14.32 -32.88
C THR D 393 14.40 -14.31 -32.52
N ARG D 394 14.85 -15.41 -31.92
CA ARG D 394 16.25 -15.53 -31.52
C ARG D 394 17.19 -15.55 -32.72
N ASP D 395 16.68 -15.89 -33.90
CA ASP D 395 17.49 -15.89 -35.12
C ASP D 395 17.78 -14.50 -35.66
N ARG D 396 17.43 -13.45 -34.89
CA ARG D 396 17.64 -12.07 -35.29
C ARG D 396 16.95 -11.76 -36.62
N THR D 397 15.77 -12.35 -36.83
CA THR D 397 14.98 -12.10 -38.02
C THR D 397 13.53 -11.90 -37.60
N TRP D 398 12.80 -11.13 -38.41
CA TRP D 398 11.41 -10.81 -38.13
C TRP D 398 10.52 -11.93 -38.66
N GLU D 399 9.88 -12.66 -37.76
CA GLU D 399 8.95 -13.71 -38.13
C GLU D 399 7.60 -13.07 -38.49
N VAL D 400 6.57 -13.88 -38.64
CA VAL D 400 5.22 -13.41 -38.93
C VAL D 400 4.30 -13.99 -37.87
N VAL D 401 3.94 -13.21 -36.86
CA VAL D 401 3.02 -13.68 -35.84
C VAL D 401 1.64 -13.89 -36.43
N GLY D 402 1.17 -12.95 -37.24
CA GLY D 402 -0.11 -13.11 -37.88
C GLY D 402 -0.57 -11.82 -38.54
N SER D 403 -1.85 -11.80 -38.88
CA SER D 403 -2.47 -10.67 -39.58
C SER D 403 -3.76 -10.26 -38.89
N TRP D 404 -4.09 -8.98 -39.02
CA TRP D 404 -5.32 -8.42 -38.49
C TRP D 404 -6.04 -7.66 -39.60
N GLU D 405 -7.33 -7.94 -39.76
CA GLU D 405 -8.15 -7.27 -40.77
C GLU D 405 -9.61 -7.42 -40.39
N GLN D 406 -10.36 -6.32 -40.51
CA GLN D 406 -11.79 -6.29 -40.19
C GLN D 406 -12.06 -6.79 -38.77
N GLN D 407 -11.22 -6.36 -37.83
CA GLN D 407 -11.32 -6.75 -36.42
C GLN D 407 -11.24 -8.27 -36.26
N THR D 408 -10.58 -8.94 -37.20
CA THR D 408 -10.39 -10.38 -37.18
C THR D 408 -8.91 -10.70 -37.23
N LEU D 409 -8.50 -11.65 -36.40
CA LEU D 409 -7.10 -12.03 -36.26
C LEU D 409 -6.87 -13.42 -36.84
N ARG D 410 -5.96 -13.51 -37.81
CA ARG D 410 -5.48 -14.78 -38.32
C ARG D 410 -4.07 -14.96 -37.77
N LEU D 411 -3.94 -15.78 -36.74
CA LEU D 411 -2.71 -15.86 -35.95
C LEU D 411 -2.25 -17.31 -35.85
N LYS D 412 -1.11 -17.49 -35.18
CA LYS D 412 -0.65 -18.81 -34.79
C LYS D 412 -1.57 -19.35 -33.69
N TYR D 413 -1.42 -20.65 -33.39
CA TYR D 413 -2.20 -21.35 -32.37
C TYR D 413 -2.34 -20.47 -31.12
N PRO D 414 -3.57 -20.06 -30.79
CA PRO D 414 -3.76 -19.04 -29.75
C PRO D 414 -3.75 -19.59 -28.33
N LEU D 415 -3.23 -20.80 -28.15
CA LEU D 415 -3.16 -21.39 -26.82
C LEU D 415 -2.38 -20.48 -25.88
N TRP D 416 -2.90 -20.35 -24.65
CA TRP D 416 -2.30 -19.49 -23.64
C TRP D 416 -2.14 -20.28 -22.34
N SER D 417 -0.94 -20.82 -22.11
CA SER D 417 -0.53 -21.36 -20.82
C SER D 417 0.85 -20.76 -20.55
N ARG D 418 0.86 -19.54 -20.00
CA ARG D 418 2.07 -18.73 -19.91
C ARG D 418 2.71 -18.59 -21.29
N TYR D 419 1.89 -18.58 -22.33
CA TYR D 419 2.34 -18.63 -23.71
C TYR D 419 2.52 -17.21 -24.25
N GLY D 420 2.64 -17.09 -25.57
CA GLY D 420 2.96 -15.81 -26.19
C GLY D 420 4.44 -15.69 -26.41
N ARG D 421 5.13 -14.98 -25.51
CA ARG D 421 6.58 -15.01 -25.51
C ARG D 421 7.05 -16.37 -25.02
N PHE D 422 7.95 -16.99 -25.80
CA PHE D 422 8.41 -18.34 -25.45
C PHE D 422 9.17 -18.35 -24.13
N LEU D 423 9.77 -17.22 -23.76
CA LEU D 423 10.37 -17.06 -22.44
C LEU D 423 9.24 -16.84 -21.44
N GLN D 424 8.71 -17.97 -20.94
CA GLN D 424 7.52 -17.94 -20.11
C GLN D 424 7.81 -17.32 -18.75
N PRO D 425 6.80 -16.74 -18.10
CA PRO D 425 7.00 -16.14 -16.77
C PRO D 425 6.99 -17.16 -15.65
N VAL D 426 7.18 -18.44 -16.00
CA VAL D 426 7.10 -19.51 -15.01
C VAL D 426 8.11 -19.28 -13.89
N ASP D 427 9.31 -18.80 -14.23
CA ASP D 427 10.31 -18.50 -13.21
C ASP D 427 9.80 -17.39 -12.27
N ASP D 428 9.20 -16.34 -12.84
CA ASP D 428 8.70 -15.25 -12.00
C ASP D 428 7.47 -15.69 -11.21
N THR D 429 6.51 -16.33 -11.87
CA THR D 429 5.29 -16.81 -11.23
C THR D 429 5.23 -18.32 -11.37
N GLN D 430 5.22 -19.02 -10.24
CA GLN D 430 5.28 -20.48 -10.27
C GLN D 430 4.07 -21.07 -10.96
N HIS D 431 4.30 -22.05 -11.82
CA HIS D 431 3.27 -22.76 -12.55
C HIS D 431 3.22 -24.20 -12.09
N LEU D 432 2.03 -24.68 -11.73
CA LEU D 432 1.84 -26.02 -11.23
C LEU D 432 1.03 -26.85 -12.23
N THR D 433 1.50 -28.07 -12.51
CA THR D 433 0.81 -28.98 -13.39
C THR D 433 -0.33 -29.62 -12.61
N VAL D 434 -1.50 -28.96 -12.64
CA VAL D 434 -2.65 -29.35 -11.83
C VAL D 434 -3.37 -30.46 -12.58
N ALA D 435 -3.09 -31.71 -12.21
CA ALA D 435 -3.79 -32.85 -12.81
C ALA D 435 -5.16 -33.01 -12.18
N THR D 436 -6.17 -33.25 -13.02
CA THR D 436 -7.54 -33.29 -12.56
C THR D 436 -8.30 -34.35 -13.34
N LEU D 437 -9.32 -34.92 -12.70
CA LEU D 437 -10.18 -35.93 -13.29
C LEU D 437 -11.64 -35.49 -13.20
N GLU D 438 -12.42 -35.88 -14.21
CA GLU D 438 -13.84 -35.55 -14.24
C GLU D 438 -14.60 -36.45 -13.27
N GLU D 439 -15.47 -35.84 -12.47
CA GLU D 439 -16.16 -36.55 -11.40
C GLU D 439 -17.43 -35.77 -11.04
N ARG D 440 -17.97 -36.02 -9.86
CA ARG D 440 -19.14 -35.36 -9.30
C ARG D 440 -19.01 -33.84 -9.43
N PRO D 441 -20.13 -33.08 -9.37
CA PRO D 441 -20.09 -31.64 -9.70
C PRO D 441 -19.05 -30.82 -8.94
N PHE D 442 -18.39 -31.41 -7.94
CA PHE D 442 -17.25 -30.73 -7.34
C PHE D 442 -16.14 -30.51 -8.37
N VAL D 443 -16.08 -31.35 -9.39
CA VAL D 443 -15.25 -31.12 -10.59
C VAL D 443 -16.09 -31.56 -11.78
N ILE D 444 -16.59 -30.60 -12.55
CA ILE D 444 -17.47 -30.88 -13.68
C ILE D 444 -16.83 -30.33 -14.95
N VAL D 445 -16.71 -31.17 -15.96
CA VAL D 445 -16.16 -30.77 -17.25
C VAL D 445 -17.32 -30.48 -18.20
N GLU D 446 -17.12 -29.51 -19.09
CA GLU D 446 -18.11 -29.10 -20.05
C GLU D 446 -17.45 -28.82 -21.39
N PRO D 447 -18.15 -29.03 -22.49
CA PRO D 447 -17.57 -28.74 -23.81
C PRO D 447 -17.32 -27.25 -23.99
N ALA D 448 -16.31 -26.94 -24.80
CA ALA D 448 -15.95 -25.57 -25.09
C ALA D 448 -17.00 -24.89 -25.97
N ILE D 456 -18.35 -21.40 -21.76
CA ILE D 456 -19.02 -20.93 -20.56
C ILE D 456 -18.01 -20.25 -19.64
N ARG D 457 -18.35 -19.04 -19.19
CA ARG D 457 -17.44 -18.25 -18.39
C ARG D 457 -17.38 -18.78 -16.96
N ASP D 458 -16.52 -18.16 -16.16
CA ASP D 458 -16.28 -18.53 -14.76
C ASP D 458 -15.76 -19.95 -14.61
N SER D 459 -15.26 -20.53 -15.69
CA SER D 459 -14.74 -21.90 -15.70
C SER D 459 -13.32 -21.89 -16.23
N VAL D 460 -12.45 -22.65 -15.58
CA VAL D 460 -11.04 -22.69 -15.98
C VAL D 460 -10.91 -23.44 -17.31
N PRO D 461 -10.20 -22.89 -18.29
CA PRO D 461 -9.99 -23.64 -19.53
C PRO D 461 -9.03 -24.81 -19.32
N CYS D 462 -9.57 -26.02 -19.31
CA CYS D 462 -8.80 -27.23 -19.06
C CYS D 462 -8.54 -27.95 -20.37
N ARG D 463 -7.27 -28.24 -20.65
CA ARG D 463 -6.88 -28.93 -21.87
C ARG D 463 -6.90 -30.43 -21.62
N SER D 464 -7.54 -31.17 -22.51
CA SER D 464 -7.65 -32.62 -22.41
C SER D 464 -6.64 -33.24 -23.37
N GLN D 465 -5.42 -33.46 -22.87
CA GLN D 465 -4.36 -34.08 -23.67
C GLN D 465 -4.39 -35.60 -23.57
N LEU D 466 -5.51 -36.19 -23.98
CA LEU D 466 -5.64 -37.64 -23.99
C LEU D 466 -4.70 -38.25 -25.02
N ASN D 467 -4.13 -39.40 -24.68
CA ASN D 467 -3.20 -40.09 -25.57
C ASN D 467 -3.93 -41.06 -26.49
N LYS D 481 -9.41 -28.93 -24.47
CA LYS D 481 -9.77 -27.52 -24.53
C LYS D 481 -11.16 -27.27 -23.93
N ARG D 482 -11.60 -28.21 -23.09
CA ARG D 482 -12.89 -28.09 -22.44
C ARG D 482 -12.83 -27.02 -21.35
N CYS D 483 -13.95 -26.80 -20.68
CA CYS D 483 -14.02 -25.87 -19.56
C CYS D 483 -14.39 -26.63 -18.30
N CYS D 484 -13.59 -26.49 -17.25
CA CYS D 484 -13.74 -27.23 -16.01
C CYS D 484 -14.19 -26.27 -14.92
N LYS D 485 -15.23 -26.66 -14.18
CA LYS D 485 -15.80 -25.84 -13.13
C LYS D 485 -16.42 -26.75 -12.08
N GLY D 486 -16.23 -26.39 -10.81
CA GLY D 486 -16.80 -27.18 -9.74
C GLY D 486 -16.31 -26.68 -8.39
N PHE D 487 -16.73 -27.40 -7.35
CA PHE D 487 -16.37 -27.04 -5.99
C PHE D 487 -14.86 -27.05 -5.79
N CYS D 488 -14.21 -28.15 -6.18
CA CYS D 488 -12.76 -28.22 -6.08
C CYS D 488 -12.10 -27.21 -7.01
N ILE D 489 -12.71 -26.95 -8.17
CA ILE D 489 -12.18 -25.93 -9.07
C ILE D 489 -12.23 -24.55 -8.41
N ASP D 490 -13.34 -24.25 -7.74
CA ASP D 490 -13.46 -22.98 -7.04
C ASP D 490 -12.46 -22.89 -5.89
N ILE D 491 -12.24 -24.00 -5.18
CA ILE D 491 -11.26 -24.01 -4.11
C ILE D 491 -9.86 -23.74 -4.66
N LEU D 492 -9.52 -24.39 -5.77
CA LEU D 492 -8.21 -24.17 -6.39
C LEU D 492 -8.07 -22.72 -6.86
N LYS D 493 -9.13 -22.16 -7.42
CA LYS D 493 -9.10 -20.76 -7.86
C LYS D 493 -8.88 -19.83 -6.67
N ARG D 494 -9.59 -20.07 -5.56
CA ARG D 494 -9.41 -19.25 -4.38
C ARG D 494 -7.99 -19.36 -3.83
N LEU D 495 -7.44 -20.58 -3.83
CA LEU D 495 -6.06 -20.77 -3.38
C LEU D 495 -5.08 -20.02 -4.28
N ALA D 496 -5.31 -20.07 -5.59
CA ALA D 496 -4.44 -19.35 -6.52
C ALA D 496 -4.53 -17.85 -6.30
N HIS D 497 -5.73 -17.33 -6.06
CA HIS D 497 -5.88 -15.91 -5.78
C HIS D 497 -5.15 -15.53 -4.50
N THR D 498 -5.27 -16.37 -3.46
CA THR D 498 -4.57 -16.08 -2.21
C THR D 498 -3.06 -16.23 -2.34
N ILE D 499 -2.59 -17.00 -3.31
CA ILE D 499 -1.15 -17.23 -3.48
C ILE D 499 -0.59 -16.53 -4.72
N GLY D 500 -1.42 -16.15 -5.69
CA GLY D 500 -0.94 -15.48 -6.87
C GLY D 500 0.00 -16.30 -7.73
N PHE D 501 -0.35 -17.56 -7.97
CA PHE D 501 0.48 -18.47 -8.74
C PHE D 501 -0.24 -18.91 -10.01
N SER D 502 0.48 -18.93 -11.12
CA SER D 502 -0.06 -19.42 -12.38
C SER D 502 -0.13 -20.94 -12.34
N TYR D 503 -0.89 -21.50 -13.29
CA TYR D 503 -1.08 -22.94 -13.37
C TYR D 503 -1.83 -23.26 -14.65
N ASP D 504 -1.53 -24.42 -15.21
CA ASP D 504 -2.38 -25.01 -16.24
C ASP D 504 -3.42 -25.89 -15.53
N LEU D 505 -4.19 -26.65 -16.31
CA LEU D 505 -5.14 -27.61 -15.72
C LEU D 505 -4.97 -28.93 -16.47
N TYR D 506 -4.04 -29.75 -16.01
CA TYR D 506 -3.84 -31.07 -16.57
C TYR D 506 -5.09 -31.92 -16.34
N LEU D 507 -5.51 -32.65 -17.37
CA LEU D 507 -6.68 -33.51 -17.29
C LEU D 507 -6.24 -34.96 -17.36
N VAL D 508 -6.60 -35.74 -16.34
CA VAL D 508 -6.28 -37.15 -16.29
C VAL D 508 -7.26 -37.89 -17.20
N THR D 509 -6.73 -38.66 -18.15
CA THR D 509 -7.54 -39.38 -19.12
C THR D 509 -7.40 -40.89 -19.01
N ASN D 510 -6.18 -41.40 -18.90
CA ASN D 510 -5.94 -42.84 -18.78
C ASN D 510 -6.28 -43.24 -17.35
N GLY D 511 -7.55 -43.56 -17.12
CA GLY D 511 -8.03 -43.88 -15.79
C GLY D 511 -8.41 -42.66 -14.99
N LYS D 512 -8.91 -42.92 -13.79
CA LYS D 512 -9.36 -41.86 -12.89
C LYS D 512 -8.31 -41.52 -11.84
N HIS D 513 -7.94 -42.49 -11.02
CA HIS D 513 -6.88 -42.33 -10.03
C HIS D 513 -5.71 -43.28 -10.26
N GLY D 514 -5.99 -44.54 -10.53
CA GLY D 514 -4.93 -45.49 -10.84
C GLY D 514 -4.25 -46.06 -9.61
N LYS D 515 -4.04 -47.37 -9.60
CA LYS D 515 -3.37 -48.06 -8.51
C LYS D 515 -2.01 -48.57 -9.00
N LYS D 516 -1.33 -49.29 -8.11
CA LYS D 516 -0.04 -49.87 -8.47
C LYS D 516 -0.25 -51.08 -9.38
N ILE D 517 -0.67 -50.83 -10.62
CA ILE D 517 -0.96 -51.89 -11.57
C ILE D 517 0.34 -52.61 -11.89
N ASP D 518 0.46 -53.87 -11.46
CA ASP D 518 1.65 -54.68 -11.67
C ASP D 518 2.89 -53.96 -11.15
N GLY D 519 2.74 -53.27 -10.01
CA GLY D 519 3.81 -52.48 -9.46
C GLY D 519 4.02 -51.13 -10.11
N VAL D 520 3.18 -50.76 -11.08
CA VAL D 520 3.31 -49.51 -11.81
C VAL D 520 2.02 -48.71 -11.61
N TRP D 521 2.18 -47.47 -11.15
CA TRP D 521 1.04 -46.59 -10.93
C TRP D 521 0.56 -46.01 -12.26
N ASN D 522 -0.76 -45.82 -12.37
CA ASN D 522 -1.36 -45.22 -13.54
C ASN D 522 -2.31 -44.11 -13.10
N GLY D 523 -2.95 -43.48 -14.08
CA GLY D 523 -3.95 -42.46 -13.77
C GLY D 523 -3.36 -41.28 -13.02
N MET D 524 -4.04 -40.89 -11.95
CA MET D 524 -3.63 -39.73 -11.16
C MET D 524 -2.22 -39.94 -10.61
N ILE D 525 -2.01 -41.07 -9.93
CA ILE D 525 -0.71 -41.37 -9.36
C ILE D 525 0.30 -41.64 -10.47
N GLY D 526 -0.14 -42.27 -11.56
CA GLY D 526 0.77 -42.48 -12.68
C GLY D 526 1.31 -41.20 -13.27
N GLU D 527 0.53 -40.12 -13.20
CA GLU D 527 1.00 -38.82 -13.67
C GLU D 527 1.85 -38.14 -12.61
N VAL D 528 1.31 -37.94 -11.41
CA VAL D 528 1.98 -37.12 -10.41
C VAL D 528 3.24 -37.82 -9.90
N PHE D 529 3.13 -39.10 -9.53
CA PHE D 529 4.26 -39.82 -8.97
C PHE D 529 5.41 -39.94 -9.96
N TYR D 530 5.09 -40.26 -11.22
CA TYR D 530 6.11 -40.32 -12.26
C TYR D 530 6.46 -38.94 -12.81
N GLN D 531 6.04 -37.88 -12.10
CA GLN D 531 6.40 -36.50 -12.42
C GLN D 531 5.88 -36.04 -13.77
N ARG D 532 4.95 -36.78 -14.36
CA ARG D 532 4.24 -36.26 -15.52
C ARG D 532 3.35 -35.09 -15.14
N ALA D 533 2.94 -35.02 -13.88
CA ALA D 533 2.20 -33.90 -13.33
C ALA D 533 2.80 -33.51 -11.99
N ASP D 534 2.57 -32.27 -11.58
CA ASP D 534 3.12 -31.74 -10.34
C ASP D 534 2.04 -31.56 -9.27
N MET D 535 0.99 -30.82 -9.57
CA MET D 535 -0.12 -30.66 -8.65
C MET D 535 -1.18 -31.72 -8.93
N ALA D 536 -2.07 -31.91 -7.94
CA ALA D 536 -3.11 -32.93 -8.06
C ALA D 536 -4.32 -32.52 -7.23
N ILE D 537 -5.49 -32.55 -7.85
CA ILE D 537 -6.75 -32.26 -7.16
C ILE D 537 -7.77 -33.32 -7.57
N GLY D 538 -8.80 -33.46 -6.73
CA GLY D 538 -9.85 -34.42 -6.98
C GLY D 538 -10.13 -35.32 -5.80
N SER D 539 -10.69 -36.51 -6.07
CA SER D 539 -11.00 -37.47 -5.01
C SER D 539 -9.74 -38.24 -4.60
N LEU D 540 -8.78 -37.49 -4.07
CA LEU D 540 -7.48 -38.05 -3.68
C LEU D 540 -7.59 -38.58 -2.26
N THR D 541 -7.91 -39.88 -2.16
CA THR D 541 -8.00 -40.52 -0.86
C THR D 541 -6.63 -40.59 -0.20
N ILE D 542 -6.60 -40.37 1.11
CA ILE D 542 -5.37 -40.36 1.88
C ILE D 542 -5.19 -41.74 2.50
N ASN D 543 -4.09 -42.40 2.17
CA ASN D 543 -3.80 -43.72 2.71
C ASN D 543 -2.30 -43.97 2.63
N GLU D 544 -1.85 -44.98 3.36
CA GLU D 544 -0.43 -45.32 3.39
C GLU D 544 0.06 -45.74 2.01
N GLU D 545 -0.77 -46.48 1.27
CA GLU D 545 -0.36 -46.98 -0.04
C GLU D 545 -0.27 -45.86 -1.08
N ARG D 546 -0.83 -44.69 -0.79
CA ARG D 546 -0.77 -43.54 -1.69
C ARG D 546 0.16 -42.44 -1.21
N SER D 547 0.22 -42.20 0.10
CA SER D 547 0.98 -41.07 0.63
C SER D 547 2.46 -41.36 0.79
N GLU D 548 2.88 -42.63 0.70
CA GLU D 548 4.29 -42.96 0.93
C GLU D 548 5.17 -42.39 -0.17
N ILE D 549 4.63 -42.22 -1.37
CA ILE D 549 5.40 -41.74 -2.50
C ILE D 549 5.07 -40.30 -2.86
N VAL D 550 3.85 -39.85 -2.62
CA VAL D 550 3.42 -38.49 -2.93
C VAL D 550 2.92 -37.85 -1.64
N ASP D 551 3.49 -36.70 -1.29
CA ASP D 551 3.08 -36.01 -0.08
C ASP D 551 1.69 -35.42 -0.27
N PHE D 552 0.84 -35.59 0.74
CA PHE D 552 -0.54 -35.14 0.69
C PHE D 552 -0.75 -33.95 1.61
N SER D 553 -1.47 -32.95 1.12
CA SER D 553 -1.76 -31.77 1.91
C SER D 553 -2.81 -32.10 2.98
N VAL D 554 -3.19 -31.08 3.75
CA VAL D 554 -4.24 -31.28 4.75
C VAL D 554 -5.55 -31.60 4.04
N PRO D 555 -6.33 -32.57 4.52
CA PRO D 555 -7.62 -32.84 3.87
C PRO D 555 -8.60 -31.71 4.04
N PHE D 556 -8.89 -31.00 2.95
CA PHE D 556 -9.83 -29.88 3.03
C PHE D 556 -11.25 -30.36 3.28
N VAL D 557 -11.59 -31.57 2.80
CA VAL D 557 -12.92 -32.13 3.01
C VAL D 557 -12.74 -33.54 3.56
N GLU D 558 -13.75 -33.99 4.32
CA GLU D 558 -13.75 -35.30 4.94
C GLU D 558 -14.62 -36.27 4.15
N THR D 559 -14.29 -37.55 4.24
CA THR D 559 -15.01 -38.60 3.53
C THR D 559 -14.73 -39.91 4.25
N GLY D 560 -15.05 -41.02 3.60
CA GLY D 560 -14.80 -42.33 4.16
C GLY D 560 -15.40 -43.43 3.32
N ILE D 561 -15.95 -44.45 3.97
CA ILE D 561 -16.61 -45.56 3.29
C ILE D 561 -18.01 -45.70 3.86
N SER D 562 -19.01 -45.59 3.00
CA SER D 562 -20.42 -45.75 3.36
C SER D 562 -21.08 -46.72 2.38
N VAL D 563 -22.37 -46.95 2.58
CA VAL D 563 -23.14 -47.87 1.75
C VAL D 563 -24.34 -47.14 1.19
N MET D 564 -24.49 -47.20 -0.13
CA MET D 564 -25.65 -46.66 -0.83
C MET D 564 -26.67 -47.79 -0.96
N VAL D 565 -27.85 -47.59 -0.37
CA VAL D 565 -28.91 -48.60 -0.36
C VAL D 565 -30.18 -47.98 -0.93
N ALA D 566 -31.19 -48.83 -1.11
CA ALA D 566 -32.47 -48.37 -1.64
C ALA D 566 -33.16 -47.47 -0.62
N ARG D 567 -34.31 -46.93 -1.02
CA ARG D 567 -35.08 -46.06 -0.15
C ARG D 567 -35.78 -46.90 0.92
N SER D 568 -36.67 -46.26 1.69
CA SER D 568 -37.32 -46.95 2.81
C SER D 568 -38.37 -47.93 2.31
N ASN D 569 -37.94 -48.98 1.61
CA ASN D 569 -38.84 -50.06 1.18
C ASN D 569 -38.03 -51.35 1.16
N GLY D 570 -38.11 -52.10 2.26
CA GLY D 570 -37.37 -53.34 2.39
C GLY D 570 -35.87 -53.15 2.47
N VAL D 687 -33.95 -50.02 7.36
CA VAL D 687 -32.70 -50.58 7.86
C VAL D 687 -32.85 -52.08 8.07
N ASP D 688 -31.99 -52.85 7.42
CA ASP D 688 -32.01 -54.30 7.53
C ASP D 688 -31.16 -54.73 8.72
N THR D 689 -30.90 -56.03 8.83
CA THR D 689 -30.09 -56.57 9.91
C THR D 689 -28.59 -56.42 9.67
N VAL D 690 -28.20 -55.75 8.58
CA VAL D 690 -26.78 -55.58 8.28
C VAL D 690 -26.15 -54.66 9.30
N SER D 691 -24.99 -55.06 9.83
CA SER D 691 -24.22 -54.26 10.77
C SER D 691 -23.00 -53.63 10.12
N GLY D 692 -23.15 -53.16 8.87
CA GLY D 692 -22.01 -52.63 8.15
C GLY D 692 -21.09 -53.76 7.69
N LEU D 693 -19.83 -53.38 7.46
CA LEU D 693 -18.84 -54.38 7.05
C LEU D 693 -18.61 -55.43 8.12
N SER D 694 -18.89 -55.12 9.38
CA SER D 694 -18.76 -56.06 10.48
C SER D 694 -20.02 -56.91 10.67
N ASP D 695 -20.89 -56.96 9.68
CA ASP D 695 -22.12 -57.72 9.79
C ASP D 695 -21.82 -59.22 9.86
N ARG D 696 -22.55 -59.91 10.75
CA ARG D 696 -22.40 -61.37 10.85
C ARG D 696 -22.82 -62.06 9.55
N LYS D 697 -23.78 -61.48 8.83
CA LYS D 697 -24.19 -62.06 7.56
C LYS D 697 -23.09 -61.98 6.52
N PHE D 698 -22.26 -60.93 6.57
CA PHE D 698 -21.10 -60.85 5.67
C PHE D 698 -20.14 -62.00 5.96
N GLN D 699 -19.83 -62.23 7.23
CA GLN D 699 -18.91 -63.31 7.58
C GLN D 699 -19.58 -64.68 7.45
N ARG D 700 -20.89 -64.74 7.60
CA ARG D 700 -21.65 -65.99 7.53
C ARG D 700 -22.80 -65.82 6.54
N PRO D 701 -22.51 -65.83 5.23
CA PRO D 701 -23.56 -65.70 4.21
C PRO D 701 -24.18 -67.04 3.83
N GLN D 702 -24.58 -67.83 4.83
CA GLN D 702 -25.14 -69.15 4.60
C GLN D 702 -26.67 -69.15 4.61
N GLU D 703 -27.30 -67.99 4.75
CA GLU D 703 -28.74 -67.91 4.74
C GLU D 703 -29.26 -67.94 3.30
N GLN D 704 -30.60 -67.89 3.17
CA GLN D 704 -31.21 -67.93 1.84
C GLN D 704 -30.85 -66.70 1.02
N TYR D 705 -30.92 -65.51 1.63
CA TYR D 705 -30.64 -64.26 0.95
C TYR D 705 -29.69 -63.41 1.79
N PRO D 706 -28.40 -63.67 1.71
CA PRO D 706 -27.43 -62.84 2.43
C PRO D 706 -27.13 -61.57 1.65
N PRO D 707 -26.60 -60.54 2.32
CA PRO D 707 -26.23 -59.30 1.60
C PRO D 707 -24.90 -59.45 0.89
N LEU D 708 -24.91 -59.23 -0.42
CA LEU D 708 -23.70 -59.29 -1.23
C LEU D 708 -23.96 -58.48 -2.50
N LYS D 709 -23.07 -58.64 -3.48
CA LYS D 709 -23.22 -58.02 -4.81
C LYS D 709 -23.26 -56.49 -4.71
N PHE D 710 -22.15 -55.93 -4.24
CA PHE D 710 -21.94 -54.49 -4.22
C PHE D 710 -21.07 -54.11 -5.41
N GLY D 711 -21.59 -53.23 -6.28
CA GLY D 711 -20.94 -52.94 -7.54
C GLY D 711 -19.71 -52.07 -7.44
N THR D 712 -18.67 -52.58 -6.78
CA THR D 712 -17.44 -51.82 -6.57
C THR D 712 -16.78 -51.48 -7.90
N VAL D 713 -16.31 -50.24 -8.02
CA VAL D 713 -15.65 -49.79 -9.25
C VAL D 713 -14.30 -50.49 -9.38
N PRO D 714 -13.93 -50.97 -10.58
CA PRO D 714 -12.61 -51.56 -10.75
C PRO D 714 -11.50 -50.54 -10.51
N ASN D 715 -10.36 -51.05 -10.06
CA ASN D 715 -9.17 -50.28 -9.70
C ASN D 715 -9.55 -48.98 -8.98
N GLY D 716 -10.36 -49.15 -7.94
CA GLY D 716 -10.80 -48.03 -7.11
C GLY D 716 -10.16 -48.08 -5.73
N SER D 717 -10.14 -46.91 -5.08
CA SER D 717 -9.55 -46.82 -3.75
C SER D 717 -10.30 -47.68 -2.74
N THR D 718 -11.64 -47.62 -2.77
CA THR D 718 -12.43 -48.43 -1.85
C THR D 718 -12.27 -49.91 -2.13
N GLU D 719 -12.08 -50.28 -3.40
CA GLU D 719 -11.81 -51.67 -3.73
C GLU D 719 -10.53 -52.15 -3.07
N LYS D 720 -9.47 -51.33 -3.14
CA LYS D 720 -8.23 -51.69 -2.47
C LYS D 720 -8.41 -51.74 -0.96
N ASN D 721 -9.21 -50.82 -0.41
CA ASN D 721 -9.44 -50.82 1.03
C ASN D 721 -10.10 -52.10 1.49
N ILE D 722 -11.17 -52.52 0.80
CA ILE D 722 -11.86 -53.73 1.20
C ILE D 722 -10.99 -54.96 0.94
N ARG D 723 -10.21 -54.94 -0.15
CA ARG D 723 -9.32 -56.06 -0.43
C ARG D 723 -8.27 -56.22 0.68
N SER D 724 -7.70 -55.11 1.13
CA SER D 724 -6.69 -55.16 2.18
C SER D 724 -7.31 -55.57 3.51
N ASN D 725 -8.42 -54.92 3.89
CA ASN D 725 -9.04 -55.22 5.18
C ASN D 725 -9.63 -56.63 5.19
N TYR D 726 -10.43 -56.97 4.18
CA TYR D 726 -11.13 -58.25 4.13
C TYR D 726 -11.04 -58.83 2.73
N PRO D 727 -9.91 -59.47 2.40
CA PRO D 727 -9.81 -60.11 1.09
C PRO D 727 -10.84 -61.20 0.87
N ASP D 728 -11.17 -61.95 1.92
CA ASP D 728 -12.14 -63.04 1.78
C ASP D 728 -13.53 -62.51 1.46
N MET D 729 -13.92 -61.41 2.10
CA MET D 729 -15.25 -60.85 1.87
C MET D 729 -15.40 -60.40 0.42
N HIS D 730 -14.39 -59.68 -0.09
CA HIS D 730 -14.44 -59.25 -1.49
C HIS D 730 -14.39 -60.44 -2.43
N SER D 731 -13.58 -61.45 -2.10
CA SER D 731 -13.47 -62.63 -2.97
C SER D 731 -14.78 -63.38 -3.06
N TYR D 732 -15.51 -63.50 -1.95
CA TYR D 732 -16.78 -64.21 -1.96
C TYR D 732 -17.80 -63.53 -2.86
N MET D 733 -17.85 -62.20 -2.81
CA MET D 733 -18.83 -61.41 -3.55
C MET D 733 -18.28 -60.87 -4.87
N VAL D 734 -17.15 -61.38 -5.34
CA VAL D 734 -16.46 -60.79 -6.49
C VAL D 734 -17.34 -60.74 -7.73
N ARG D 735 -18.39 -61.54 -7.79
CA ARG D 735 -19.33 -61.50 -8.92
C ARG D 735 -20.34 -60.38 -8.67
N TYR D 736 -20.10 -59.23 -9.28
CA TYR D 736 -20.99 -58.09 -9.13
C TYR D 736 -20.86 -57.20 -10.37
N ASN D 737 -21.40 -55.98 -10.28
CA ASN D 737 -21.43 -55.05 -11.43
C ASN D 737 -20.36 -53.98 -11.23
N GLN D 738 -19.16 -54.30 -11.69
CA GLN D 738 -18.00 -53.42 -11.53
C GLN D 738 -18.11 -52.07 -12.24
N PRO D 739 -18.41 -52.01 -13.58
CA PRO D 739 -18.02 -50.84 -14.38
C PRO D 739 -18.29 -49.45 -13.81
N ARG D 740 -19.54 -49.09 -13.54
CA ARG D 740 -19.88 -47.69 -13.35
C ARG D 740 -20.69 -47.47 -12.08
N VAL D 741 -20.48 -46.31 -11.46
CA VAL D 741 -21.26 -45.90 -10.30
C VAL D 741 -22.69 -45.60 -10.69
N GLU D 742 -22.88 -44.86 -11.79
CA GLU D 742 -24.22 -44.46 -12.21
C GLU D 742 -25.07 -45.67 -12.58
N GLU D 743 -24.48 -46.63 -13.29
CA GLU D 743 -25.21 -47.85 -13.60
C GLU D 743 -25.53 -48.64 -12.33
N ALA D 744 -24.65 -48.60 -11.33
CA ALA D 744 -24.96 -49.22 -10.05
C ALA D 744 -26.14 -48.53 -9.38
N LEU D 745 -26.21 -47.19 -9.48
CA LEU D 745 -27.35 -46.46 -8.95
C LEU D 745 -28.64 -46.86 -9.66
N THR D 746 -28.57 -47.02 -10.98
CA THR D 746 -29.73 -47.46 -11.73
C THR D 746 -30.18 -48.86 -11.30
N GLN D 747 -29.21 -49.77 -11.11
CA GLN D 747 -29.56 -51.11 -10.66
C GLN D 747 -30.19 -51.08 -9.27
N LEU D 748 -29.65 -50.25 -8.38
CA LEU D 748 -30.22 -50.11 -7.05
C LEU D 748 -31.65 -49.57 -7.11
N LYS D 749 -31.88 -48.59 -8.00
CA LYS D 749 -33.23 -48.08 -8.19
C LYS D 749 -34.16 -49.18 -8.72
N ALA D 750 -33.64 -50.03 -9.59
CA ALA D 750 -34.40 -51.16 -10.10
C ALA D 750 -34.38 -52.36 -9.16
N GLY D 751 -33.65 -52.29 -8.06
CA GLY D 751 -33.58 -53.38 -7.10
C GLY D 751 -32.70 -54.53 -7.51
N LYS D 752 -31.90 -54.38 -8.58
CA LYS D 752 -31.04 -55.46 -9.01
C LYS D 752 -29.98 -55.78 -7.95
N LEU D 753 -29.41 -54.75 -7.34
CA LEU D 753 -28.43 -54.91 -6.28
C LEU D 753 -29.02 -54.40 -4.97
N ASP D 754 -28.82 -55.16 -3.90
CA ASP D 754 -29.35 -54.77 -2.59
C ASP D 754 -28.69 -53.49 -2.10
N ALA D 755 -27.37 -53.38 -2.26
CA ALA D 755 -26.63 -52.23 -1.76
C ALA D 755 -25.32 -52.12 -2.52
N PHE D 756 -24.60 -51.03 -2.28
CA PHE D 756 -23.31 -50.82 -2.91
C PHE D 756 -22.43 -50.02 -1.97
N ILE D 757 -21.32 -50.60 -1.54
CA ILE D 757 -20.41 -49.94 -0.60
C ILE D 757 -19.37 -49.15 -1.39
N TYR D 758 -19.27 -47.85 -1.12
CA TYR D 758 -18.36 -46.98 -1.85
C TYR D 758 -17.91 -45.86 -0.93
N ASP D 759 -17.35 -44.80 -1.52
CA ASP D 759 -16.87 -43.67 -0.75
C ASP D 759 -18.02 -42.93 -0.09
N ALA D 760 -17.80 -42.49 1.15
CA ALA D 760 -18.87 -41.90 1.93
C ALA D 760 -19.38 -40.60 1.32
N ALA D 761 -18.47 -39.74 0.86
CA ALA D 761 -18.87 -38.42 0.41
C ALA D 761 -19.74 -38.49 -0.85
N VAL D 762 -19.30 -39.25 -1.86
CA VAL D 762 -20.04 -39.32 -3.10
C VAL D 762 -21.38 -40.02 -2.90
N LEU D 763 -21.39 -41.09 -2.10
CA LEU D 763 -22.64 -41.79 -1.82
C LEU D 763 -23.62 -40.88 -1.09
N ASN D 764 -23.12 -40.12 -0.11
CA ASN D 764 -23.98 -39.20 0.62
C ASN D 764 -24.55 -38.12 -0.30
N TYR D 765 -23.71 -37.56 -1.17
CA TYR D 765 -24.20 -36.53 -2.08
C TYR D 765 -25.24 -37.09 -3.05
N MET D 766 -24.99 -38.29 -3.58
CA MET D 766 -25.96 -38.90 -4.47
C MET D 766 -27.27 -39.19 -3.75
N ALA D 767 -27.20 -39.71 -2.53
CA ALA D 767 -28.41 -39.99 -1.77
C ALA D 767 -29.19 -38.70 -1.49
N ARG D 768 -28.48 -37.62 -1.17
CA ARG D 768 -29.14 -36.34 -0.96
C ARG D 768 -29.74 -35.81 -2.25
N LYS D 769 -29.15 -36.16 -3.40
CA LYS D 769 -29.60 -35.64 -4.69
C LYS D 769 -30.54 -36.57 -5.43
N ASP D 770 -30.41 -37.89 -5.24
CA ASP D 770 -31.25 -38.83 -5.98
C ASP D 770 -32.70 -38.72 -5.55
N GLU D 771 -33.61 -38.81 -6.53
CA GLU D 771 -35.03 -38.76 -6.25
C GLU D 771 -35.50 -40.05 -5.58
N GLY D 772 -36.62 -39.95 -4.88
CA GLY D 772 -37.16 -41.07 -4.14
C GLY D 772 -36.61 -41.25 -2.74
N CYS D 773 -35.73 -40.35 -2.30
CA CYS D 773 -35.13 -40.39 -0.96
C CYS D 773 -34.41 -41.72 -0.73
N LYS D 774 -33.42 -41.97 -1.59
CA LYS D 774 -32.59 -43.16 -1.42
C LYS D 774 -31.88 -43.10 -0.08
N LEU D 775 -32.04 -44.15 0.71
CA LEU D 775 -31.62 -44.12 2.10
C LEU D 775 -30.12 -44.34 2.24
N VAL D 776 -29.53 -43.68 3.23
CA VAL D 776 -28.15 -43.92 3.64
C VAL D 776 -28.07 -45.28 4.31
N THR D 777 -26.85 -45.72 4.62
CA THR D 777 -26.64 -47.01 5.27
C THR D 777 -27.29 -47.04 6.65
N ILE D 778 -27.19 -48.19 7.34
CA ILE D 778 -27.92 -48.41 8.58
C ILE D 778 -27.71 -47.28 9.58
N GLY D 779 -26.56 -46.62 9.52
CA GLY D 779 -26.30 -45.44 10.33
C GLY D 779 -26.13 -44.21 9.44
N SER D 780 -26.93 -43.19 9.72
CA SER D 780 -26.85 -41.96 8.94
C SER D 780 -25.48 -41.32 9.08
N GLY D 781 -24.96 -41.24 10.31
CA GLY D 781 -23.63 -40.77 10.57
C GLY D 781 -22.57 -41.85 10.61
N LYS D 782 -22.93 -43.09 10.28
CA LYS D 782 -21.99 -44.20 10.35
C LYS D 782 -21.12 -44.21 9.10
N VAL D 783 -19.80 -44.12 9.31
CA VAL D 783 -18.83 -44.15 8.23
C VAL D 783 -17.65 -45.00 8.65
N PHE D 784 -17.16 -45.83 7.74
CA PHE D 784 -16.08 -46.77 8.01
C PHE D 784 -14.77 -46.23 7.45
N ALA D 785 -13.70 -46.38 8.24
CA ALA D 785 -12.36 -45.95 7.87
C ALA D 785 -12.38 -44.50 7.37
N THR D 786 -12.76 -43.61 8.27
CA THR D 786 -12.94 -42.21 7.91
C THR D 786 -11.62 -41.60 7.48
N THR D 787 -11.64 -40.88 6.35
CA THR D 787 -10.44 -40.28 5.78
C THR D 787 -10.81 -38.89 5.26
N GLY D 788 -9.92 -38.32 4.45
CA GLY D 788 -10.16 -37.02 3.86
C GLY D 788 -9.67 -36.97 2.43
N TYR D 789 -9.86 -35.80 1.81
CA TYR D 789 -9.37 -35.52 0.47
C TYR D 789 -8.42 -34.33 0.55
N GLY D 790 -7.17 -34.53 0.12
CA GLY D 790 -6.19 -33.48 0.16
C GLY D 790 -5.50 -33.28 -1.17
N ILE D 791 -4.91 -32.10 -1.37
CA ILE D 791 -4.22 -31.79 -2.62
C ILE D 791 -2.85 -32.47 -2.58
N ALA D 792 -2.59 -33.33 -3.56
CA ALA D 792 -1.36 -34.11 -3.60
C ALA D 792 -0.30 -33.33 -4.37
N LEU D 793 0.51 -32.57 -3.62
CA LEU D 793 1.63 -31.87 -4.23
C LEU D 793 2.79 -32.83 -4.46
N HIS D 794 3.87 -32.31 -5.01
CA HIS D 794 5.07 -33.12 -5.22
C HIS D 794 5.66 -33.55 -3.89
N LYS D 795 6.28 -34.73 -3.88
CA LYS D 795 6.90 -35.26 -2.67
C LYS D 795 8.01 -34.32 -2.21
N GLY D 796 7.81 -33.67 -1.07
CA GLY D 796 8.74 -32.67 -0.59
C GLY D 796 8.54 -31.29 -1.15
N SER D 797 7.36 -30.98 -1.69
CA SER D 797 7.10 -29.66 -2.22
C SER D 797 7.17 -28.61 -1.12
N ARG D 798 7.87 -27.51 -1.41
CA ARG D 798 8.04 -26.46 -0.41
C ARG D 798 6.73 -25.72 -0.15
N TRP D 799 5.89 -25.56 -1.16
CA TRP D 799 4.63 -24.85 -1.03
C TRP D 799 3.58 -25.63 -0.24
N LYS D 800 3.86 -26.88 0.11
CA LYS D 800 2.88 -27.67 0.85
C LYS D 800 2.50 -27.01 2.16
N ARG D 801 3.51 -26.63 2.97
CA ARG D 801 3.22 -26.06 4.27
C ARG D 801 2.44 -24.76 4.20
N PRO D 802 2.81 -23.76 3.38
CA PRO D 802 1.99 -22.54 3.32
C PRO D 802 0.57 -22.79 2.85
N ILE D 803 0.41 -23.61 1.80
CA ILE D 803 -0.91 -23.81 1.21
C ILE D 803 -1.90 -24.30 2.25
N ASP D 804 -1.51 -25.33 3.01
CA ASP D 804 -2.36 -25.83 4.08
C ASP D 804 -2.79 -24.69 5.00
N LEU D 805 -1.83 -23.87 5.43
CA LEU D 805 -2.17 -22.70 6.24
C LEU D 805 -3.22 -21.86 5.54
N ALA D 806 -2.96 -21.50 4.28
CA ALA D 806 -3.93 -20.75 3.50
C ALA D 806 -5.25 -21.50 3.42
N LEU D 807 -5.18 -22.82 3.21
CA LEU D 807 -6.39 -23.62 3.22
C LEU D 807 -7.15 -23.43 4.53
N LEU D 808 -6.46 -23.60 5.65
CA LEU D 808 -7.12 -23.41 6.93
C LEU D 808 -7.43 -21.95 7.20
N GLN D 809 -6.77 -21.04 6.46
CA GLN D 809 -7.18 -19.64 6.50
C GLN D 809 -8.64 -19.51 6.11
N PHE D 810 -9.08 -20.26 5.09
CA PHE D 810 -10.52 -20.33 4.80
C PHE D 810 -11.27 -20.86 6.01
N LEU D 811 -10.78 -21.95 6.60
CA LEU D 811 -11.36 -22.45 7.84
C LEU D 811 -11.24 -21.42 8.95
N GLY D 812 -10.24 -20.54 8.87
CA GLY D 812 -10.14 -19.45 9.82
C GLY D 812 -11.31 -18.49 9.74
N ASP D 813 -11.86 -18.30 8.54
CA ASP D 813 -13.01 -17.43 8.34
C ASP D 813 -14.25 -18.19 7.87
N ASP D 814 -14.19 -19.52 7.86
CA ASP D 814 -15.31 -20.36 7.43
C ASP D 814 -15.76 -19.98 6.01
N GLU D 815 -14.78 -19.81 5.12
CA GLU D 815 -15.05 -19.35 3.77
C GLU D 815 -15.46 -20.46 2.82
N ILE D 816 -15.53 -21.71 3.28
CA ILE D 816 -15.93 -22.83 2.44
C ILE D 816 -17.31 -23.36 2.83
N GLU D 817 -18.00 -22.67 3.74
CA GLU D 817 -19.31 -23.15 4.19
C GLU D 817 -20.32 -23.11 3.06
N MET D 818 -20.39 -22.01 2.32
CA MET D 818 -21.39 -21.89 1.27
C MET D 818 -21.13 -22.88 0.14
N LEU D 819 -19.87 -23.09 -0.23
CA LEU D 819 -19.54 -24.06 -1.27
C LEU D 819 -19.89 -25.47 -0.82
N GLU D 820 -19.60 -25.79 0.44
CA GLU D 820 -19.95 -27.11 0.97
C GLU D 820 -21.46 -27.30 0.97
N ARG D 821 -22.21 -26.27 1.33
CA ARG D 821 -23.66 -26.36 1.28
C ARG D 821 -24.16 -26.56 -0.15
N LEU D 822 -23.58 -25.82 -1.10
CA LEU D 822 -24.00 -25.93 -2.49
C LEU D 822 -23.73 -27.33 -3.04
N TRP D 823 -22.57 -27.90 -2.73
CA TRP D 823 -22.16 -29.18 -3.31
C TRP D 823 -22.42 -30.36 -2.39
N LEU D 824 -23.14 -30.17 -1.30
CA LEU D 824 -23.46 -31.29 -0.42
C LEU D 824 -24.94 -31.41 -0.11
N SER D 825 -25.64 -30.28 0.06
CA SER D 825 -27.03 -30.32 0.48
C SER D 825 -27.90 -30.92 -0.62
N GLY D 826 -28.94 -31.64 -0.20
CA GLY D 826 -29.88 -32.23 -1.12
C GLY D 826 -31.32 -31.95 -0.74
N ILE D 827 -32.26 -32.64 -1.38
CA ILE D 827 -33.68 -32.46 -1.13
C ILE D 827 -34.36 -33.75 -0.71
N CYS D 828 -34.10 -34.85 -1.42
CA CYS D 828 -34.73 -36.13 -1.13
C CYS D 828 -33.85 -37.28 -1.58
#